data_9P97
#
_entry.id   9P97
#
_cell.length_a   1.00
_cell.length_b   1.00
_cell.length_c   1.00
_cell.angle_alpha   90.00
_cell.angle_beta   90.00
_cell.angle_gamma   90.00
#
_symmetry.space_group_name_H-M   'P 1'
#
loop_
_entity.id
_entity.type
_entity.pdbx_description
1 polymer 'Integrin alpha-E'
2 polymer 'Integrin beta-7'
3 polymer 'Fab LF61 Heavy Chain'
4 polymer 'Fab LF61 Light Chain'
5 branched alpha-D-mannopyranose-(1-3)-[alpha-D-mannopyranose-(1-6)]beta-D-mannopyranose-(1-4)-2-acetamido-2-deoxy-beta-D-glucopyranose-(1-4)-2-acetamido-2-deoxy-beta-D-glucopyranose
6 branched 2-acetamido-2-deoxy-beta-D-glucopyranose-(1-4)-2-acetamido-2-deoxy-beta-D-glucopyranose
7 branched beta-D-mannopyranose-(1-4)-2-acetamido-2-deoxy-beta-D-glucopyranose-(1-4)-2-acetamido-2-deoxy-beta-D-glucopyranose
8 non-polymer 2-acetamido-2-deoxy-beta-D-glucopyranose
9 non-polymer 'CALCIUM ION'
#
loop_
_entity_poly.entity_id
_entity_poly.type
_entity_poly.pdbx_seq_one_letter_code
_entity_poly.pdbx_strand_id
1 'polypeptide(L)'
;MWLFHTLLCIASLALLAAFNVDVARPWLTPKGGAPFVLSSLLHQDPSTNQTWLLVTSPRTKRTPGPLHRCSLVQDEILCH
PVEHVPIPKGRHRGVTVVRSHHGVLICIQVLVRRPHSLSSELTGTCSLLGPDLRPQAQANFFDLENLLDPDARVDTGDCY
SNKEGGGEDDVNTARQRRALEKEEEEDKEEEEDEEEEEAGTEIAIILDGSGSIDPPDFQRAKDFISNMMRNFYEKCFECN
FALVQYGGVIQTEFDLRDSQDVMASLARVQNITQVGSVTKTASAMQHVLDSIFTSSHGSRRKASKVMVVLTDGGIFEDPL
NLTTVINSPKMQGVERFAIGVGEEFKSARTARELNLIASDPDETHAFKVTNYMALDGLLSKLRYNIISMEGTVGDALHYQ
LAQIGFSAQILDERQVLLGAVGAFDWSGGALLYDTRSRRGRFLNQTAAAAADAEAAQYSYLGYAVAVLHKTCSLSYIAGA
PRYKHHGAVFELQKEGREASFLPVLEGEQMGSYFGSELCPVDIDMDGSTDFLLVAAPFYHVHGEEGRVYVYRLSEQDGSF
SLARILSGHPGFTNARFGFAMAAMGDLSQDKLTDVAIGAPLEGFGADDGASFGSVYIYNGHWDGLSASPSQRIRASTVAP
GLQYFGMSMAGGFDISGDGLADITVGTLGQAVVFRSRPVVRLKVSMAFTPSALPIGFNGVVNVRLCFEISSVTTASESGL
REALLNFTLDVDVGKQRRRLQCSDVRSCLGCLREWSSGSQLCEDLLLMPTEGELCEEDCFSNASVKVSYQLQTPEGQTDH
PQPILDRYTEPFAIFQLPYEKACKNKLFCVAELQLATTVSQQELVVGLTKELTLNINLTNSGEDSYMTSMALNYPRNLQL
KRMQKPPSPNIQCDDPQPVASVLIMNCRIGHPVLKRSSAHVSVVWQLEENAFPNRTADITVTVTNSNERRSLANETHTLQ
FRHGFVAVLSKPSIMYVNTGQGLSHHKEFLFHVHGENLFGAEYQLQICVPTKLRGLQVVAVKKLTRTQASTVCTWSQERA
CAYSSVQHVEEWHSVSCVIASDKENVTVAAEISWDHSEELLKDVTELQILGEISFNKSLYEGLNAENHRTKITVVFLKDE
KYHGTGGLEVLFQGPGENAQCEKELQALEKENAQLEWELQALEKELAQWSHPQFEK
;
A
2 'polypeptide(L)'
;MVALPMVLVLLLVLSRGESELDAKIPSTGDATEWRNPHLSMLGSCQPAPSCQKCILSHPSCAWCKQLNFTASGEAEARRC
ARREELLARGCPLEELEEPRGQQEVLQDQPLSQGARGEGATQLAPQRVRVTLRPGEPQQLQVRFLRAEGYPVDLYYLMDL
SYSMKDDLERVRQLGHALLVRLQEVTHSVRIGFGSFVDKTVLPFVSTVPSKLRHPCPTRLERCQSPFSFHHVLSLTGDAQ
AFEREVGRQSVSGNLDSPEGGFDAILQAALCQEQIGWRNVSRLLVFTSDDTFHTAGDGKLGGIFMPSDGHCHLDSNGLYS
RSTEFDYPSVGQVAQALSAANIQPIFAVTSAALPVYQELSKLIPKSAVGELSEDSSNVVQLIMDAYNSLSSTVTLEHSSL
PPGVHISYESQCEGPEKREGKAEDRGQCNHVRINQTVTFWVSLQATHCLPEPHLLRLRALGFSEELIVELHTLCDCNCSD
TQPQAPHCSDGQGHLQCGVCSCAPGRLGRLCECSVAELSSPDLESGCRAPNGTGPLCSGKGHCQCGRCSCSGQSSGHLCE
CDDASCERHEGILCGGFGRCQCGVCHCHANRTGRACECSGDMDSCISPEGGLCSGHGRCKCNRCQCLDGYYGALCDQCPG
CKTPCERHRDCAECGAFRTGPLATNCSTACAHTNVTLALAPILDDGWCKERTLDNQLFFFLVEDDARGTVVLRVRPQEKG
ADHDTSGLEVLFQGPGKNAQCKKKLQALKKKNAQLKWKLQALKKKLAQGGHHHHHH
;
B
3 'polypeptide(L)'
;MVQLQRAGPTIVKPGSAVKLSCKATGFAYEDYYIFWVRQREGGNGQKWIGRIHPGSGETKYNDKFKGKATLTADTEASSA
YMRLTSLTSEDTAVWYCGWERSVGRATFAYWGQGTSVTVSSAKTTPPSVYPLAPGSAAQTNSMVTLGCLVKGYFPEPVTV
TWNSGSLSSGVHTFPAVLQSDLYTLSSSVTVPSSTWPSETVTCNVAHPASSTKVDKKIVP
;
H
4 'polypeptide(L)'
;AAITFNLAPESLVVTAGSKVTFSCKASQDFLNSATKRNYLTWYQQRDGKPPKLLIYWASARLSGVPARFTGSGGGGTEFT
LTISSVKAADIGTYYCRQLRSRPLTFGGGTKLTVKQPKSSPSVTLFPPSSEELETNKATLVCTITDFYPGVVTVDWKVDG
TPVTQGMETTQPSKQSNNKYMASSYLTLTARAWERHSSYSCQVTHEGHTVEKSLS
;
L
#
loop_
_chem_comp.id
_chem_comp.type
_chem_comp.name
_chem_comp.formula
BMA D-saccharide, beta linking beta-D-mannopyranose 'C6 H12 O6'
CA non-polymer 'CALCIUM ION' 'Ca 2'
MAN D-saccharide, alpha linking alpha-D-mannopyranose 'C6 H12 O6'
NAG D-saccharide, beta linking 2-acetamido-2-deoxy-beta-D-glucopyranose 'C8 H15 N O6'
#
# COMPACT_ATOMS: atom_id res chain seq x y z
N PHE A 19 -2.37 20.62 4.17
CA PHE A 19 -3.19 21.58 3.39
C PHE A 19 -4.39 20.86 2.77
N ASN A 20 -4.37 20.72 1.45
CA ASN A 20 -5.58 20.44 0.69
C ASN A 20 -5.97 18.97 0.66
N VAL A 21 -5.06 18.06 0.97
CA VAL A 21 -5.30 16.63 0.82
C VAL A 21 -6.03 16.12 2.04
N ASP A 22 -6.98 15.20 1.82
CA ASP A 22 -7.85 14.70 2.88
C ASP A 22 -7.27 13.40 3.42
N VAL A 23 -6.62 13.50 4.57
CA VAL A 23 -5.98 12.33 5.18
C VAL A 23 -6.94 11.58 6.08
N ALA A 24 -8.09 12.18 6.43
CA ALA A 24 -9.06 11.49 7.27
C ALA A 24 -9.85 10.43 6.52
N ARG A 25 -9.86 10.49 5.18
CA ARG A 25 -10.61 9.56 4.35
C ARG A 25 -9.66 9.00 3.30
N PRO A 26 -8.85 8.01 3.67
CA PRO A 26 -8.06 7.29 2.68
C PRO A 26 -8.79 6.06 2.14
N TRP A 27 -8.40 5.67 0.93
CA TRP A 27 -8.82 4.42 0.32
C TRP A 27 -7.59 3.56 0.10
N LEU A 28 -7.67 2.30 0.51
CA LEU A 28 -6.52 1.41 0.50
C LEU A 28 -6.86 0.12 -0.22
N THR A 29 -5.87 -0.44 -0.92
CA THR A 29 -6.02 -1.78 -1.46
C THR A 29 -5.92 -2.78 -0.32
N PRO A 30 -6.68 -3.88 -0.35
CA PRO A 30 -6.67 -4.80 0.78
C PRO A 30 -5.27 -5.33 1.04
N LYS A 31 -4.89 -5.37 2.31
CA LYS A 31 -3.59 -5.90 2.68
C LYS A 31 -3.60 -7.42 2.50
N GLY A 32 -2.46 -7.95 2.05
CA GLY A 32 -2.44 -9.33 1.64
C GLY A 32 -3.38 -9.61 0.51
N GLY A 33 -3.70 -8.60 -0.29
CA GLY A 33 -4.60 -8.75 -1.41
C GLY A 33 -3.88 -9.32 -2.61
N ALA A 34 -4.65 -9.52 -3.68
CA ALA A 34 -4.08 -10.11 -4.89
C ALA A 34 -2.86 -9.35 -5.38
N PRO A 35 -2.87 -8.02 -5.46
CA PRO A 35 -1.65 -7.31 -5.88
C PRO A 35 -0.79 -6.88 -4.71
N PHE A 36 0.51 -7.13 -4.85
CA PHE A 36 1.53 -6.60 -3.96
C PHE A 36 2.13 -5.40 -4.69
N VAL A 37 1.56 -4.23 -4.45
CA VAL A 37 1.86 -3.07 -5.27
C VAL A 37 3.33 -2.70 -5.14
N LEU A 38 3.97 -2.46 -6.28
CA LEU A 38 5.30 -1.87 -6.32
C LEU A 38 5.28 -0.44 -6.80
N SER A 39 4.30 -0.07 -7.62
CA SER A 39 4.14 1.30 -8.08
C SER A 39 2.68 1.53 -8.43
N SER A 40 2.20 2.72 -8.12
CA SER A 40 0.84 3.13 -8.41
C SER A 40 0.85 4.34 -9.33
N LEU A 41 -0.22 4.50 -10.09
CA LEU A 41 -0.21 5.44 -11.21
C LEU A 41 -1.64 5.72 -11.65
N LEU A 42 -1.98 7.00 -11.80
CA LEU A 42 -3.31 7.37 -12.27
C LEU A 42 -3.34 7.53 -13.78
N HIS A 43 -4.48 7.20 -14.37
CA HIS A 43 -4.65 7.26 -15.82
C HIS A 43 -6.06 7.71 -16.14
N GLN A 44 -6.22 8.31 -17.30
CA GLN A 44 -7.51 8.81 -17.75
C GLN A 44 -7.58 8.70 -19.27
N ASP A 45 -8.65 8.08 -19.76
CA ASP A 45 -8.89 8.02 -21.19
C ASP A 45 -9.45 9.35 -21.67
N PRO A 46 -8.77 10.09 -22.54
CA PRO A 46 -9.28 11.42 -22.90
C PRO A 46 -10.63 11.41 -23.59
N SER A 47 -11.04 10.29 -24.18
CA SER A 47 -12.32 10.24 -24.87
C SER A 47 -13.48 10.00 -23.91
N THR A 48 -13.45 8.89 -23.19
CA THR A 48 -14.53 8.53 -22.28
C THR A 48 -14.41 9.20 -20.91
N ASN A 49 -13.30 9.86 -20.61
CA ASN A 49 -13.06 10.50 -19.32
C ASN A 49 -13.15 9.51 -18.17
N GLN A 50 -12.77 8.26 -18.39
CA GLN A 50 -12.73 7.27 -17.32
C GLN A 50 -11.35 7.25 -16.66
N THR A 51 -11.35 7.31 -15.33
CA THR A 51 -10.12 7.38 -14.56
C THR A 51 -9.90 6.06 -13.82
N TRP A 52 -8.77 5.43 -14.09
CA TRP A 52 -8.36 4.19 -13.42
C TRP A 52 -7.14 4.45 -12.56
N LEU A 53 -6.77 3.43 -11.78
CA LEU A 53 -5.57 3.44 -10.96
C LEU A 53 -4.75 2.22 -11.32
N LEU A 54 -3.77 2.39 -12.20
CA LEU A 54 -2.89 1.32 -12.62
C LEU A 54 -1.85 1.05 -11.55
N VAL A 55 -1.72 -0.21 -11.16
CA VAL A 55 -0.74 -0.63 -10.16
C VAL A 55 0.05 -1.79 -10.74
N THR A 56 1.26 -2.00 -10.22
CA THR A 56 2.13 -3.08 -10.66
C THR A 56 2.40 -4.04 -9.51
N SER A 57 2.90 -5.21 -9.84
CA SER A 57 3.15 -6.25 -8.85
C SER A 57 4.17 -7.24 -9.38
N PRO A 58 4.92 -7.90 -8.51
CA PRO A 58 5.80 -8.98 -8.94
C PRO A 58 5.01 -10.26 -9.17
N ARG A 59 5.65 -11.20 -9.86
CA ARG A 59 4.99 -12.48 -10.11
C ARG A 59 4.79 -13.25 -8.82
N THR A 60 3.61 -13.83 -8.67
CA THR A 60 3.28 -14.68 -7.54
C THR A 60 2.31 -15.76 -8.01
N LYS A 61 2.18 -16.81 -7.20
CA LYS A 61 1.26 -17.89 -7.55
C LYS A 61 -0.17 -17.38 -7.67
N ARG A 62 -0.54 -16.40 -6.85
CA ARG A 62 -1.90 -15.87 -6.91
C ARG A 62 -2.16 -15.15 -8.23
N THR A 63 -1.27 -14.24 -8.62
CA THR A 63 -1.46 -13.41 -9.79
C THR A 63 -0.20 -13.39 -10.63
N PRO A 64 -0.28 -13.71 -11.93
CA PRO A 64 0.93 -13.63 -12.77
C PRO A 64 1.42 -12.22 -13.00
N GLY A 65 0.64 -11.20 -12.64
CA GLY A 65 1.04 -9.83 -12.86
C GLY A 65 1.00 -9.49 -14.34
N PRO A 66 1.69 -8.42 -14.73
CA PRO A 66 2.39 -7.42 -13.93
C PRO A 66 1.58 -6.16 -13.68
N LEU A 67 0.43 -6.01 -14.32
CA LEU A 67 -0.32 -4.75 -14.32
C LEU A 67 -1.78 -5.01 -14.00
N HIS A 68 -2.35 -4.14 -13.18
CA HIS A 68 -3.77 -4.19 -12.84
C HIS A 68 -4.36 -2.79 -12.94
N ARG A 69 -5.63 -2.72 -13.30
CA ARG A 69 -6.39 -1.48 -13.29
C ARG A 69 -7.42 -1.55 -12.17
N CYS A 70 -7.45 -0.53 -11.33
CA CYS A 70 -8.23 -0.53 -10.11
C CYS A 70 -9.12 0.69 -10.06
N SER A 71 -10.34 0.50 -9.56
CA SER A 71 -11.31 1.58 -9.43
C SER A 71 -11.95 1.50 -8.05
N LEU A 72 -12.78 2.49 -7.75
CA LEU A 72 -13.35 2.65 -6.42
C LEU A 72 -14.73 2.00 -6.38
N VAL A 73 -14.80 0.76 -5.91
CA VAL A 73 -16.04 0.01 -5.85
C VAL A 73 -16.33 -0.34 -4.40
N GLN A 74 -17.46 0.17 -3.90
CA GLN A 74 -17.88 -0.11 -2.53
C GLN A 74 -16.87 0.40 -1.52
N ASP A 75 -16.61 1.71 -1.54
CA ASP A 75 -15.75 2.37 -0.58
C ASP A 75 -14.41 1.67 -0.42
N GLU A 76 -13.93 1.02 -1.49
CA GLU A 76 -12.70 0.27 -1.45
C GLU A 76 -12.12 0.21 -2.86
N ILE A 77 -10.85 -0.14 -2.96
CA ILE A 77 -10.16 -0.20 -4.24
C ILE A 77 -10.11 -1.64 -4.69
N LEU A 78 -10.77 -1.93 -5.81
CA LEU A 78 -10.85 -3.28 -6.37
C LEU A 78 -10.11 -3.31 -7.70
N CYS A 79 -9.33 -4.37 -7.91
CA CYS A 79 -8.39 -4.45 -9.00
C CYS A 79 -8.67 -5.66 -9.90
N HIS A 80 -8.52 -5.46 -11.20
CA HIS A 80 -8.58 -6.50 -12.20
C HIS A 80 -7.38 -6.37 -13.13
N PRO A 81 -6.84 -7.49 -13.61
CA PRO A 81 -5.63 -7.41 -14.45
C PRO A 81 -5.92 -6.87 -15.83
N VAL A 82 -4.89 -6.30 -16.44
CA VAL A 82 -4.96 -5.74 -17.79
C VAL A 82 -4.42 -6.77 -18.76
N GLU A 83 -5.21 -7.12 -19.76
CA GLU A 83 -4.85 -8.14 -20.72
C GLU A 83 -3.90 -7.57 -21.77
N HIS A 84 -3.33 -8.47 -22.57
CA HIS A 84 -2.40 -8.13 -23.63
C HIS A 84 -1.16 -7.43 -23.12
N VAL A 85 -0.72 -7.77 -21.92
CA VAL A 85 0.52 -7.26 -21.34
C VAL A 85 1.49 -8.44 -21.24
N PRO A 86 2.79 -8.23 -21.38
CA PRO A 86 3.73 -9.35 -21.22
C PRO A 86 3.66 -9.97 -19.84
N ILE A 87 3.87 -11.28 -19.80
CA ILE A 87 3.72 -12.08 -18.58
C ILE A 87 5.10 -12.58 -18.16
N PRO A 88 5.64 -12.15 -17.03
CA PRO A 88 6.95 -12.64 -16.60
C PRO A 88 6.88 -14.08 -16.13
N LYS A 89 8.04 -14.72 -16.14
CA LYS A 89 8.18 -16.10 -15.72
C LYS A 89 9.30 -16.20 -14.69
N GLY A 90 9.01 -16.85 -13.57
CA GLY A 90 10.05 -17.06 -12.58
C GLY A 90 10.30 -15.82 -11.75
N ARG A 91 11.58 -15.55 -11.49
CA ARG A 91 11.98 -14.44 -10.65
C ARG A 91 11.38 -13.12 -11.10
N HIS A 92 11.39 -12.13 -10.22
CA HIS A 92 11.02 -10.77 -10.56
C HIS A 92 12.27 -10.04 -11.00
N ARG A 93 12.40 -9.80 -12.31
CA ARG A 93 13.56 -9.07 -12.81
C ARG A 93 13.34 -7.57 -12.76
N GLY A 94 12.13 -7.11 -13.03
CA GLY A 94 11.80 -5.70 -13.01
C GLY A 94 10.60 -5.41 -13.89
N VAL A 95 9.73 -4.54 -13.40
CA VAL A 95 8.55 -4.08 -14.13
C VAL A 95 8.56 -2.56 -14.14
N THR A 96 8.32 -1.98 -15.32
CA THR A 96 8.36 -0.53 -15.51
C THR A 96 7.11 -0.11 -16.25
N VAL A 97 6.47 0.97 -15.77
CA VAL A 97 5.25 1.49 -16.38
C VAL A 97 5.31 3.00 -16.39
N VAL A 98 4.92 3.60 -17.51
CA VAL A 98 4.78 5.05 -17.64
C VAL A 98 3.49 5.34 -18.39
N ARG A 99 3.18 6.63 -18.52
CA ARG A 99 1.88 7.04 -19.00
C ARG A 99 1.96 8.42 -19.65
N SER A 100 1.07 8.65 -20.60
CA SER A 100 0.83 9.97 -21.17
C SER A 100 -0.55 9.94 -21.81
N HIS A 101 -0.99 11.07 -22.34
CA HIS A 101 -2.28 11.11 -22.99
C HIS A 101 -2.30 10.29 -24.28
N HIS A 102 -1.13 9.83 -24.74
CA HIS A 102 -1.05 8.97 -25.90
C HIS A 102 -1.27 7.51 -25.55
N GLY A 103 -1.08 7.11 -24.31
CA GLY A 103 -1.28 5.72 -23.93
C GLY A 103 -0.34 5.32 -22.82
N VAL A 104 -0.28 4.01 -22.59
CA VAL A 104 0.44 3.43 -21.45
C VAL A 104 1.50 2.48 -21.99
N LEU A 105 2.70 2.54 -21.40
CA LEU A 105 3.82 1.70 -21.81
C LEU A 105 4.20 0.77 -20.66
N ILE A 106 4.36 -0.50 -20.98
CA ILE A 106 4.75 -1.54 -20.03
C ILE A 106 6.04 -2.17 -20.52
N CYS A 107 6.97 -2.43 -19.60
CA CYS A 107 8.22 -3.11 -19.92
C CYS A 107 8.54 -4.10 -18.83
N ILE A 108 9.04 -5.26 -19.24
CA ILE A 108 9.39 -6.35 -18.34
C ILE A 108 10.78 -6.85 -18.70
N GLN A 109 11.65 -6.93 -17.71
CA GLN A 109 12.96 -7.52 -17.94
C GLN A 109 12.82 -9.03 -18.04
N VAL A 110 13.38 -9.61 -19.10
CA VAL A 110 13.22 -11.02 -19.42
C VAL A 110 14.59 -11.65 -19.58
N LEU A 111 14.68 -12.95 -19.28
CA LEU A 111 15.91 -13.71 -19.41
C LEU A 111 15.76 -14.74 -20.53
N VAL A 112 16.68 -14.69 -21.49
CA VAL A 112 16.75 -15.66 -22.56
C VAL A 112 18.13 -16.31 -22.52
N ARG A 113 18.15 -17.62 -22.27
CA ARG A 113 19.39 -18.39 -22.20
C ARG A 113 19.66 -18.95 -23.59
N ARG A 114 20.63 -18.39 -24.28
CA ARG A 114 20.93 -18.83 -25.64
C ARG A 114 21.42 -20.27 -25.58
N PRO A 115 20.82 -21.19 -26.36
CA PRO A 115 21.14 -22.61 -26.17
C PRO A 115 22.62 -22.95 -26.36
N HIS A 116 23.29 -22.29 -27.30
CA HIS A 116 24.62 -22.75 -27.70
C HIS A 116 25.65 -22.55 -26.61
N SER A 117 25.71 -21.35 -26.02
CA SER A 117 26.83 -20.95 -25.18
C SER A 117 26.38 -20.77 -23.73
N LEU A 118 27.36 -20.59 -22.85
CA LEU A 118 27.14 -20.44 -21.42
C LEU A 118 27.04 -18.96 -21.04
N SER A 119 26.14 -18.23 -21.69
CA SER A 119 25.90 -16.83 -21.40
C SER A 119 24.40 -16.61 -21.21
N SER A 120 24.03 -15.37 -20.93
CA SER A 120 22.63 -15.00 -20.78
C SER A 120 22.43 -13.61 -21.35
N GLU A 121 21.21 -13.35 -21.81
CA GLU A 121 20.81 -12.05 -22.32
C GLU A 121 19.67 -11.53 -21.45
N LEU A 122 19.79 -10.28 -21.02
CA LEU A 122 18.83 -9.67 -20.10
C LEU A 122 18.41 -8.32 -20.68
N THR A 123 17.23 -8.29 -21.29
CA THR A 123 16.68 -7.07 -21.86
C THR A 123 15.16 -7.17 -21.80
N GLY A 124 14.49 -6.09 -22.20
CA GLY A 124 13.07 -5.93 -21.96
C GLY A 124 12.18 -6.32 -23.12
N THR A 125 10.95 -6.72 -22.77
CA THR A 125 9.84 -6.88 -23.71
C THR A 125 8.74 -5.93 -23.31
N CYS A 126 8.17 -5.22 -24.28
CA CYS A 126 7.33 -4.06 -24.01
C CYS A 126 6.00 -4.15 -24.76
N SER A 127 4.99 -3.51 -24.18
CA SER A 127 3.68 -3.37 -24.80
C SER A 127 3.23 -1.92 -24.68
N LEU A 128 2.73 -1.37 -25.79
CA LEU A 128 2.22 -0.01 -25.83
C LEU A 128 0.72 -0.08 -26.06
N LEU A 129 -0.04 0.17 -25.00
CA LEU A 129 -1.49 0.21 -25.05
C LEU A 129 -1.94 1.62 -25.40
N GLY A 130 -3.16 1.73 -25.94
CA GLY A 130 -3.71 3.01 -26.26
C GLY A 130 -4.29 3.68 -25.03
N PRO A 131 -4.93 4.84 -25.24
CA PRO A 131 -5.52 5.55 -24.10
C PRO A 131 -6.57 4.75 -23.36
N ASP A 132 -7.21 3.81 -24.04
CA ASP A 132 -8.23 2.97 -23.43
C ASP A 132 -7.73 1.57 -23.13
N LEU A 133 -6.42 1.37 -23.15
CA LEU A 133 -5.76 0.12 -22.76
C LEU A 133 -5.93 -0.99 -23.78
N ARG A 134 -6.13 -0.64 -25.06
CA ARG A 134 -6.16 -1.63 -26.12
C ARG A 134 -4.77 -1.77 -26.74
N PRO A 135 -4.29 -2.99 -26.98
CA PRO A 135 -2.95 -3.14 -27.51
C PRO A 135 -2.78 -2.41 -28.84
N GLN A 136 -1.60 -1.81 -29.01
CA GLN A 136 -1.27 -1.10 -30.23
C GLN A 136 0.00 -1.65 -30.88
N ALA A 137 1.01 -1.96 -30.07
CA ALA A 137 2.29 -2.38 -30.59
C ALA A 137 3.01 -3.21 -29.53
N GLN A 138 3.96 -4.00 -29.99
CA GLN A 138 4.80 -4.81 -29.11
C GLN A 138 6.24 -4.72 -29.60
N ALA A 139 7.17 -4.93 -28.66
CA ALA A 139 8.59 -4.84 -29.00
C ALA A 139 9.38 -5.80 -28.15
N ASN A 140 10.15 -6.66 -28.79
CA ASN A 140 11.14 -7.50 -28.15
C ASN A 140 12.52 -6.99 -28.54
N PHE A 141 13.43 -6.90 -27.57
CA PHE A 141 14.70 -6.23 -27.78
C PHE A 141 15.90 -7.17 -27.78
N PHE A 142 15.67 -8.48 -27.76
CA PHE A 142 16.76 -9.41 -27.96
C PHE A 142 17.29 -9.30 -29.38
N ASP A 143 18.60 -9.44 -29.55
CA ASP A 143 19.24 -9.29 -30.85
C ASP A 143 18.97 -7.88 -31.40
N LEU A 144 19.47 -6.88 -30.68
CA LEU A 144 19.13 -5.49 -30.96
C LEU A 144 19.79 -4.96 -32.21
N GLU A 145 20.91 -5.55 -32.63
CA GLU A 145 21.64 -5.00 -33.77
C GLU A 145 20.83 -5.07 -35.05
N ASN A 146 19.76 -5.85 -35.07
CA ASN A 146 18.89 -5.93 -36.24
C ASN A 146 17.81 -4.86 -36.28
N LEU A 147 17.54 -4.20 -35.14
CA LEU A 147 16.62 -3.07 -35.11
C LEU A 147 17.30 -1.74 -35.34
N LEU A 148 18.61 -1.66 -35.17
CA LEU A 148 19.28 -0.38 -35.02
C LEU A 148 19.33 0.38 -36.34
N ASP A 149 19.49 1.69 -36.23
CA ASP A 149 19.57 2.57 -37.39
C ASP A 149 20.41 3.77 -36.99
N PRO A 150 21.71 3.76 -37.28
CA PRO A 150 22.59 4.83 -36.81
C PRO A 150 22.37 6.18 -37.48
N ASP A 151 21.31 6.31 -38.27
CA ASP A 151 20.97 7.55 -38.93
C ASP A 151 19.51 7.96 -38.72
N ALA A 152 18.75 7.22 -37.93
CA ALA A 152 17.37 7.60 -37.68
C ALA A 152 17.32 9.00 -37.10
N ARG A 153 16.44 9.83 -37.65
CA ARG A 153 16.41 11.24 -37.30
C ARG A 153 15.86 11.42 -35.89
N VAL A 154 16.55 12.25 -35.10
CA VAL A 154 16.14 12.53 -33.72
C VAL A 154 15.28 13.78 -33.80
N ASP A 155 13.97 13.58 -33.90
CA ASP A 155 13.04 14.71 -34.00
C ASP A 155 12.92 15.40 -32.66
N THR A 156 13.06 16.72 -32.66
CA THR A 156 12.93 17.54 -31.46
C THR A 156 12.16 18.82 -31.76
N GLY A 157 11.21 18.77 -32.69
CA GLY A 157 10.49 19.98 -33.06
C GLY A 157 11.41 21.07 -33.55
N ASP A 158 12.33 20.74 -34.45
CA ASP A 158 13.38 21.67 -34.83
C ASP A 158 12.79 22.95 -35.41
N CYS A 159 13.51 24.05 -35.22
CA CYS A 159 13.06 25.37 -35.66
C CYS A 159 12.94 25.43 -37.19
N ALA A 199 21.68 -29.07 -19.21
CA ALA A 199 21.89 -30.18 -20.14
C ALA A 199 23.27 -30.08 -20.79
N GLY A 200 24.19 -30.91 -20.33
CA GLY A 200 25.56 -30.91 -20.83
C GLY A 200 25.89 -32.23 -21.45
N THR A 201 27.17 -32.60 -21.40
CA THR A 201 27.67 -33.84 -21.99
C THR A 201 28.16 -34.76 -20.88
N GLU A 202 27.71 -36.00 -20.91
CA GLU A 202 28.13 -37.01 -19.96
C GLU A 202 28.86 -38.11 -20.71
N ILE A 203 29.99 -38.54 -20.18
CA ILE A 203 30.82 -39.56 -20.79
C ILE A 203 31.07 -40.64 -19.74
N ALA A 204 30.83 -41.89 -20.12
CA ALA A 204 31.07 -43.04 -19.26
C ALA A 204 32.12 -43.93 -19.89
N ILE A 205 33.21 -44.17 -19.16
CA ILE A 205 34.34 -44.95 -19.65
C ILE A 205 34.24 -46.34 -19.05
N ILE A 206 34.45 -47.36 -19.87
CA ILE A 206 34.35 -48.75 -19.45
C ILE A 206 35.72 -49.38 -19.66
N LEU A 207 36.55 -49.35 -18.62
CA LEU A 207 37.93 -49.80 -18.72
C LEU A 207 38.01 -51.30 -18.52
N ASP A 208 38.74 -51.98 -19.41
CA ASP A 208 38.91 -53.42 -19.33
C ASP A 208 40.09 -53.73 -18.43
N GLY A 209 39.87 -54.54 -17.40
CA GLY A 209 40.90 -54.86 -16.44
C GLY A 209 41.40 -56.27 -16.55
N SER A 210 41.02 -56.98 -17.61
CA SER A 210 41.41 -58.38 -17.76
C SER A 210 42.93 -58.53 -17.65
N GLY A 211 43.35 -59.67 -17.12
CA GLY A 211 44.75 -59.87 -16.81
C GLY A 211 45.67 -59.84 -18.01
N SER A 212 45.12 -59.98 -19.22
CA SER A 212 45.96 -59.97 -20.40
C SER A 212 46.74 -58.67 -20.55
N ILE A 213 46.29 -57.59 -19.92
CA ILE A 213 47.02 -56.34 -19.87
C ILE A 213 48.01 -56.43 -18.71
N ASP A 214 49.31 -56.36 -19.03
CA ASP A 214 50.30 -56.38 -17.98
C ASP A 214 50.38 -55.02 -17.30
N PRO A 215 50.93 -54.94 -16.10
CA PRO A 215 50.80 -53.73 -15.29
C PRO A 215 51.31 -52.48 -16.01
N PRO A 216 52.42 -52.59 -16.75
CA PRO A 216 52.88 -51.39 -17.49
C PRO A 216 51.85 -50.87 -18.47
N ASP A 217 51.31 -51.74 -19.31
CA ASP A 217 50.28 -51.32 -20.24
C ASP A 217 49.08 -50.75 -19.50
N PHE A 218 48.83 -51.22 -18.27
CA PHE A 218 47.67 -50.76 -17.54
C PHE A 218 47.90 -49.37 -16.96
N GLN A 219 49.11 -49.09 -16.51
CA GLN A 219 49.44 -47.72 -16.13
C GLN A 219 49.33 -46.80 -17.33
N ARG A 220 49.71 -47.30 -18.51
CA ARG A 220 49.56 -46.51 -19.73
C ARG A 220 48.08 -46.25 -20.03
N ALA A 221 47.23 -47.24 -19.80
CA ALA A 221 45.78 -47.06 -19.99
C ALA A 221 45.22 -46.03 -19.02
N LYS A 222 45.65 -46.09 -17.76
CA LYS A 222 45.25 -45.07 -16.80
C LYS A 222 45.70 -43.69 -17.25
N ASP A 223 46.93 -43.59 -17.75
CA ASP A 223 47.42 -42.30 -18.24
C ASP A 223 46.60 -41.81 -19.43
N PHE A 224 46.18 -42.73 -20.30
CA PHE A 224 45.30 -42.35 -21.40
C PHE A 224 43.99 -41.78 -20.89
N ILE A 225 43.37 -42.44 -19.91
CA ILE A 225 42.11 -41.93 -19.37
C ILE A 225 42.33 -40.55 -18.76
N SER A 226 43.43 -40.39 -18.00
CA SER A 226 43.70 -39.12 -17.34
C SER A 226 43.90 -38.00 -18.35
N ASN A 227 44.68 -38.27 -19.40
CA ASN A 227 44.91 -37.28 -20.44
C ASN A 227 43.64 -36.95 -21.19
N MET A 228 42.78 -37.96 -21.42
CA MET A 228 41.50 -37.70 -22.06
C MET A 228 40.65 -36.76 -21.21
N MET A 229 40.60 -37.01 -19.91
CA MET A 229 39.82 -36.13 -19.04
C MET A 229 40.38 -34.72 -19.04
N ARG A 230 41.69 -34.59 -18.90
CA ARG A 230 42.32 -33.27 -18.87
C ARG A 230 42.07 -32.52 -20.17
N ASN A 231 42.21 -33.21 -21.30
CA ASN A 231 42.04 -32.59 -22.60
C ASN A 231 40.59 -32.16 -22.81
N PHE A 232 39.63 -33.05 -22.51
CA PHE A 232 38.23 -32.71 -22.71
C PHE A 232 37.81 -31.53 -21.85
N TYR A 233 38.25 -31.50 -20.59
CA TYR A 233 37.86 -30.39 -19.72
C TYR A 233 38.40 -29.07 -20.24
N GLU A 234 39.50 -29.09 -21.00
CA GLU A 234 40.10 -27.85 -21.47
C GLU A 234 39.21 -27.14 -22.47
N LYS A 235 38.40 -27.88 -23.22
CA LYS A 235 37.61 -27.31 -24.31
C LYS A 235 36.13 -27.66 -24.21
N CYS A 236 35.70 -28.30 -23.12
CA CYS A 236 34.27 -28.56 -22.91
C CYS A 236 34.00 -28.36 -21.42
N PHE A 237 33.45 -27.20 -21.09
CA PHE A 237 33.17 -26.86 -19.70
C PHE A 237 32.02 -27.68 -19.12
N GLU A 238 31.10 -28.15 -19.94
CA GLU A 238 29.93 -28.86 -19.49
C GLU A 238 30.14 -30.37 -19.39
N CYS A 239 31.30 -30.86 -19.79
CA CYS A 239 31.53 -32.30 -19.83
C CYS A 239 31.65 -32.86 -18.42
N ASN A 240 31.19 -34.10 -18.26
CA ASN A 240 31.28 -34.82 -17.00
C ASN A 240 31.61 -36.27 -17.30
N PHE A 241 32.24 -36.93 -16.34
CA PHE A 241 32.84 -38.23 -16.58
C PHE A 241 32.43 -39.22 -15.50
N ALA A 242 32.39 -40.48 -15.91
CA ALA A 242 32.18 -41.61 -15.02
C ALA A 242 33.11 -42.72 -15.48
N LEU A 243 33.48 -43.59 -14.56
CA LEU A 243 34.45 -44.65 -14.86
C LEU A 243 34.00 -45.94 -14.21
N VAL A 244 33.85 -46.97 -15.04
CA VAL A 244 33.44 -48.30 -14.61
C VAL A 244 34.49 -49.27 -15.09
N GLN A 245 35.14 -49.95 -14.16
CA GLN A 245 36.14 -50.95 -14.47
C GLN A 245 35.50 -52.32 -14.38
N TYR A 246 35.71 -53.14 -15.40
CA TYR A 246 34.96 -54.37 -15.55
C TYR A 246 35.91 -55.55 -15.77
N GLY A 247 35.33 -56.73 -15.79
CA GLY A 247 36.07 -57.96 -15.91
C GLY A 247 35.31 -59.10 -15.27
N GLY A 248 35.98 -59.86 -14.41
CA GLY A 248 35.25 -60.83 -13.60
C GLY A 248 34.21 -60.18 -12.72
N VAL A 249 34.44 -58.93 -12.32
CA VAL A 249 33.47 -58.14 -11.58
C VAL A 249 33.44 -56.75 -12.20
N ILE A 250 32.35 -56.03 -11.94
CA ILE A 250 32.13 -54.69 -12.46
C ILE A 250 32.06 -53.74 -11.28
N GLN A 251 32.67 -52.56 -11.43
CA GLN A 251 33.06 -51.75 -10.28
C GLN A 251 33.08 -50.28 -10.64
N THR A 252 32.13 -49.51 -10.11
CA THR A 252 32.14 -48.07 -10.33
C THR A 252 33.36 -47.47 -9.65
N GLU A 253 34.32 -47.03 -10.46
CA GLU A 253 35.38 -46.21 -9.90
C GLU A 253 34.85 -44.89 -9.39
N PHE A 254 33.97 -44.23 -10.16
CA PHE A 254 33.35 -43.00 -9.72
C PHE A 254 32.27 -42.60 -10.71
N ASP A 255 31.11 -42.20 -10.19
CA ASP A 255 29.98 -41.84 -11.02
C ASP A 255 30.06 -40.37 -11.44
N LEU A 256 28.99 -39.90 -12.10
CA LEU A 256 29.01 -38.55 -12.65
C LEU A 256 29.07 -37.50 -11.56
N ARG A 257 28.55 -37.81 -10.37
CA ARG A 257 28.58 -36.84 -9.28
C ARG A 257 30.00 -36.53 -8.83
N ASP A 258 30.85 -37.55 -8.76
CA ASP A 258 32.22 -37.34 -8.32
C ASP A 258 32.99 -36.47 -9.31
N SER A 259 32.56 -36.43 -10.57
CA SER A 259 33.27 -35.66 -11.58
C SER A 259 33.12 -34.16 -11.40
N GLN A 260 32.25 -33.72 -10.48
CA GLN A 260 32.13 -32.29 -10.24
C GLN A 260 33.37 -31.71 -9.55
N ASP A 261 34.22 -32.56 -9.00
CA ASP A 261 35.52 -32.16 -8.47
C ASP A 261 36.58 -32.79 -9.36
N VAL A 262 37.09 -32.01 -10.32
CA VAL A 262 37.93 -32.57 -11.37
C VAL A 262 39.21 -33.15 -10.78
N MET A 263 39.83 -32.43 -9.85
CA MET A 263 41.11 -32.87 -9.32
C MET A 263 40.98 -34.20 -8.58
N ALA A 264 39.95 -34.32 -7.74
CA ALA A 264 39.75 -35.56 -6.99
C ALA A 264 39.45 -36.72 -7.93
N SER A 265 38.61 -36.49 -8.94
CA SER A 265 38.30 -37.54 -9.91
C SER A 265 39.54 -37.98 -10.65
N LEU A 266 40.35 -37.03 -11.11
CA LEU A 266 41.62 -37.38 -11.74
C LEU A 266 42.46 -38.23 -10.80
N ALA A 267 42.50 -37.85 -9.52
CA ALA A 267 43.27 -38.62 -8.55
C ALA A 267 42.76 -40.05 -8.44
N ARG A 268 41.44 -40.22 -8.45
CA ARG A 268 40.87 -41.57 -8.33
C ARG A 268 41.34 -42.46 -9.47
N VAL A 269 41.59 -41.90 -10.65
CA VAL A 269 42.00 -42.70 -11.79
C VAL A 269 43.34 -43.38 -11.50
N GLN A 270 44.31 -42.62 -10.98
CA GLN A 270 45.61 -43.18 -10.66
C GLN A 270 45.54 -44.19 -9.52
N ASN A 271 44.45 -44.20 -8.77
CA ASN A 271 44.26 -45.07 -7.61
C ASN A 271 43.65 -46.42 -7.96
N ILE A 272 43.34 -46.66 -9.24
CA ILE A 272 42.65 -47.88 -9.63
C ILE A 272 43.51 -49.10 -9.35
N THR A 273 42.85 -50.25 -9.14
CA THR A 273 43.52 -51.52 -8.94
C THR A 273 42.96 -52.53 -9.93
N GLN A 274 43.85 -53.32 -10.53
CA GLN A 274 43.47 -54.24 -11.60
C GLN A 274 42.63 -55.39 -11.06
N VAL A 275 41.46 -55.61 -11.66
CA VAL A 275 40.67 -56.80 -11.33
C VAL A 275 41.34 -58.05 -11.89
N GLY A 276 41.83 -57.98 -13.12
CA GLY A 276 42.54 -59.09 -13.73
C GLY A 276 41.79 -60.40 -13.77
N SER A 277 40.72 -60.46 -14.55
CA SER A 277 39.94 -61.69 -14.68
C SER A 277 39.31 -61.73 -16.06
N VAL A 278 38.31 -62.61 -16.23
CA VAL A 278 37.66 -62.78 -17.52
C VAL A 278 37.00 -61.46 -17.96
N THR A 279 36.73 -61.35 -19.26
CA THR A 279 36.22 -60.12 -19.86
C THR A 279 34.69 -60.19 -19.97
N LYS A 280 33.99 -59.53 -19.05
CA LYS A 280 32.54 -59.38 -19.10
C LYS A 280 32.20 -57.97 -19.57
N THR A 281 32.31 -57.74 -20.87
CA THR A 281 32.09 -56.39 -21.41
C THR A 281 30.60 -56.02 -21.38
N ALA A 282 29.73 -56.95 -21.81
CA ALA A 282 28.31 -56.65 -21.84
C ALA A 282 27.80 -56.28 -20.47
N SER A 283 28.28 -56.96 -19.43
CA SER A 283 27.87 -56.61 -18.07
C SER A 283 28.32 -55.21 -17.70
N ALA A 284 29.49 -54.79 -18.18
CA ALA A 284 29.94 -53.42 -17.95
C ALA A 284 28.99 -52.42 -18.60
N MET A 285 28.62 -52.68 -19.85
CA MET A 285 27.68 -51.79 -20.52
C MET A 285 26.34 -51.76 -19.78
N GLN A 286 25.87 -52.92 -19.35
CA GLN A 286 24.59 -52.99 -18.64
C GLN A 286 24.67 -52.21 -17.34
N HIS A 287 25.79 -52.30 -16.63
CA HIS A 287 25.90 -51.64 -15.35
C HIS A 287 26.00 -50.13 -15.54
N VAL A 288 26.65 -49.69 -16.61
CA VAL A 288 26.63 -48.26 -16.94
C VAL A 288 25.21 -47.82 -17.22
N LEU A 289 24.43 -48.68 -17.90
CA LEU A 289 23.05 -48.33 -18.22
C LEU A 289 22.20 -48.23 -16.96
N ASP A 290 22.39 -49.15 -16.02
CA ASP A 290 21.53 -49.22 -14.84
C ASP A 290 21.93 -48.24 -13.75
N SER A 291 23.23 -48.06 -13.50
CA SER A 291 23.71 -47.34 -12.33
C SER A 291 24.30 -45.97 -12.63
N ILE A 292 24.89 -45.77 -13.80
CA ILE A 292 25.52 -44.48 -14.11
C ILE A 292 24.50 -43.49 -14.67
N PHE A 293 23.66 -43.94 -15.59
CA PHE A 293 22.74 -43.06 -16.30
C PHE A 293 21.37 -43.06 -15.62
N THR A 294 21.32 -42.46 -14.43
CA THR A 294 20.10 -42.38 -13.67
C THR A 294 20.09 -41.10 -12.85
N SER A 295 18.88 -40.63 -12.53
CA SER A 295 18.74 -39.40 -11.75
C SER A 295 19.23 -39.57 -10.33
N SER A 296 19.39 -40.82 -9.88
CA SER A 296 19.84 -41.07 -8.51
C SER A 296 21.35 -40.96 -8.36
N HIS A 297 22.09 -40.84 -9.46
CA HIS A 297 23.55 -40.78 -9.42
C HIS A 297 24.08 -39.64 -10.29
N GLY A 298 23.37 -38.52 -10.34
CA GLY A 298 23.89 -37.31 -10.93
C GLY A 298 23.60 -37.10 -12.39
N SER A 299 23.13 -38.13 -13.10
CA SER A 299 22.83 -37.96 -14.52
C SER A 299 21.64 -37.05 -14.70
N ARG A 300 21.65 -36.29 -15.80
CA ARG A 300 20.57 -35.36 -16.14
C ARG A 300 19.87 -35.82 -17.41
N ARG A 301 18.54 -35.71 -17.41
CA ARG A 301 17.73 -36.28 -18.48
C ARG A 301 18.04 -35.63 -19.82
N LYS A 302 18.13 -34.30 -19.85
CA LYS A 302 18.28 -33.58 -21.10
C LYS A 302 19.69 -33.65 -21.67
N ALA A 303 20.65 -34.19 -20.94
CA ALA A 303 22.05 -34.13 -21.33
C ALA A 303 22.42 -35.28 -22.25
N SER A 304 23.36 -35.02 -23.16
CA SER A 304 23.87 -36.05 -24.04
C SER A 304 24.56 -37.14 -23.23
N LYS A 305 24.57 -38.36 -23.78
CA LYS A 305 25.14 -39.51 -23.10
C LYS A 305 26.08 -40.23 -24.05
N VAL A 306 27.31 -40.47 -23.59
CA VAL A 306 28.37 -41.05 -24.40
C VAL A 306 28.98 -42.22 -23.66
N MET A 307 29.58 -43.11 -24.42
CA MET A 307 30.36 -44.21 -23.87
C MET A 307 31.71 -44.28 -24.58
N VAL A 308 32.74 -44.69 -23.84
CA VAL A 308 34.05 -44.96 -24.40
C VAL A 308 34.50 -46.28 -23.80
N VAL A 309 34.46 -47.34 -24.59
CA VAL A 309 34.90 -48.67 -24.18
C VAL A 309 36.37 -48.82 -24.54
N LEU A 310 37.15 -49.37 -23.62
CA LEU A 310 38.58 -49.56 -23.81
C LEU A 310 38.90 -51.01 -23.48
N THR A 311 38.94 -51.85 -24.50
CA THR A 311 39.14 -53.28 -24.32
C THR A 311 40.32 -53.76 -25.16
N ASP A 312 40.94 -54.85 -24.70
CA ASP A 312 42.04 -55.47 -25.41
C ASP A 312 41.69 -56.84 -25.97
N GLY A 313 40.44 -57.28 -25.84
CA GLY A 313 40.04 -58.58 -26.33
C GLY A 313 38.54 -58.70 -26.36
N GLY A 314 38.07 -59.83 -26.90
CA GLY A 314 36.66 -60.07 -27.05
C GLY A 314 36.01 -60.63 -25.80
N ILE A 315 34.71 -60.83 -25.88
CA ILE A 315 33.93 -61.40 -24.79
C ILE A 315 34.13 -62.90 -24.76
N PHE A 316 34.29 -63.47 -23.57
CA PHE A 316 34.33 -64.91 -23.42
C PHE A 316 33.87 -65.27 -22.02
N GLU A 317 32.83 -66.10 -21.95
CA GLU A 317 32.23 -66.53 -20.68
C GLU A 317 31.51 -65.37 -19.98
N ASP A 318 30.77 -64.58 -20.76
CA ASP A 318 29.94 -63.52 -20.20
C ASP A 318 28.52 -64.04 -20.01
N PRO A 319 27.98 -64.05 -18.78
CA PRO A 319 26.63 -64.60 -18.60
C PRO A 319 25.57 -63.90 -19.43
N LEU A 320 25.73 -62.60 -19.69
CA LEU A 320 24.73 -61.85 -20.44
C LEU A 320 24.97 -62.00 -21.94
N ASN A 321 24.00 -61.52 -22.71
CA ASN A 321 24.07 -61.54 -24.17
C ASN A 321 24.28 -60.16 -24.79
N LEU A 322 25.26 -60.05 -25.68
CA LEU A 322 25.63 -58.74 -26.21
C LEU A 322 24.49 -58.11 -27.01
N THR A 323 23.83 -58.89 -27.86
CA THR A 323 22.86 -58.32 -28.77
C THR A 323 21.64 -57.77 -28.04
N THR A 324 21.27 -58.39 -26.91
CA THR A 324 20.17 -57.86 -26.12
C THR A 324 20.59 -56.61 -25.36
N VAL A 325 21.83 -56.57 -24.88
CA VAL A 325 22.30 -55.39 -24.17
C VAL A 325 22.35 -54.19 -25.10
N ILE A 326 22.88 -54.38 -26.30
CA ILE A 326 22.95 -53.27 -27.24
C ILE A 326 21.56 -52.83 -27.67
N ASN A 327 20.64 -53.78 -27.83
CA ASN A 327 19.28 -53.49 -28.28
C ASN A 327 18.37 -53.07 -27.14
N SER A 328 18.89 -53.00 -25.92
CA SER A 328 18.04 -52.74 -24.77
C SER A 328 17.32 -51.40 -24.93
N PRO A 329 16.15 -51.25 -24.30
CA PRO A 329 15.40 -50.00 -24.49
C PRO A 329 16.17 -48.77 -24.07
N LYS A 330 16.99 -48.88 -23.02
CA LYS A 330 17.71 -47.72 -22.49
C LYS A 330 18.86 -47.31 -23.39
N MET A 331 19.40 -48.22 -24.20
CA MET A 331 20.56 -47.88 -25.02
C MET A 331 20.24 -46.80 -26.04
N GLN A 332 18.99 -46.76 -26.51
CA GLN A 332 18.62 -45.80 -27.55
C GLN A 332 18.97 -44.39 -27.11
N GLY A 333 19.91 -43.77 -27.81
CA GLY A 333 20.38 -42.44 -27.48
C GLY A 333 21.74 -42.37 -26.84
N VAL A 334 22.51 -43.46 -26.84
CA VAL A 334 23.84 -43.50 -26.23
C VAL A 334 24.86 -43.71 -27.34
N GLU A 335 25.85 -42.83 -27.41
CA GLU A 335 26.84 -42.88 -28.48
C GLU A 335 28.04 -43.70 -28.05
N ARG A 336 28.07 -44.96 -28.44
CA ARG A 336 29.09 -45.91 -28.02
C ARG A 336 30.30 -45.82 -28.94
N PHE A 337 31.48 -45.63 -28.34
CA PHE A 337 32.74 -45.63 -29.05
C PHE A 337 33.55 -46.82 -28.59
N ALA A 338 34.08 -47.60 -29.53
CA ALA A 338 34.86 -48.78 -29.22
C ALA A 338 36.32 -48.52 -29.55
N ILE A 339 37.19 -48.65 -28.56
CA ILE A 339 38.63 -48.55 -28.75
C ILE A 339 39.18 -49.96 -28.61
N GLY A 340 39.85 -50.44 -29.65
CA GLY A 340 40.44 -51.76 -29.66
C GLY A 340 41.96 -51.66 -29.60
N VAL A 341 42.56 -52.46 -28.73
CA VAL A 341 44.00 -52.50 -28.55
C VAL A 341 44.44 -53.96 -28.60
N GLY A 342 45.56 -54.21 -29.25
CA GLY A 342 46.16 -55.53 -29.28
C GLY A 342 45.98 -56.22 -30.62
N GLU A 343 46.82 -57.23 -30.83
CA GLU A 343 46.82 -57.98 -32.09
C GLU A 343 45.54 -58.76 -32.29
N GLU A 344 44.86 -59.14 -31.22
CA GLU A 344 43.70 -60.02 -31.35
C GLU A 344 42.66 -59.44 -32.31
N PHE A 345 42.59 -58.12 -32.41
CA PHE A 345 41.54 -57.47 -33.19
C PHE A 345 41.68 -57.68 -34.70
N LYS A 346 42.82 -58.18 -35.18
CA LYS A 346 42.92 -58.49 -36.59
C LYS A 346 42.01 -59.64 -37.00
N SER A 347 41.62 -60.49 -36.05
CA SER A 347 40.73 -61.60 -36.36
C SER A 347 39.33 -61.10 -36.70
N ALA A 348 38.64 -61.86 -37.56
CA ALA A 348 37.34 -61.41 -38.05
C ALA A 348 36.29 -61.35 -36.95
N ARG A 349 36.29 -62.34 -36.04
CA ARG A 349 35.25 -62.40 -35.02
C ARG A 349 35.31 -61.19 -34.08
N THR A 350 36.50 -60.89 -33.58
CA THR A 350 36.64 -59.74 -32.68
C THR A 350 36.37 -58.44 -33.42
N ALA A 351 36.71 -58.39 -34.70
CA ALA A 351 36.37 -57.21 -35.51
C ALA A 351 34.85 -57.06 -35.59
N ARG A 352 34.13 -58.17 -35.74
CA ARG A 352 32.68 -58.12 -35.74
C ARG A 352 32.16 -57.62 -34.40
N GLU A 353 32.75 -58.09 -33.30
CA GLU A 353 32.35 -57.61 -31.99
C GLU A 353 32.57 -56.12 -31.84
N LEU A 354 33.73 -55.62 -32.30
CA LEU A 354 34.00 -54.19 -32.23
C LEU A 354 33.03 -53.39 -33.09
N ASN A 355 32.78 -53.82 -34.32
CA ASN A 355 31.82 -53.13 -35.17
C ASN A 355 30.42 -53.22 -34.59
N LEU A 356 30.19 -54.18 -33.68
CA LEU A 356 28.87 -54.34 -33.08
C LEU A 356 28.69 -53.42 -31.88
N ILE A 357 29.75 -53.23 -31.09
CA ILE A 357 29.64 -52.33 -29.94
C ILE A 357 29.56 -50.87 -30.41
N ALA A 358 30.32 -50.51 -31.44
CA ALA A 358 30.37 -49.12 -31.86
C ALA A 358 29.12 -48.71 -32.63
N SER A 359 28.86 -47.41 -32.66
CA SER A 359 27.75 -46.86 -33.43
C SER A 359 28.26 -46.30 -34.75
N ASP A 360 27.54 -46.64 -35.84
CA ASP A 360 27.96 -46.17 -37.16
C ASP A 360 27.76 -44.66 -37.26
N PRO A 361 28.53 -43.97 -38.11
CA PRO A 361 29.57 -44.47 -39.04
C PRO A 361 30.75 -45.11 -38.32
N ASP A 362 30.99 -46.39 -38.57
CA ASP A 362 31.94 -47.14 -37.77
C ASP A 362 33.35 -46.57 -37.91
N GLU A 363 33.63 -45.88 -39.01
CA GLU A 363 34.97 -45.32 -39.18
C GLU A 363 35.27 -44.23 -38.16
N THR A 364 34.24 -43.54 -37.66
CA THR A 364 34.44 -42.45 -36.72
C THR A 364 34.16 -42.85 -35.27
N HIS A 365 33.59 -44.03 -35.04
CA HIS A 365 33.34 -44.50 -33.69
C HIS A 365 34.15 -45.74 -33.33
N ALA A 366 34.22 -46.73 -34.21
CA ALA A 366 35.14 -47.83 -34.02
C ALA A 366 36.58 -47.33 -34.14
N PHE A 367 37.49 -48.01 -33.44
CA PHE A 367 38.90 -47.63 -33.46
C PHE A 367 39.75 -48.86 -33.24
N LYS A 368 41.01 -48.78 -33.68
CA LYS A 368 41.99 -49.81 -33.45
C LYS A 368 43.36 -49.17 -33.32
N VAL A 369 44.19 -49.71 -32.44
CA VAL A 369 45.52 -49.18 -32.17
C VAL A 369 46.48 -50.36 -32.03
N THR A 370 47.71 -50.18 -32.52
CA THR A 370 48.67 -51.28 -32.51
C THR A 370 48.98 -51.74 -31.09
N ASN A 371 49.31 -50.81 -30.20
CA ASN A 371 49.65 -51.16 -28.83
C ASN A 371 49.10 -50.08 -27.89
N TYR A 372 49.28 -50.32 -26.59
CA TYR A 372 48.74 -49.41 -25.59
C TYR A 372 49.48 -48.08 -25.58
N MET A 373 50.62 -48.01 -26.25
CA MET A 373 51.30 -46.72 -26.40
C MET A 373 50.57 -45.83 -27.38
N ALA A 374 49.98 -46.41 -28.42
CA ALA A 374 49.33 -45.64 -29.47
C ALA A 374 48.10 -44.88 -28.99
N LEU A 375 47.61 -45.18 -27.78
CA LEU A 375 46.42 -44.50 -27.29
C LEU A 375 46.62 -43.01 -27.21
N ASP A 376 47.83 -42.56 -26.88
CA ASP A 376 48.07 -41.13 -26.71
C ASP A 376 47.71 -40.36 -27.97
N GLY A 377 47.80 -40.99 -29.14
CA GLY A 377 47.45 -40.33 -30.38
C GLY A 377 45.98 -40.27 -30.70
N LEU A 378 45.18 -41.18 -30.16
CA LEU A 378 43.75 -41.21 -30.45
C LEU A 378 43.00 -39.97 -29.96
N LEU A 379 43.61 -39.16 -29.10
CA LEU A 379 42.87 -38.09 -28.44
C LEU A 379 42.22 -37.16 -29.45
N SER A 380 42.93 -36.87 -30.53
CA SER A 380 42.43 -35.88 -31.50
C SER A 380 41.11 -36.34 -32.12
N LYS A 381 41.09 -37.57 -32.63
CA LYS A 381 39.91 -38.07 -33.30
C LYS A 381 38.72 -38.17 -32.34
N LEU A 382 38.95 -38.71 -31.14
CA LEU A 382 37.87 -38.84 -30.17
C LEU A 382 37.34 -37.46 -29.77
N ARG A 383 38.25 -36.50 -29.53
CA ARG A 383 37.80 -35.18 -29.12
C ARG A 383 36.97 -34.52 -30.20
N TYR A 384 37.38 -34.66 -31.47
CA TYR A 384 36.56 -34.11 -32.55
C TYR A 384 35.21 -34.81 -32.61
N ASN A 385 35.20 -36.13 -32.44
CA ASN A 385 33.99 -36.90 -32.69
C ASN A 385 33.01 -36.90 -31.52
N ILE A 386 33.43 -36.46 -30.34
CA ILE A 386 32.61 -36.56 -29.14
C ILE A 386 32.07 -35.21 -28.70
N ILE A 387 32.93 -34.20 -28.55
CA ILE A 387 32.54 -32.91 -27.99
C ILE A 387 32.32 -31.93 -29.12
N SER A 388 31.14 -31.32 -29.15
CA SER A 388 30.86 -30.23 -30.07
C SER A 388 31.53 -28.96 -29.58
N MET A 389 31.90 -28.10 -30.52
CA MET A 389 32.65 -26.90 -30.18
C MET A 389 31.78 -25.96 -29.34
N GLU A 390 32.35 -25.46 -28.25
CA GLU A 390 31.59 -24.62 -27.34
C GLU A 390 31.37 -23.22 -27.89
N GLY A 391 32.27 -22.74 -28.76
CA GLY A 391 32.14 -21.41 -29.31
C GLY A 391 32.73 -20.35 -28.40
N THR A 392 32.64 -19.11 -28.86
CA THR A 392 33.21 -17.99 -28.10
C THR A 392 32.40 -17.72 -26.84
N VAL A 393 33.11 -17.52 -25.73
CA VAL A 393 32.47 -17.21 -24.46
C VAL A 393 33.04 -15.98 -23.77
N GLY A 394 34.24 -15.52 -24.13
CA GLY A 394 34.85 -14.39 -23.48
C GLY A 394 34.68 -13.08 -24.24
N ASP A 395 33.72 -13.04 -25.16
CA ASP A 395 33.51 -11.85 -25.95
C ASP A 395 32.96 -10.71 -25.10
N ALA A 396 33.08 -9.49 -25.62
CA ALA A 396 32.61 -8.32 -24.90
C ALA A 396 31.09 -8.39 -24.72
N LEU A 397 30.58 -7.54 -23.81
CA LEU A 397 29.18 -7.59 -23.45
C LEU A 397 28.30 -6.89 -24.48
N HIS A 398 28.53 -5.61 -24.70
CA HIS A 398 27.73 -4.82 -25.66
C HIS A 398 26.26 -4.93 -25.23
N TYR A 399 25.33 -5.11 -26.16
CA TYR A 399 23.92 -5.06 -25.84
C TYR A 399 23.38 -6.33 -25.21
N GLN A 400 24.23 -7.27 -24.80
CA GLN A 400 23.73 -8.55 -24.30
C GLN A 400 22.93 -8.38 -23.02
N LEU A 401 23.41 -7.54 -22.11
CA LEU A 401 22.73 -7.25 -20.85
C LEU A 401 22.31 -5.79 -20.79
N ALA A 402 21.94 -5.23 -21.94
CA ALA A 402 21.63 -3.80 -22.01
C ALA A 402 20.44 -3.44 -21.13
N GLN A 403 19.59 -4.41 -20.83
CA GLN A 403 18.41 -4.16 -20.00
C GLN A 403 17.61 -2.96 -20.52
N ILE A 404 17.14 -3.07 -21.74
CA ILE A 404 16.30 -2.03 -22.33
C ILE A 404 14.92 -2.08 -21.71
N GLY A 405 14.31 -0.92 -21.56
CA GLY A 405 13.09 -0.79 -20.80
C GLY A 405 13.29 -0.56 -19.33
N PHE A 406 14.52 -0.38 -18.88
CA PHE A 406 14.78 -0.12 -17.47
C PHE A 406 14.07 1.15 -17.02
N SER A 407 14.15 2.19 -17.83
CA SER A 407 13.30 3.37 -17.70
C SER A 407 12.60 3.57 -19.04
N ALA A 408 11.59 4.45 -19.05
CA ALA A 408 10.79 4.62 -20.24
C ALA A 408 10.20 6.02 -20.26
N GLN A 409 9.74 6.42 -21.45
CA GLN A 409 9.11 7.71 -21.65
C GLN A 409 8.40 7.72 -23.00
N ILE A 410 7.13 8.09 -23.02
CA ILE A 410 6.38 8.16 -24.28
C ILE A 410 6.55 9.55 -24.87
N LEU A 411 7.18 9.62 -26.04
CA LEU A 411 7.42 10.90 -26.70
C LEU A 411 6.19 11.36 -27.47
N ASP A 412 5.60 10.47 -28.25
CA ASP A 412 4.34 10.75 -28.94
C ASP A 412 3.70 9.42 -29.28
N GLU A 413 2.73 9.45 -30.20
CA GLU A 413 1.95 8.26 -30.52
C GLU A 413 2.81 7.09 -30.95
N ARG A 414 4.00 7.36 -31.48
CA ARG A 414 4.82 6.33 -32.12
C ARG A 414 6.13 6.09 -31.39
N GLN A 415 6.80 7.15 -30.96
CA GLN A 415 8.16 7.10 -30.47
C GLN A 415 8.20 6.97 -28.95
N VAL A 416 9.09 6.11 -28.47
CA VAL A 416 9.36 5.97 -27.04
C VAL A 416 10.85 6.12 -26.82
N LEU A 417 11.21 6.55 -25.61
CA LEU A 417 12.60 6.63 -25.17
C LEU A 417 12.78 5.65 -24.02
N LEU A 418 13.69 4.70 -24.19
CA LEU A 418 13.91 3.63 -23.24
C LEU A 418 15.34 3.67 -22.72
N GLY A 419 15.51 3.34 -21.45
CA GLY A 419 16.84 3.34 -20.86
C GLY A 419 17.56 2.03 -21.09
N ALA A 420 18.89 2.11 -21.16
CA ALA A 420 19.75 0.99 -21.52
C ALA A 420 20.97 0.94 -20.59
N VAL A 421 20.72 0.90 -19.29
CA VAL A 421 21.76 1.05 -18.28
C VAL A 421 22.95 0.12 -18.52
N GLY A 422 22.68 -1.12 -18.91
CA GLY A 422 23.75 -2.09 -19.08
C GLY A 422 24.34 -2.14 -20.46
N ALA A 423 24.40 -0.99 -21.14
CA ALA A 423 24.60 -0.99 -22.59
C ALA A 423 25.98 -1.49 -22.98
N PHE A 424 27.03 -0.93 -22.39
CA PHE A 424 28.41 -1.22 -22.81
C PHE A 424 29.25 -1.31 -21.54
N ASP A 425 29.36 -2.51 -20.98
CA ASP A 425 30.00 -2.68 -19.69
C ASP A 425 29.32 -1.78 -18.65
N TRP A 426 28.00 -1.71 -18.74
CA TRP A 426 27.18 -0.87 -17.87
C TRP A 426 27.55 0.60 -18.01
N SER A 427 28.01 1.00 -19.19
CA SER A 427 28.16 2.42 -19.49
C SER A 427 26.80 3.09 -19.59
N GLY A 428 25.84 2.44 -20.25
CA GLY A 428 24.48 2.93 -20.32
C GLY A 428 24.16 3.56 -21.67
N GLY A 429 23.00 4.19 -21.69
CA GLY A 429 22.52 4.86 -22.89
C GLY A 429 21.01 4.84 -22.91
N ALA A 430 20.46 5.23 -24.05
CA ALA A 430 19.02 5.23 -24.27
C ALA A 430 18.74 4.90 -25.72
N LEU A 431 17.68 4.14 -25.94
CA LEU A 431 17.25 3.75 -27.28
C LEU A 431 16.02 4.56 -27.64
N LEU A 432 16.07 5.19 -28.82
CA LEU A 432 14.96 5.97 -29.34
C LEU A 432 14.23 5.10 -30.35
N TYR A 433 13.11 4.52 -29.93
CA TYR A 433 12.43 3.47 -30.66
C TYR A 433 11.16 4.00 -31.31
N ASP A 434 10.97 3.64 -32.58
CA ASP A 434 9.78 4.00 -33.33
C ASP A 434 8.93 2.74 -33.43
N THR A 435 7.81 2.72 -32.71
CA THR A 435 7.08 1.48 -32.53
C THR A 435 6.33 1.04 -33.78
N ARG A 436 6.21 1.90 -34.78
CA ARG A 436 5.53 1.52 -36.02
C ARG A 436 6.52 0.94 -37.03
N SER A 437 7.61 1.67 -37.29
CA SER A 437 8.64 1.18 -38.19
C SER A 437 9.53 0.12 -37.55
N ARG A 438 9.49 -0.01 -36.23
CA ARG A 438 10.23 -1.04 -35.51
C ARG A 438 11.75 -0.88 -35.65
N ARG A 439 12.22 0.37 -35.68
CA ARG A 439 13.64 0.66 -35.81
C ARG A 439 14.03 1.69 -34.77
N GLY A 440 15.27 1.61 -34.29
CA GLY A 440 15.70 2.45 -33.18
C GLY A 440 17.14 2.89 -33.34
N ARG A 441 17.47 3.95 -32.62
CA ARG A 441 18.81 4.51 -32.59
C ARG A 441 19.32 4.50 -31.17
N PHE A 442 20.57 4.12 -30.97
CA PHE A 442 21.18 4.09 -29.66
C PHE A 442 21.97 5.37 -29.44
N LEU A 443 21.70 6.04 -28.32
CA LEU A 443 22.32 7.31 -27.97
C LEU A 443 23.08 7.14 -26.66
N ASN A 444 24.32 7.61 -26.63
CA ASN A 444 25.16 7.45 -25.46
C ASN A 444 26.28 8.47 -25.50
N GLN A 445 27.16 8.40 -24.51
CA GLN A 445 28.32 9.29 -24.45
C GLN A 445 29.35 8.87 -25.48
N THR A 446 29.91 9.85 -26.18
CA THR A 446 30.91 9.53 -27.21
C THR A 446 32.09 8.82 -26.58
N ALA A 447 32.50 7.72 -27.22
CA ALA A 447 33.57 6.89 -26.65
C ALA A 447 34.91 7.59 -26.72
N ALA A 448 35.21 8.23 -27.84
CA ALA A 448 36.53 8.85 -28.05
C ALA A 448 37.58 7.73 -27.98
N ALA A 449 38.75 7.97 -27.41
CA ALA A 449 39.76 6.93 -27.33
C ALA A 449 39.37 5.87 -26.31
N ALA A 450 40.07 4.74 -26.36
CA ALA A 450 39.76 3.64 -25.44
C ALA A 450 39.99 4.04 -23.99
N ALA A 451 40.95 4.93 -23.74
CA ALA A 451 41.19 5.36 -22.36
C ALA A 451 39.97 6.04 -21.76
N ASP A 452 39.17 6.72 -22.60
CA ASP A 452 37.97 7.39 -22.13
C ASP A 452 36.77 6.45 -22.04
N ALA A 453 36.69 5.47 -22.95
CA ALA A 453 35.58 4.53 -22.92
C ALA A 453 35.57 3.71 -21.63
N GLU A 454 36.76 3.27 -21.19
CA GLU A 454 36.84 2.53 -19.94
C GLU A 454 36.45 3.39 -18.75
N ALA A 455 36.75 4.69 -18.82
CA ALA A 455 36.42 5.59 -17.72
C ALA A 455 34.92 5.79 -17.57
N ALA A 456 34.14 5.53 -18.61
CA ALA A 456 32.70 5.70 -18.56
C ALA A 456 31.97 4.43 -18.13
N GLN A 457 32.68 3.34 -17.87
CA GLN A 457 32.03 2.11 -17.46
C GLN A 457 31.45 2.25 -16.06
N TYR A 458 30.31 1.58 -15.86
CA TYR A 458 29.64 1.56 -14.56
C TYR A 458 29.21 2.96 -14.13
N SER A 459 28.60 3.69 -15.06
CA SER A 459 27.93 4.96 -14.74
C SER A 459 26.43 4.79 -14.61
N TYR A 460 25.86 3.75 -15.19
CA TYR A 460 24.42 3.53 -15.18
C TYR A 460 23.66 4.67 -15.83
N LEU A 461 24.10 5.10 -17.01
CA LEU A 461 23.36 6.10 -17.75
C LEU A 461 22.08 5.49 -18.30
N GLY A 462 20.98 6.21 -18.20
CA GLY A 462 19.68 5.67 -18.52
C GLY A 462 18.95 5.07 -17.35
N TYR A 463 19.47 5.21 -16.14
CA TYR A 463 18.73 4.79 -14.95
C TYR A 463 17.40 5.52 -14.86
N ALA A 464 17.37 6.80 -15.27
CA ALA A 464 16.16 7.60 -15.33
C ALA A 464 16.21 8.44 -16.59
N VAL A 465 15.05 8.61 -17.22
CA VAL A 465 14.94 9.39 -18.45
C VAL A 465 13.79 10.37 -18.31
N ALA A 466 13.93 11.53 -18.95
CA ALA A 466 12.89 12.55 -18.90
C ALA A 466 13.02 13.47 -20.10
N VAL A 467 11.97 14.23 -20.36
CA VAL A 467 11.89 15.15 -21.48
C VAL A 467 11.63 16.55 -20.96
N LEU A 468 12.34 17.53 -21.52
CA LEU A 468 12.11 18.93 -21.22
C LEU A 468 11.42 19.59 -22.41
N HIS A 469 10.43 20.42 -22.13
CA HIS A 469 9.64 21.06 -23.17
C HIS A 469 10.01 22.54 -23.21
N LYS A 470 10.67 22.97 -24.27
CA LYS A 470 10.99 24.37 -24.45
C LYS A 470 9.98 25.02 -25.39
N THR A 471 10.11 26.33 -25.55
CA THR A 471 9.14 27.10 -26.32
C THR A 471 9.09 26.62 -27.77
N CYS A 472 10.17 26.06 -28.29
CA CYS A 472 10.26 25.70 -29.70
C CYS A 472 10.83 24.32 -29.97
N SER A 473 11.32 23.61 -28.97
CA SER A 473 11.98 22.34 -29.23
C SER A 473 11.93 21.45 -27.99
N LEU A 474 12.22 20.17 -28.18
CA LEU A 474 12.29 19.20 -27.10
C LEU A 474 13.74 19.02 -26.66
N SER A 475 13.94 18.24 -25.60
CA SER A 475 15.27 17.93 -25.12
C SER A 475 15.25 16.73 -24.18
N TYR A 476 16.04 15.71 -24.49
CA TYR A 476 16.07 14.49 -23.71
C TYR A 476 17.18 14.54 -22.68
N ILE A 477 16.87 14.13 -21.45
CA ILE A 477 17.84 14.10 -20.37
C ILE A 477 17.83 12.71 -19.77
N ALA A 478 18.97 12.33 -19.17
CA ALA A 478 19.15 10.98 -18.64
C ALA A 478 19.88 11.06 -17.31
N GLY A 479 19.83 9.96 -16.56
CA GLY A 479 20.39 9.90 -15.23
C GLY A 479 21.52 8.88 -15.15
N ALA A 480 22.60 9.26 -14.49
CA ALA A 480 23.79 8.44 -14.31
C ALA A 480 24.20 8.49 -12.85
N PRO A 481 23.51 7.78 -11.97
CA PRO A 481 23.78 7.93 -10.53
C PRO A 481 25.17 7.51 -10.11
N ARG A 482 25.84 6.65 -10.88
CA ARG A 482 27.16 6.17 -10.52
C ARG A 482 28.28 6.97 -11.19
N TYR A 483 27.96 8.06 -11.87
CA TYR A 483 28.96 8.81 -12.62
C TYR A 483 29.95 9.47 -11.67
N LYS A 484 31.22 9.10 -11.79
CA LYS A 484 32.28 9.61 -10.92
C LYS A 484 31.94 9.36 -9.46
N HIS A 485 31.11 8.35 -9.21
CA HIS A 485 30.73 7.86 -7.90
C HIS A 485 29.88 8.82 -7.10
N HIS A 486 29.33 9.87 -7.72
CA HIS A 486 28.37 10.73 -7.04
C HIS A 486 27.16 11.11 -7.88
N GLY A 487 27.13 10.78 -9.17
CA GLY A 487 25.96 10.97 -9.99
C GLY A 487 26.13 12.13 -10.97
N ALA A 488 25.17 12.21 -11.89
CA ALA A 488 25.16 13.25 -12.92
C ALA A 488 23.89 13.14 -13.74
N VAL A 489 23.59 14.20 -14.49
CA VAL A 489 22.47 14.24 -15.42
C VAL A 489 23.01 14.63 -16.79
N PHE A 490 22.66 13.86 -17.80
CA PHE A 490 23.13 14.07 -19.16
C PHE A 490 22.05 14.72 -20.02
N GLU A 491 22.47 15.25 -21.16
CA GLU A 491 21.57 15.92 -22.09
C GLU A 491 22.05 15.70 -23.51
N LEU A 492 21.10 15.45 -24.40
CA LEU A 492 21.40 15.12 -25.79
C LEU A 492 21.71 16.39 -26.56
N GLN A 493 22.95 16.54 -27.00
CA GLN A 493 23.36 17.63 -27.87
C GLN A 493 23.46 17.10 -29.28
N LYS A 494 22.80 17.79 -30.21
CA LYS A 494 22.69 17.36 -31.59
C LYS A 494 23.47 18.30 -32.49
N GLU A 495 24.34 17.73 -33.33
CA GLU A 495 25.18 18.50 -34.25
C GLU A 495 25.18 17.76 -35.59
N GLY A 496 24.24 18.11 -36.44
CA GLY A 496 24.10 17.39 -37.70
C GLY A 496 23.80 15.92 -37.43
N ARG A 497 24.58 15.05 -38.08
CA ARG A 497 24.38 13.62 -37.89
C ARG A 497 24.58 13.21 -36.44
N GLU A 498 25.64 13.71 -35.81
CA GLU A 498 26.08 13.20 -34.52
C GLU A 498 25.19 13.72 -33.39
N ALA A 499 24.58 12.82 -32.65
CA ALA A 499 23.83 13.14 -31.45
C ALA A 499 24.34 12.28 -30.31
N SER A 500 24.64 12.91 -29.18
CA SER A 500 25.23 12.21 -28.05
C SER A 500 24.89 12.92 -26.76
N PHE A 501 25.01 12.20 -25.66
CA PHE A 501 24.76 12.73 -24.33
C PHE A 501 26.01 13.37 -23.76
N LEU A 502 25.84 14.48 -23.05
CA LEU A 502 26.92 15.14 -22.34
C LEU A 502 26.48 15.50 -20.93
N PRO A 503 27.40 15.57 -19.97
CA PRO A 503 27.01 15.95 -18.60
C PRO A 503 26.75 17.44 -18.49
N VAL A 504 25.67 17.78 -17.80
CA VAL A 504 25.32 19.18 -17.56
C VAL A 504 25.33 19.48 -16.07
N LEU A 505 24.85 18.54 -15.27
CA LEU A 505 24.80 18.67 -13.81
C LEU A 505 25.52 17.48 -13.18
N GLU A 506 26.13 17.70 -12.03
CA GLU A 506 26.81 16.65 -11.30
C GLU A 506 26.49 16.75 -9.82
N GLY A 507 26.57 15.62 -9.12
CA GLY A 507 26.38 15.57 -7.69
C GLY A 507 27.64 15.99 -6.95
N GLU A 508 27.51 16.06 -5.63
CA GLU A 508 28.62 16.48 -4.79
C GLU A 508 29.10 15.38 -3.85
N GLN A 509 28.22 14.55 -3.32
CA GLN A 509 28.60 13.53 -2.34
C GLN A 509 28.65 12.17 -3.01
N MET A 510 29.64 11.38 -2.61
CA MET A 510 29.79 10.03 -3.13
C MET A 510 28.67 9.12 -2.63
N GLY A 511 28.13 8.32 -3.53
CA GLY A 511 27.10 7.37 -3.16
C GLY A 511 25.74 7.96 -2.90
N SER A 512 25.52 9.23 -3.23
CA SER A 512 24.24 9.87 -3.01
C SER A 512 23.24 9.60 -4.11
N TYR A 513 23.67 8.96 -5.20
CA TYR A 513 22.77 8.57 -6.29
C TYR A 513 22.07 9.79 -6.89
N PHE A 514 22.82 10.86 -7.06
CA PHE A 514 22.32 12.03 -7.77
C PHE A 514 21.92 11.64 -9.19
N GLY A 515 20.75 12.10 -9.62
CA GLY A 515 20.26 11.78 -10.93
C GLY A 515 19.44 10.51 -11.02
N SER A 516 19.12 9.89 -9.90
CA SER A 516 18.34 8.65 -9.94
C SER A 516 16.86 8.91 -10.16
N GLU A 517 16.39 10.13 -9.90
CA GLU A 517 15.00 10.49 -10.12
C GLU A 517 14.95 11.87 -10.75
N LEU A 518 14.08 12.03 -11.74
CA LEU A 518 13.94 13.30 -12.45
C LEU A 518 12.46 13.68 -12.50
N CYS A 519 12.19 14.97 -12.43
CA CYS A 519 10.82 15.47 -12.44
C CYS A 519 10.75 16.86 -13.04
N PRO A 520 10.63 16.98 -14.36
CA PRO A 520 10.38 18.30 -14.95
C PRO A 520 9.02 18.83 -14.53
N VAL A 521 8.98 20.11 -14.19
CA VAL A 521 7.79 20.76 -13.65
C VAL A 521 7.46 21.95 -14.54
N ASP A 522 6.19 22.04 -14.96
CA ASP A 522 5.68 23.17 -15.72
C ASP A 522 4.69 23.91 -14.82
N ILE A 523 5.15 25.02 -14.23
CA ILE A 523 4.39 25.64 -13.15
C ILE A 523 3.07 26.21 -13.64
N ASP A 524 3.10 26.99 -14.71
CA ASP A 524 1.90 27.64 -15.20
C ASP A 524 1.26 26.91 -16.38
N MET A 525 1.69 25.67 -16.64
CA MET A 525 1.02 24.81 -17.61
C MET A 525 0.87 25.48 -18.97
N ASP A 526 1.89 26.22 -19.39
CA ASP A 526 1.90 26.84 -20.70
C ASP A 526 2.56 25.99 -21.77
N GLY A 527 3.02 24.79 -21.42
CA GLY A 527 3.70 23.94 -22.37
C GLY A 527 5.20 24.08 -22.37
N SER A 528 5.78 24.74 -21.37
CA SER A 528 7.20 24.99 -21.31
C SER A 528 7.71 24.71 -19.91
N THR A 529 8.61 23.73 -19.78
CA THR A 529 9.20 23.39 -18.50
C THR A 529 9.92 24.60 -17.90
N ASP A 530 9.75 24.78 -16.60
CA ASP A 530 10.36 25.87 -15.86
C ASP A 530 11.34 25.42 -14.79
N PHE A 531 11.21 24.22 -14.25
CA PHE A 531 12.12 23.72 -13.23
C PHE A 531 12.40 22.24 -13.46
N LEU A 532 13.52 21.78 -12.91
CA LEU A 532 13.91 20.38 -12.98
C LEU A 532 14.35 19.92 -11.60
N LEU A 533 13.69 18.89 -11.08
CA LEU A 533 13.95 18.37 -9.76
C LEU A 533 14.81 17.11 -9.88
N VAL A 534 15.98 17.12 -9.25
CA VAL A 534 16.93 16.02 -9.32
C VAL A 534 17.17 15.51 -7.91
N ALA A 535 16.94 14.22 -7.70
CA ALA A 535 17.00 13.64 -6.37
C ALA A 535 18.32 12.93 -6.13
N ALA A 536 18.79 13.02 -4.89
CA ALA A 536 19.95 12.27 -4.39
C ALA A 536 19.50 11.56 -3.13
N PRO A 537 18.65 10.54 -3.26
CA PRO A 537 17.92 10.02 -2.09
C PRO A 537 18.81 9.51 -0.98
N PHE A 538 20.02 9.03 -1.28
CA PHE A 538 20.89 8.44 -0.27
C PHE A 538 21.90 9.44 0.26
N TYR A 539 21.63 10.73 0.14
CA TYR A 539 22.53 11.72 0.71
C TYR A 539 22.67 11.47 2.21
N HIS A 540 23.87 11.71 2.73
CA HIS A 540 24.22 11.27 4.08
C HIS A 540 24.74 12.45 4.89
N VAL A 541 24.15 12.66 6.06
CA VAL A 541 24.70 13.55 7.08
C VAL A 541 24.83 12.74 8.35
N HIS A 542 23.70 12.23 8.85
CA HIS A 542 23.67 11.18 9.87
C HIS A 542 22.76 10.10 9.30
N GLY A 543 23.34 9.03 8.81
CA GLY A 543 22.54 8.08 8.07
C GLY A 543 22.21 8.63 6.69
N GLU A 544 21.17 8.05 6.09
CA GLU A 544 20.75 8.40 4.73
C GLU A 544 19.48 9.23 4.81
N GLU A 545 19.64 10.54 4.70
CA GLU A 545 18.51 11.47 4.79
C GLU A 545 17.99 11.89 3.44
N GLY A 546 18.86 12.05 2.45
CA GLY A 546 18.46 12.42 1.12
C GLY A 546 18.42 13.91 0.91
N ARG A 547 18.34 14.30 -0.35
CA ARG A 547 18.37 15.69 -0.74
C ARG A 547 17.71 15.82 -2.11
N VAL A 548 17.16 16.99 -2.40
CA VAL A 548 16.53 17.25 -3.69
C VAL A 548 16.99 18.62 -4.18
N TYR A 549 17.45 18.68 -5.42
CA TYR A 549 17.96 19.90 -6.00
C TYR A 549 16.95 20.46 -6.99
N VAL A 550 16.53 21.69 -6.78
CA VAL A 550 15.59 22.38 -7.65
C VAL A 550 16.40 23.24 -8.60
N TYR A 551 16.24 23.01 -9.90
CA TYR A 551 17.05 23.66 -10.92
C TYR A 551 16.14 24.51 -11.81
N ARG A 552 16.48 25.78 -11.96
CA ARG A 552 15.72 26.67 -12.81
C ARG A 552 16.23 26.58 -14.25
N LEU A 553 15.29 26.60 -15.19
CA LEU A 553 15.58 26.48 -16.61
C LEU A 553 15.47 27.85 -17.25
N SER A 554 16.55 28.29 -17.91
CA SER A 554 16.57 29.60 -18.54
C SER A 554 15.63 29.65 -19.73
N GLU A 555 14.92 30.76 -19.87
CA GLU A 555 14.01 30.93 -20.99
C GLU A 555 14.73 31.33 -22.27
N GLN A 556 16.03 31.63 -22.18
CA GLN A 556 16.79 32.09 -23.34
C GLN A 556 17.68 30.98 -23.91
N ASP A 557 18.44 30.30 -23.05
CA ASP A 557 19.43 29.34 -23.50
C ASP A 557 19.12 27.91 -23.10
N GLY A 558 18.13 27.69 -22.24
CA GLY A 558 17.87 26.37 -21.73
C GLY A 558 18.87 25.89 -20.70
N SER A 559 19.73 26.78 -20.21
CA SER A 559 20.72 26.40 -19.23
C SER A 559 20.06 26.10 -17.88
N PHE A 560 20.86 25.53 -16.99
CA PHE A 560 20.40 25.20 -15.64
C PHE A 560 21.11 26.07 -14.62
N SER A 561 20.39 26.43 -13.57
CA SER A 561 20.95 27.22 -12.49
C SER A 561 20.25 26.85 -11.20
N LEU A 562 21.03 26.40 -10.23
CA LEU A 562 20.47 25.94 -8.96
C LEU A 562 19.69 27.05 -8.29
N ALA A 563 18.51 26.71 -7.79
CA ALA A 563 17.62 27.64 -7.11
C ALA A 563 17.41 27.31 -5.64
N ARG A 564 17.56 26.05 -5.25
CA ARG A 564 17.18 25.64 -3.91
C ARG A 564 17.62 24.20 -3.68
N ILE A 565 17.80 23.87 -2.42
CA ILE A 565 18.06 22.50 -1.98
C ILE A 565 17.05 22.16 -0.90
N LEU A 566 16.31 21.08 -1.10
CA LEU A 566 15.22 20.69 -0.22
C LEU A 566 15.62 19.49 0.61
N SER A 567 15.24 19.51 1.88
CA SER A 567 15.53 18.43 2.80
C SER A 567 14.27 18.10 3.58
N GLY A 568 14.27 16.91 4.18
CA GLY A 568 13.12 16.46 4.91
C GLY A 568 13.01 17.10 6.27
N HIS A 569 12.03 16.64 7.03
CA HIS A 569 11.77 17.18 8.36
C HIS A 569 12.98 16.92 9.25
N PRO A 570 13.52 17.93 9.92
CA PRO A 570 14.68 17.68 10.80
C PRO A 570 14.27 16.88 12.02
N GLY A 571 14.93 15.75 12.21
CA GLY A 571 14.60 14.87 13.31
C GLY A 571 14.68 13.41 12.94
N PHE A 572 14.98 13.12 11.68
CA PHE A 572 15.06 11.77 11.17
C PHE A 572 16.40 11.58 10.49
N THR A 573 17.18 10.62 10.96
CA THR A 573 18.45 10.31 10.33
C THR A 573 18.29 9.41 9.10
N ASN A 574 17.20 8.66 9.02
CA ASN A 574 16.93 7.79 7.88
C ASN A 574 15.55 8.15 7.34
N ALA A 575 15.53 8.85 6.22
CA ALA A 575 14.31 9.27 5.55
C ALA A 575 14.27 8.93 4.08
N ARG A 576 15.42 8.87 3.41
CA ARG A 576 15.48 8.59 1.98
C ARG A 576 14.62 9.59 1.21
N PHE A 577 14.71 10.86 1.61
CA PHE A 577 13.94 11.91 1.00
C PHE A 577 14.36 12.14 -0.44
N GLY A 578 13.39 12.18 -1.35
CA GLY A 578 13.66 12.32 -2.76
C GLY A 578 13.63 11.05 -3.56
N PHE A 579 13.29 9.92 -2.93
CA PHE A 579 13.29 8.66 -3.64
C PHE A 579 12.21 8.65 -4.73
N ALA A 580 11.08 9.29 -4.48
CA ALA A 580 10.00 9.41 -5.45
C ALA A 580 9.50 10.84 -5.47
N MET A 581 9.38 11.39 -6.67
CA MET A 581 8.80 12.72 -6.88
C MET A 581 7.88 12.67 -8.09
N ALA A 582 6.89 13.55 -8.10
CA ALA A 582 5.93 13.60 -9.18
C ALA A 582 5.24 14.95 -9.20
N ALA A 583 4.93 15.42 -10.40
CA ALA A 583 4.13 16.61 -10.59
C ALA A 583 2.66 16.21 -10.59
N MET A 584 1.93 16.64 -9.58
CA MET A 584 0.59 16.15 -9.31
C MET A 584 -0.49 17.06 -9.89
N GLY A 585 -0.22 17.66 -11.04
CA GLY A 585 -1.20 18.56 -11.60
C GLY A 585 -1.46 19.71 -10.66
N ASP A 586 -2.72 20.11 -10.60
CA ASP A 586 -3.16 21.20 -9.74
C ASP A 586 -4.06 20.63 -8.65
N LEU A 587 -3.59 20.68 -7.41
CA LEU A 587 -4.36 20.26 -6.27
C LEU A 587 -5.00 21.43 -5.54
N SER A 588 -4.21 22.48 -5.27
CA SER A 588 -4.70 23.65 -4.54
C SER A 588 -5.71 24.46 -5.33
N GLN A 589 -5.87 24.21 -6.63
CA GLN A 589 -6.86 24.85 -7.47
C GLN A 589 -6.52 26.31 -7.78
N ASP A 590 -5.24 26.65 -7.85
CA ASP A 590 -4.79 27.96 -8.31
C ASP A 590 -4.33 27.95 -9.76
N LYS A 591 -4.41 26.81 -10.43
CA LYS A 591 -3.99 26.67 -11.83
C LYS A 591 -2.47 26.71 -11.98
N LEU A 592 -1.75 26.47 -10.89
CA LEU A 592 -0.31 26.25 -10.91
C LEU A 592 -0.03 24.83 -10.43
N THR A 593 0.95 24.19 -11.05
CA THR A 593 1.28 22.81 -10.71
C THR A 593 1.85 22.71 -9.31
N ASP A 594 1.62 21.55 -8.68
CA ASP A 594 2.07 21.27 -7.32
C ASP A 594 2.80 19.95 -7.29
N VAL A 595 3.95 19.92 -6.63
CA VAL A 595 4.84 18.77 -6.64
C VAL A 595 4.66 17.96 -5.37
N ALA A 596 5.06 16.70 -5.42
CA ALA A 596 5.05 15.81 -4.27
C ALA A 596 6.39 15.08 -4.19
N ILE A 597 6.83 14.83 -2.95
CA ILE A 597 8.10 14.15 -2.70
C ILE A 597 7.85 13.12 -1.62
N GLY A 598 8.62 12.04 -1.65
CA GLY A 598 8.44 10.92 -0.73
C GLY A 598 9.66 10.70 0.14
N ALA A 599 9.42 10.31 1.38
CA ALA A 599 10.46 9.94 2.34
C ALA A 599 10.10 8.58 2.91
N PRO A 600 10.33 7.50 2.16
CA PRO A 600 9.76 6.20 2.55
C PRO A 600 10.32 5.60 3.83
N LEU A 601 11.46 6.10 4.33
CA LEU A 601 12.07 5.55 5.53
C LEU A 601 11.85 6.42 6.77
N GLU A 602 10.98 7.41 6.69
CA GLU A 602 10.82 8.38 7.78
C GLU A 602 10.08 7.73 8.95
N GLY A 603 10.82 7.35 9.98
CA GLY A 603 10.24 6.66 11.12
C GLY A 603 10.44 5.16 11.15
N PHE A 604 11.32 4.63 10.31
CA PHE A 604 11.52 3.19 10.24
C PHE A 604 12.16 2.67 11.52
N GLY A 605 11.65 1.55 12.01
CA GLY A 605 12.23 0.87 13.14
C GLY A 605 11.92 1.46 14.50
N ALA A 606 11.14 2.53 14.55
CA ALA A 606 10.86 3.21 15.81
C ALA A 606 9.62 2.61 16.46
N ASP A 607 9.68 2.42 17.78
CA ASP A 607 8.57 1.88 18.55
C ASP A 607 8.13 0.55 17.96
N ASP A 608 6.82 0.30 17.90
CA ASP A 608 6.30 -0.94 17.35
C ASP A 608 6.48 -1.02 15.84
N GLY A 609 6.85 0.08 15.18
CA GLY A 609 6.99 0.07 13.73
C GLY A 609 5.68 -0.11 13.01
N ALA A 610 4.60 0.48 13.53
CA ALA A 610 3.30 0.29 12.91
C ALA A 610 3.27 0.83 11.49
N SER A 611 3.87 1.99 11.27
CA SER A 611 3.86 2.60 9.96
C SER A 611 5.00 3.59 9.85
N PHE A 612 5.54 3.72 8.64
CA PHE A 612 6.61 4.68 8.42
C PHE A 612 6.58 5.11 6.97
N GLY A 613 7.25 6.21 6.70
CA GLY A 613 7.20 6.87 5.42
C GLY A 613 6.34 8.11 5.47
N SER A 614 6.66 9.09 4.64
CA SER A 614 5.88 10.32 4.57
C SER A 614 5.80 10.77 3.13
N VAL A 615 4.97 11.79 2.90
CA VAL A 615 4.88 12.47 1.61
C VAL A 615 4.78 13.96 1.88
N TYR A 616 5.63 14.74 1.23
CA TYR A 616 5.62 16.19 1.31
C TYR A 616 4.92 16.74 0.08
N ILE A 617 4.11 17.78 0.29
CA ILE A 617 3.35 18.41 -0.78
C ILE A 617 3.80 19.86 -0.89
N TYR A 618 4.43 20.20 -2.01
CA TYR A 618 4.91 21.54 -2.29
C TYR A 618 3.98 22.20 -3.31
N ASN A 619 3.57 23.43 -3.04
CA ASN A 619 2.70 24.17 -3.93
C ASN A 619 3.53 25.08 -4.83
N GLY A 620 3.08 25.24 -6.07
CA GLY A 620 3.79 26.07 -7.01
C GLY A 620 3.30 27.50 -7.00
N HIS A 621 4.24 28.42 -7.26
CA HIS A 621 3.98 29.84 -7.29
C HIS A 621 4.54 30.42 -8.58
N TRP A 622 4.23 31.69 -8.82
CA TRP A 622 4.77 32.35 -10.01
C TRP A 622 6.28 32.39 -10.00
N ASP A 623 6.91 32.47 -8.83
CA ASP A 623 8.35 32.54 -8.70
C ASP A 623 9.00 31.17 -8.54
N GLY A 624 8.21 30.10 -8.58
CA GLY A 624 8.74 28.76 -8.46
C GLY A 624 8.14 27.99 -7.30
N LEU A 625 8.78 26.87 -7.01
CA LEU A 625 8.29 25.97 -5.97
C LEU A 625 8.39 26.61 -4.60
N SER A 626 7.47 26.22 -3.72
CA SER A 626 7.45 26.76 -2.37
C SER A 626 8.77 26.49 -1.66
N ALA A 627 9.07 27.33 -0.66
CA ALA A 627 10.27 27.12 0.13
C ALA A 627 10.10 25.99 1.12
N SER A 628 8.92 25.87 1.73
CA SER A 628 8.64 24.84 2.72
C SER A 628 7.36 24.11 2.35
N PRO A 629 7.23 22.86 2.75
CA PRO A 629 6.06 22.07 2.35
C PRO A 629 4.78 22.61 2.98
N SER A 630 3.69 22.50 2.24
CA SER A 630 2.38 22.84 2.73
C SER A 630 1.69 21.69 3.44
N GLN A 631 2.20 20.47 3.30
CA GLN A 631 1.61 19.33 3.99
C GLN A 631 2.67 18.27 4.17
N ARG A 632 2.42 17.37 5.13
CA ARG A 632 3.32 16.26 5.40
C ARG A 632 2.45 15.10 5.87
N ILE A 633 2.08 14.22 4.95
CA ILE A 633 1.27 13.06 5.28
C ILE A 633 2.18 11.98 5.83
N ARG A 634 1.87 11.53 7.04
CA ARG A 634 2.67 10.51 7.73
C ARG A 634 1.92 9.19 7.73
N ALA A 635 2.67 8.11 7.50
CA ALA A 635 2.03 6.81 7.32
C ALA A 635 1.18 6.42 8.52
N SER A 636 1.61 6.81 9.73
CA SER A 636 0.92 6.35 10.92
C SER A 636 -0.46 6.96 11.05
N THR A 637 -0.66 8.15 10.49
CA THR A 637 -1.95 8.82 10.55
C THR A 637 -2.89 8.43 9.43
N VAL A 638 -2.47 7.53 8.55
CA VAL A 638 -3.30 7.10 7.42
C VAL A 638 -4.00 5.79 7.78
N ALA A 639 -3.23 4.80 8.21
CA ALA A 639 -3.78 3.51 8.57
C ALA A 639 -2.67 2.67 9.18
N PRO A 640 -3.03 1.61 9.91
CA PRO A 640 -2.01 0.74 10.49
C PRO A 640 -1.50 -0.29 9.51
N GLY A 641 -0.18 -0.51 9.55
CA GLY A 641 0.46 -1.54 8.77
C GLY A 641 1.21 -1.09 7.54
N LEU A 642 1.21 0.21 7.23
CA LEU A 642 1.82 0.71 5.99
C LEU A 642 3.34 0.71 6.12
N GLN A 643 4.02 0.04 5.20
CA GLN A 643 5.48 -0.06 5.20
C GLN A 643 6.03 0.62 3.96
N TYR A 644 6.91 1.60 4.17
CA TYR A 644 7.52 2.35 3.07
C TYR A 644 6.49 3.19 2.33
N PHE A 645 5.76 4.01 3.07
CA PHE A 645 4.78 4.92 2.49
C PHE A 645 5.50 6.06 1.79
N GLY A 646 5.35 6.16 0.48
CA GLY A 646 5.91 7.27 -0.26
C GLY A 646 7.04 6.94 -1.21
N MET A 647 6.99 5.77 -1.85
CA MET A 647 7.99 5.42 -2.87
C MET A 647 7.42 5.36 -4.27
N SER A 648 6.17 5.77 -4.46
CA SER A 648 5.60 5.95 -5.79
C SER A 648 4.40 6.87 -5.64
N MET A 649 4.18 7.73 -6.63
CA MET A 649 3.11 8.71 -6.53
C MET A 649 2.58 9.08 -7.90
N ALA A 650 1.36 9.60 -7.91
CA ALA A 650 0.72 10.12 -9.11
C ALA A 650 -0.43 11.01 -8.69
N GLY A 651 -0.89 11.84 -9.61
CA GLY A 651 -2.00 12.72 -9.32
C GLY A 651 -2.51 13.41 -10.56
N GLY A 652 -3.50 14.27 -10.37
CA GLY A 652 -4.02 15.11 -11.42
C GLY A 652 -5.25 14.62 -12.14
N PHE A 653 -5.91 13.57 -11.64
CA PHE A 653 -7.12 13.05 -12.27
C PHE A 653 -8.18 12.81 -11.21
N ASP A 654 -9.43 13.10 -11.56
CA ASP A 654 -10.53 13.10 -10.62
C ASP A 654 -11.10 11.70 -10.53
N ILE A 655 -10.93 11.07 -9.37
CA ILE A 655 -11.34 9.68 -9.17
C ILE A 655 -12.49 9.55 -8.19
N SER A 656 -12.75 10.56 -7.35
CA SER A 656 -13.82 10.52 -6.38
C SER A 656 -15.16 10.97 -6.95
N GLY A 657 -15.17 11.73 -8.03
CA GLY A 657 -16.39 12.27 -8.59
C GLY A 657 -16.65 13.72 -8.29
N ASP A 658 -15.85 14.34 -7.41
CA ASP A 658 -16.05 15.75 -7.10
C ASP A 658 -15.70 16.66 -8.26
N GLY A 659 -14.97 16.17 -9.26
CA GLY A 659 -14.45 17.02 -10.30
C GLY A 659 -13.13 17.69 -9.96
N LEU A 660 -12.53 17.37 -8.82
CA LEU A 660 -11.27 17.95 -8.37
C LEU A 660 -10.18 16.89 -8.41
N ALA A 661 -8.97 17.33 -8.77
CA ALA A 661 -7.85 16.41 -8.95
C ALA A 661 -7.45 15.77 -7.63
N ASP A 662 -7.10 14.49 -7.68
CA ASP A 662 -6.81 13.67 -6.51
C ASP A 662 -5.40 13.12 -6.57
N ILE A 663 -5.06 12.28 -5.61
CA ILE A 663 -3.70 11.81 -5.39
C ILE A 663 -3.70 10.31 -5.11
N THR A 664 -2.58 9.66 -5.41
CA THR A 664 -2.34 8.27 -5.07
C THR A 664 -0.90 8.12 -4.59
N VAL A 665 -0.74 7.46 -3.45
CA VAL A 665 0.57 7.20 -2.86
C VAL A 665 0.76 5.71 -2.73
N GLY A 666 1.93 5.21 -3.11
CA GLY A 666 2.16 3.79 -3.17
C GLY A 666 3.08 3.29 -2.08
N THR A 667 2.51 2.48 -1.19
CA THR A 667 3.27 1.74 -0.21
C THR A 667 3.95 0.54 -0.88
N LEU A 668 4.97 0.01 -0.23
CA LEU A 668 5.64 -1.19 -0.70
C LEU A 668 4.77 -2.38 -0.30
N GLY A 669 3.68 -2.57 -1.04
CA GLY A 669 2.71 -3.60 -0.75
C GLY A 669 1.27 -3.14 -0.80
N GLN A 670 1.01 -1.84 -0.86
CA GLN A 670 -0.35 -1.33 -0.89
C GLN A 670 -0.38 -0.02 -1.66
N ALA A 671 -1.59 0.38 -2.04
CA ALA A 671 -1.84 1.65 -2.68
C ALA A 671 -2.83 2.44 -1.85
N VAL A 672 -2.71 3.76 -1.88
CA VAL A 672 -3.56 4.65 -1.13
C VAL A 672 -4.01 5.76 -2.06
N VAL A 673 -5.28 6.16 -1.94
CA VAL A 673 -5.85 7.22 -2.75
C VAL A 673 -6.39 8.28 -1.80
N PHE A 674 -5.97 9.52 -2.00
CA PHE A 674 -6.34 10.63 -1.15
C PHE A 674 -7.21 11.60 -1.91
N ARG A 675 -8.38 11.87 -1.35
CA ARG A 675 -9.32 12.81 -1.92
C ARG A 675 -8.88 14.24 -1.62
N SER A 676 -8.88 15.08 -2.64
CA SER A 676 -8.55 16.50 -2.47
C SER A 676 -9.76 17.25 -1.95
N ARG A 677 -9.50 18.36 -1.26
CA ARG A 677 -10.56 19.14 -0.62
C ARG A 677 -10.78 20.45 -1.35
N PRO A 678 -12.00 20.97 -1.39
CA PRO A 678 -12.21 22.29 -1.97
C PRO A 678 -11.45 23.36 -1.21
N VAL A 679 -10.88 24.30 -1.92
CA VAL A 679 -10.19 25.43 -1.32
C VAL A 679 -11.09 26.64 -1.42
N VAL A 680 -11.36 27.27 -0.28
CA VAL A 680 -12.36 28.34 -0.18
C VAL A 680 -11.65 29.63 0.22
N ARG A 681 -11.96 30.70 -0.49
CA ARG A 681 -11.49 32.04 -0.16
C ARG A 681 -12.69 32.91 0.18
N LEU A 682 -12.65 33.54 1.35
CA LEU A 682 -13.75 34.38 1.80
C LEU A 682 -13.46 35.85 1.51
N LYS A 683 -14.52 36.63 1.35
CA LYS A 683 -14.44 38.06 1.11
C LYS A 683 -15.28 38.76 2.18
N VAL A 684 -14.63 39.63 2.94
CA VAL A 684 -15.25 40.28 4.09
C VAL A 684 -15.57 41.72 3.73
N SER A 685 -16.83 42.11 3.94
CA SER A 685 -17.28 43.48 3.73
C SER A 685 -18.03 43.93 4.98
N MET A 686 -17.90 45.21 5.31
CA MET A 686 -18.54 45.75 6.50
C MET A 686 -19.04 47.16 6.21
N ALA A 687 -20.13 47.53 6.89
CA ALA A 687 -20.75 48.84 6.74
C ALA A 687 -21.04 49.41 8.12
N PHE A 688 -21.02 50.73 8.23
CA PHE A 688 -21.23 51.42 9.49
C PHE A 688 -22.40 52.39 9.38
N THR A 689 -23.03 52.66 10.51
CA THR A 689 -24.13 53.61 10.60
C THR A 689 -24.13 54.24 11.99
N PRO A 690 -23.75 55.51 12.13
CA PRO A 690 -23.38 56.48 11.07
C PRO A 690 -22.08 56.11 10.37
N SER A 691 -21.89 56.56 9.13
CA SER A 691 -20.68 56.22 8.40
C SER A 691 -19.43 56.67 9.15
N ALA A 692 -19.55 57.72 9.97
CA ALA A 692 -18.44 58.16 10.82
C ALA A 692 -19.03 58.70 12.11
N LEU A 693 -18.26 58.60 13.19
CA LEU A 693 -18.74 59.06 14.49
C LEU A 693 -18.59 60.56 14.61
N PRO A 694 -19.67 61.31 14.80
CA PRO A 694 -19.52 62.75 15.04
C PRO A 694 -18.80 63.02 16.36
N ILE A 695 -18.15 64.18 16.42
CA ILE A 695 -17.47 64.59 17.64
C ILE A 695 -18.50 64.67 18.77
N GLY A 696 -18.19 64.02 19.89
CA GLY A 696 -19.08 64.00 21.03
C GLY A 696 -20.20 63.00 20.96
N PHE A 697 -20.22 62.14 19.93
CA PHE A 697 -21.27 61.14 19.82
C PHE A 697 -21.14 60.12 20.93
N ASN A 698 -22.28 59.73 21.52
CA ASN A 698 -22.30 58.80 22.64
C ASN A 698 -23.42 57.77 22.49
N GLY A 699 -23.83 57.49 21.26
CA GLY A 699 -24.89 56.54 20.97
C GLY A 699 -24.36 55.16 20.68
N VAL A 700 -25.07 54.44 19.81
CA VAL A 700 -24.74 53.07 19.46
C VAL A 700 -24.53 52.98 17.96
N VAL A 701 -23.47 52.31 17.55
CA VAL A 701 -23.05 52.22 16.15
C VAL A 701 -23.55 50.90 15.58
N ASN A 702 -24.28 50.97 14.48
CA ASN A 702 -24.73 49.77 13.79
C ASN A 702 -23.66 49.28 12.83
N VAL A 703 -23.50 47.96 12.75
CA VAL A 703 -22.48 47.33 11.92
C VAL A 703 -23.13 46.19 11.15
N ARG A 704 -22.89 46.13 9.85
CA ARG A 704 -23.37 45.05 9.00
C ARG A 704 -22.17 44.35 8.38
N LEU A 705 -21.91 43.12 8.83
CA LEU A 705 -20.76 42.33 8.39
C LEU A 705 -21.26 41.19 7.52
N CYS A 706 -20.81 41.15 6.26
CA CYS A 706 -21.22 40.14 5.30
C CYS A 706 -20.00 39.48 4.70
N PHE A 707 -19.93 38.16 4.81
CA PHE A 707 -18.90 37.37 4.16
C PHE A 707 -19.45 36.81 2.84
N GLU A 708 -18.55 36.43 1.95
CA GLU A 708 -18.93 35.94 0.62
C GLU A 708 -17.91 34.92 0.14
N ILE A 709 -18.38 33.94 -0.62
CA ILE A 709 -17.51 32.95 -1.22
C ILE A 709 -17.01 33.51 -2.56
N SER A 710 -15.78 34.02 -2.56
CA SER A 710 -15.19 34.63 -3.74
C SER A 710 -14.56 33.60 -4.69
N SER A 711 -14.56 32.33 -4.31
CA SER A 711 -13.98 31.27 -5.13
C SER A 711 -15.07 30.49 -5.84
N VAL A 712 -14.81 30.13 -7.10
CA VAL A 712 -15.74 29.35 -7.90
C VAL A 712 -15.47 27.85 -7.78
N THR A 713 -14.67 27.44 -6.80
CA THR A 713 -14.30 26.05 -6.65
C THR A 713 -15.50 25.15 -6.35
N THR A 714 -16.54 25.68 -5.72
CA THR A 714 -17.67 24.87 -5.29
C THR A 714 -18.96 25.59 -5.65
N ALA A 715 -20.00 24.79 -5.92
CA ALA A 715 -21.30 25.36 -6.26
C ALA A 715 -21.87 26.14 -5.09
N SER A 716 -22.64 27.19 -5.41
CA SER A 716 -23.18 28.05 -4.38
C SER A 716 -24.10 27.29 -3.43
N GLU A 717 -24.93 26.39 -3.97
CA GLU A 717 -25.90 25.70 -3.14
C GLU A 717 -25.24 24.81 -2.08
N SER A 718 -23.97 24.44 -2.28
CA SER A 718 -23.27 23.63 -1.30
C SER A 718 -22.81 24.42 -0.09
N GLY A 719 -22.55 25.73 -0.26
CA GLY A 719 -22.06 26.52 0.86
C GLY A 719 -20.77 25.97 1.41
N LEU A 720 -20.66 25.92 2.74
CA LEU A 720 -19.53 25.33 3.42
C LEU A 720 -19.82 23.92 3.91
N ARG A 721 -20.91 23.31 3.46
CA ARG A 721 -21.29 21.94 3.83
C ARG A 721 -21.41 21.89 5.35
N GLU A 722 -20.68 21.03 6.05
CA GLU A 722 -20.86 20.85 7.49
C GLU A 722 -19.93 21.71 8.32
N ALA A 723 -19.12 22.56 7.71
CA ALA A 723 -18.18 23.39 8.44
C ALA A 723 -18.86 24.66 8.92
N LEU A 724 -18.69 24.97 10.22
CA LEU A 724 -19.26 26.16 10.81
C LEU A 724 -18.28 27.32 10.72
N LEU A 725 -18.78 28.49 10.32
CA LEU A 725 -17.96 29.69 10.28
C LEU A 725 -17.83 30.27 11.68
N ASN A 726 -16.59 30.47 12.12
CA ASN A 726 -16.28 30.98 13.45
C ASN A 726 -15.45 32.24 13.29
N PHE A 727 -15.95 33.35 13.83
CA PHE A 727 -15.29 34.64 13.66
C PHE A 727 -15.33 35.41 14.98
N THR A 728 -14.37 36.31 15.14
CA THR A 728 -14.27 37.17 16.31
C THR A 728 -13.98 38.59 15.84
N LEU A 729 -14.41 39.56 16.65
CA LEU A 729 -14.22 40.97 16.35
C LEU A 729 -13.33 41.59 17.42
N ASP A 730 -12.32 42.32 16.98
CA ASP A 730 -11.41 43.04 17.86
C ASP A 730 -11.57 44.53 17.59
N VAL A 731 -12.26 45.22 18.50
CA VAL A 731 -12.65 46.62 18.31
C VAL A 731 -11.52 47.51 18.77
N ASP A 732 -11.24 48.55 17.99
CA ASP A 732 -10.20 49.53 18.30
C ASP A 732 -8.90 48.84 18.68
N VAL A 733 -8.43 47.98 17.78
CA VAL A 733 -7.20 47.24 18.02
C VAL A 733 -6.03 48.20 18.17
N GLY A 734 -5.12 47.86 19.09
CA GLY A 734 -3.87 48.57 19.24
C GLY A 734 -3.86 49.63 20.32
N LYS A 735 -5.02 50.11 20.74
CA LYS A 735 -5.08 51.14 21.78
C LYS A 735 -4.95 50.51 23.16
N GLN A 736 -4.20 51.18 24.05
CA GLN A 736 -4.08 50.69 25.41
C GLN A 736 -5.44 50.63 26.09
N ARG A 737 -6.26 51.65 25.90
CA ARG A 737 -7.64 51.66 26.37
C ARG A 737 -8.54 51.95 25.18
N ARG A 738 -9.49 51.06 24.93
CA ARG A 738 -10.30 51.16 23.72
C ARG A 738 -11.37 52.23 23.88
N ARG A 739 -11.76 52.83 22.76
CA ARG A 739 -12.80 53.85 22.75
C ARG A 739 -14.18 53.27 22.46
N LEU A 740 -14.24 52.08 21.86
CA LEU A 740 -15.49 51.40 21.59
C LEU A 740 -15.35 49.95 22.06
N GLN A 741 -16.49 49.30 22.22
CA GLN A 741 -16.50 47.90 22.63
C GLN A 741 -17.81 47.27 22.18
N CYS A 742 -17.83 45.94 22.20
CA CYS A 742 -19.00 45.21 21.74
C CYS A 742 -20.18 45.44 22.68
N SER A 743 -21.37 45.56 22.10
CA SER A 743 -22.57 45.69 22.91
C SER A 743 -22.77 44.44 23.76
N ASP A 744 -22.53 43.27 23.19
CA ASP A 744 -22.60 42.01 23.92
C ASP A 744 -21.32 41.23 23.61
N VAL A 745 -20.58 40.86 24.66
CA VAL A 745 -19.35 40.11 24.47
C VAL A 745 -19.65 38.79 23.74
N ARG A 746 -20.77 38.16 24.08
CA ARG A 746 -21.18 36.95 23.38
C ARG A 746 -21.23 37.16 21.88
N SER A 747 -21.84 38.27 21.44
CA SER A 747 -22.08 38.49 20.02
C SER A 747 -20.80 38.66 19.20
N CYS A 748 -19.66 38.88 19.85
CA CYS A 748 -18.43 39.21 19.12
C CYS A 748 -17.23 38.34 19.46
N LEU A 749 -17.40 37.28 20.25
CA LEU A 749 -16.31 36.37 20.58
C LEU A 749 -16.75 34.95 20.29
N GLY A 750 -15.97 34.25 19.46
CA GLY A 750 -16.28 32.86 19.14
C GLY A 750 -17.63 32.66 18.52
N CYS A 751 -18.05 33.57 17.64
CA CYS A 751 -19.38 33.51 17.05
C CYS A 751 -19.44 32.41 16.00
N LEU A 752 -20.18 31.36 16.30
CA LEU A 752 -20.37 30.24 15.39
C LEU A 752 -21.66 30.42 14.59
N ARG A 753 -21.59 30.13 13.30
CA ARG A 753 -22.71 30.32 12.40
C ARG A 753 -22.72 29.23 11.35
N GLU A 754 -23.91 28.83 10.93
CA GLU A 754 -24.08 27.90 9.81
C GLU A 754 -24.34 28.70 8.54
N TRP A 755 -23.69 28.29 7.45
CA TRP A 755 -23.81 29.02 6.20
C TRP A 755 -25.24 28.94 5.68
N SER A 756 -25.65 29.98 4.96
CA SER A 756 -27.03 30.12 4.51
C SER A 756 -27.38 29.17 3.37
N SER A 757 -26.43 28.44 2.84
CA SER A 757 -26.58 27.56 1.66
C SER A 757 -26.53 28.37 0.37
N GLY A 758 -26.27 29.67 0.43
CA GLY A 758 -26.12 30.50 -0.74
C GLY A 758 -24.67 30.85 -1.00
N SER A 759 -24.46 32.02 -1.58
CA SER A 759 -23.13 32.55 -1.85
C SER A 759 -22.76 33.68 -0.91
N GLN A 760 -23.58 33.95 0.11
CA GLN A 760 -23.33 35.08 1.01
C GLN A 760 -23.91 34.78 2.37
N LEU A 761 -23.34 35.41 3.39
CA LEU A 761 -23.82 35.32 4.76
C LEU A 761 -23.61 36.68 5.42
N CYS A 762 -24.56 37.10 6.25
CA CYS A 762 -24.55 38.43 6.82
C CYS A 762 -24.91 38.37 8.30
N GLU A 763 -24.51 39.41 9.03
CA GLU A 763 -24.79 39.54 10.44
C GLU A 763 -24.90 41.02 10.80
N ASP A 764 -25.58 41.30 11.90
CA ASP A 764 -25.74 42.65 12.41
C ASP A 764 -25.26 42.72 13.85
N LEU A 765 -24.48 43.76 14.16
CA LEU A 765 -23.88 43.91 15.46
C LEU A 765 -23.94 45.37 15.88
N LEU A 766 -23.83 45.61 17.19
CA LEU A 766 -23.88 46.94 17.76
C LEU A 766 -22.67 47.15 18.65
N LEU A 767 -22.11 48.36 18.60
CA LEU A 767 -20.98 48.74 19.42
C LEU A 767 -21.32 50.00 20.22
N MET A 768 -20.79 50.07 21.43
CA MET A 768 -21.06 51.18 22.33
C MET A 768 -19.76 51.77 22.84
N PRO A 769 -19.75 53.06 23.16
CA PRO A 769 -18.53 53.67 23.70
C PRO A 769 -18.10 53.03 25.00
N THR A 770 -16.79 53.03 25.24
CA THR A 770 -16.24 52.47 26.47
C THR A 770 -16.68 53.30 27.67
N GLU A 771 -16.78 52.64 28.82
CA GLU A 771 -17.25 53.29 30.02
C GLU A 771 -16.24 54.34 30.50
N GLY A 772 -16.76 55.39 31.12
CA GLY A 772 -15.92 56.42 31.70
C GLY A 772 -15.49 57.46 30.68
N GLU A 773 -14.80 58.48 31.19
CA GLU A 773 -14.31 59.56 30.34
C GLU A 773 -13.25 59.05 29.38
N LEU A 774 -13.25 59.58 28.17
CA LEU A 774 -12.31 59.18 27.14
C LEU A 774 -11.03 60.00 27.23
N CYS A 775 -9.89 59.32 27.15
CA CYS A 775 -8.60 59.98 27.28
C CYS A 775 -8.42 61.03 26.18
N GLU A 776 -7.80 62.15 26.55
CA GLU A 776 -7.59 63.25 25.62
C GLU A 776 -6.41 63.03 24.69
N GLU A 777 -5.59 62.01 24.93
CA GLU A 777 -4.40 61.81 24.11
C GLU A 777 -4.77 61.60 22.65
N ASP A 778 -5.79 60.79 22.37
CA ASP A 778 -6.23 60.51 21.01
C ASP A 778 -7.75 60.35 21.05
N CYS A 779 -8.45 61.26 20.37
CA CYS A 779 -9.91 61.29 20.40
C CYS A 779 -10.56 61.11 19.04
N PHE A 780 -9.81 61.31 17.95
CA PHE A 780 -10.41 61.32 16.61
C PHE A 780 -9.65 60.45 15.62
N SER A 781 -8.69 59.65 16.06
CA SER A 781 -8.01 58.73 15.16
C SER A 781 -8.96 57.62 14.72
N ASN A 782 -8.72 57.09 13.52
CA ASN A 782 -9.56 56.04 12.99
C ASN A 782 -9.54 54.82 13.90
N ALA A 783 -10.73 54.25 14.13
CA ALA A 783 -10.87 53.06 14.95
C ALA A 783 -10.72 51.82 14.08
N SER A 784 -9.84 50.91 14.49
CA SER A 784 -9.53 49.70 13.73
C SER A 784 -10.35 48.54 14.26
N VAL A 785 -11.03 47.83 13.36
CA VAL A 785 -11.82 46.66 13.68
C VAL A 785 -11.27 45.49 12.88
N LYS A 786 -10.92 44.41 13.57
CA LYS A 786 -10.32 43.24 12.94
C LYS A 786 -11.27 42.05 13.07
N VAL A 787 -11.60 41.44 11.94
CA VAL A 787 -12.52 40.32 11.89
C VAL A 787 -11.71 39.09 11.51
N SER A 788 -11.30 38.31 12.50
CA SER A 788 -10.57 37.07 12.26
C SER A 788 -11.54 35.90 12.19
N TYR A 789 -11.47 35.15 11.09
CA TYR A 789 -12.38 34.04 10.86
C TYR A 789 -11.60 32.74 10.78
N GLN A 790 -12.33 31.64 10.92
CA GLN A 790 -11.76 30.31 11.02
C GLN A 790 -12.84 29.30 10.73
N LEU A 791 -12.45 28.18 10.13
CA LEU A 791 -13.39 27.13 9.75
C LEU A 791 -13.27 25.95 10.71
N GLN A 792 -14.40 25.55 11.28
CA GLN A 792 -14.48 24.39 12.16
C GLN A 792 -15.11 23.24 11.39
N THR A 793 -14.31 22.22 11.08
CA THR A 793 -14.73 21.12 10.23
C THR A 793 -15.03 19.88 11.07
N PRO A 794 -16.06 19.11 10.72
CA PRO A 794 -16.38 17.91 11.53
C PRO A 794 -15.21 16.95 11.59
N GLU A 795 -15.05 16.31 12.75
CA GLU A 795 -14.07 15.27 12.93
C GLU A 795 -14.60 13.94 12.40
N GLY A 796 -13.71 13.15 11.80
CA GLY A 796 -14.05 11.81 11.36
C GLY A 796 -13.91 11.59 9.86
N GLN A 797 -14.80 10.77 9.31
CA GLN A 797 -14.76 10.33 7.92
C GLN A 797 -16.05 10.79 7.25
N THR A 798 -15.97 11.91 6.55
CA THR A 798 -17.16 12.58 6.04
C THR A 798 -17.33 12.33 4.55
N ASP A 799 -18.60 12.24 4.13
CA ASP A 799 -18.92 11.81 2.78
C ASP A 799 -18.33 12.76 1.74
N HIS A 800 -18.50 14.06 1.96
CA HIS A 800 -17.96 15.05 1.04
C HIS A 800 -16.67 15.63 1.60
N PRO A 801 -15.71 15.96 0.73
CA PRO A 801 -14.47 16.58 1.22
C PRO A 801 -14.76 18.01 1.68
N GLN A 802 -14.64 18.23 2.98
CA GLN A 802 -14.99 19.52 3.53
C GLN A 802 -14.02 20.60 3.08
N PRO A 803 -14.47 21.84 2.99
CA PRO A 803 -13.62 22.92 2.48
C PRO A 803 -12.48 23.24 3.45
N ILE A 804 -11.41 23.76 2.88
CA ILE A 804 -10.24 24.20 3.63
C ILE A 804 -9.90 25.61 3.19
N LEU A 805 -9.66 26.49 4.14
CA LEU A 805 -9.37 27.87 3.80
C LEU A 805 -8.06 27.96 3.02
N ASP A 806 -8.03 28.88 2.06
CA ASP A 806 -6.83 29.05 1.27
C ASP A 806 -5.66 29.41 2.17
N ARG A 807 -4.63 28.56 2.15
CA ARG A 807 -3.49 28.75 3.04
C ARG A 807 -2.76 30.06 2.74
N TYR A 808 -2.79 30.52 1.50
CA TYR A 808 -1.98 31.65 1.07
C TYR A 808 -2.77 32.95 1.04
N THR A 809 -3.87 33.03 1.79
CA THR A 809 -4.62 34.25 1.99
C THR A 809 -4.83 34.45 3.48
N GLU A 810 -4.54 35.64 3.96
CA GLU A 810 -4.68 35.90 5.39
C GLU A 810 -6.12 35.67 5.82
N PRO A 811 -6.37 34.88 6.89
CA PRO A 811 -7.75 34.58 7.31
C PRO A 811 -8.38 35.65 8.17
N PHE A 812 -8.32 36.90 7.71
CA PHE A 812 -8.90 38.02 8.44
C PHE A 812 -8.91 39.25 7.53
N ALA A 813 -9.64 40.27 7.98
CA ALA A 813 -9.69 41.54 7.28
C ALA A 813 -9.82 42.65 8.31
N ILE A 814 -9.40 43.86 7.92
CA ILE A 814 -9.41 45.02 8.79
C ILE A 814 -10.16 46.15 8.10
N PHE A 815 -11.05 46.80 8.85
CA PHE A 815 -11.80 47.94 8.38
C PHE A 815 -11.70 49.07 9.41
N GLN A 816 -11.96 50.30 8.96
CA GLN A 816 -11.75 51.47 9.78
C GLN A 816 -13.01 52.34 9.77
N LEU A 817 -13.21 53.04 10.88
CA LEU A 817 -14.35 53.93 11.04
C LEU A 817 -13.88 55.37 11.22
N ARG B 100 23.82 31.69 39.73
CA ARG B 100 24.48 31.32 38.44
C ARG B 100 24.37 29.82 38.18
N GLY B 101 25.18 29.32 37.26
CA GLY B 101 25.19 27.90 36.98
C GLY B 101 25.99 27.11 37.99
N GLN B 102 25.87 25.79 37.91
CA GLN B 102 26.57 24.88 38.80
C GLN B 102 27.05 23.67 38.02
N GLN B 103 28.01 22.94 38.59
CA GLN B 103 28.62 21.80 37.93
C GLN B 103 29.27 20.93 39.00
N GLU B 104 28.99 19.62 38.93
CA GLU B 104 29.39 18.67 39.96
C GLU B 104 30.09 17.49 39.31
N VAL B 105 30.72 16.67 40.14
CA VAL B 105 31.41 15.47 39.69
C VAL B 105 30.91 14.28 40.49
N LEU B 106 30.42 13.25 39.79
CA LEU B 106 29.91 12.05 40.43
C LEU B 106 30.89 10.90 40.40
N GLN B 107 31.55 10.67 39.25
CA GLN B 107 32.62 9.69 39.14
C GLN B 107 33.81 10.39 38.50
N ASP B 108 34.96 10.30 39.14
CA ASP B 108 36.21 10.87 38.63
C ASP B 108 37.35 9.89 38.83
N GLN B 109 37.12 8.64 38.48
CA GLN B 109 38.10 7.59 38.72
C GLN B 109 39.42 7.95 38.05
N PRO B 110 40.55 7.87 38.76
CA PRO B 110 41.81 8.32 38.16
C PRO B 110 42.19 7.52 36.93
N LEU B 111 42.85 8.20 35.99
CA LEU B 111 43.35 7.53 34.79
C LEU B 111 44.35 6.46 35.17
N SER B 112 44.33 5.35 34.44
CA SER B 112 45.21 4.23 34.74
C SER B 112 45.41 3.41 33.48
N GLN B 113 46.66 3.05 33.19
CA GLN B 113 46.94 2.17 32.07
C GLN B 113 46.41 0.76 32.29
N GLY B 114 46.03 0.43 33.53
CA GLY B 114 45.41 -0.84 33.82
C GLY B 114 46.40 -1.95 34.04
N ALA B 115 46.24 -2.70 35.13
CA ALA B 115 47.06 -3.87 35.37
C ALA B 115 46.80 -4.91 34.29
N ARG B 116 47.64 -5.94 34.28
CA ARG B 116 47.48 -6.99 33.27
C ARG B 116 46.13 -7.68 33.36
N GLY B 117 45.46 -7.61 34.51
CA GLY B 117 44.17 -8.23 34.67
C GLY B 117 43.01 -7.29 34.46
N GLU B 118 43.06 -6.13 35.12
CA GLU B 118 41.97 -5.15 35.03
C GLU B 118 42.47 -3.81 35.51
N GLY B 119 41.69 -2.77 35.22
CA GLY B 119 41.99 -1.42 35.65
C GLY B 119 42.20 -0.41 34.53
N ALA B 120 41.92 -0.78 33.28
CA ALA B 120 42.11 0.14 32.18
C ALA B 120 41.09 1.27 32.24
N THR B 121 41.58 2.51 32.13
CA THR B 121 40.72 3.69 32.17
C THR B 121 41.43 4.81 31.44
N GLN B 122 40.85 5.26 30.32
CA GLN B 122 41.48 6.25 29.48
C GLN B 122 40.72 7.56 29.38
N LEU B 123 39.57 7.68 30.03
CA LEU B 123 38.77 8.90 29.97
C LEU B 123 38.29 9.25 31.36
N ALA B 124 38.43 10.53 31.72
CA ALA B 124 37.97 11.02 33.02
C ALA B 124 37.66 12.50 32.90
N PRO B 125 36.61 13.00 33.55
CA PRO B 125 35.63 12.31 34.41
C PRO B 125 34.64 11.50 33.61
N GLN B 126 33.90 10.59 34.24
CA GLN B 126 32.91 9.76 33.58
C GLN B 126 31.48 10.19 33.82
N ARG B 127 31.20 10.88 34.92
CA ARG B 127 29.86 11.34 35.25
C ARG B 127 29.93 12.75 35.79
N VAL B 128 29.21 13.67 35.16
CA VAL B 128 29.24 15.08 35.54
C VAL B 128 27.85 15.68 35.36
N ARG B 129 27.42 16.47 36.32
CA ARG B 129 26.10 17.07 36.34
C ARG B 129 26.22 18.57 36.10
N VAL B 130 25.46 19.07 35.13
CA VAL B 130 25.51 20.47 34.74
C VAL B 130 24.12 21.07 34.90
N THR B 131 24.03 22.24 35.52
CA THR B 131 22.81 23.02 35.60
C THR B 131 23.08 24.40 35.02
N LEU B 132 22.22 24.87 34.12
CA LEU B 132 22.48 26.06 33.34
C LEU B 132 21.29 27.02 33.35
N ARG B 133 21.60 28.32 33.57
CA ARG B 133 20.68 29.42 33.32
C ARG B 133 20.95 29.97 31.93
N PRO B 134 19.98 29.94 31.00
CA PRO B 134 20.31 30.21 29.60
C PRO B 134 21.07 31.52 29.43
N GLY B 135 22.07 31.50 28.55
CA GLY B 135 22.95 32.61 28.33
C GLY B 135 24.26 32.54 29.09
N GLU B 136 24.35 31.70 30.11
CA GLU B 136 25.54 31.59 30.94
C GLU B 136 26.33 30.35 30.52
N PRO B 137 27.56 30.51 30.01
CA PRO B 137 28.34 29.33 29.62
C PRO B 137 29.10 28.71 30.79
N GLN B 138 29.25 27.39 30.73
CA GLN B 138 30.03 26.63 31.70
C GLN B 138 31.02 25.75 30.97
N GLN B 139 32.24 25.66 31.49
CA GLN B 139 33.32 24.93 30.84
C GLN B 139 33.65 23.67 31.63
N LEU B 140 33.41 22.52 31.02
CA LEU B 140 33.72 21.22 31.59
C LEU B 140 35.09 20.77 31.11
N GLN B 141 35.85 20.12 31.99
CA GLN B 141 37.19 19.64 31.68
C GLN B 141 37.14 18.14 31.46
N VAL B 142 37.78 17.67 30.40
CA VAL B 142 37.90 16.26 30.09
C VAL B 142 39.36 15.98 29.78
N ARG B 143 39.82 14.77 30.08
CA ARG B 143 41.21 14.39 29.88
C ARG B 143 41.30 12.93 29.51
N PHE B 144 42.14 12.63 28.52
CA PHE B 144 42.22 11.30 27.91
C PHE B 144 43.68 10.84 27.88
N LEU B 145 43.93 9.67 28.45
CA LEU B 145 45.28 9.12 28.54
C LEU B 145 45.37 7.89 27.65
N ARG B 146 46.36 7.88 26.77
CA ARG B 146 46.55 6.78 25.83
C ARG B 146 47.30 5.66 26.52
N ALA B 147 46.59 4.60 26.87
CA ALA B 147 47.21 3.45 27.49
C ALA B 147 48.24 2.83 26.56
N GLU B 148 48.99 1.86 27.09
CA GLU B 148 50.10 1.26 26.34
C GLU B 148 49.68 -0.03 25.65
N GLY B 149 49.22 -1.01 26.41
CA GLY B 149 48.96 -2.33 25.87
C GLY B 149 47.51 -2.65 25.64
N TYR B 150 46.75 -1.69 25.12
CA TYR B 150 45.32 -1.87 25.00
C TYR B 150 45.01 -3.02 24.03
N PRO B 151 44.07 -3.92 24.37
CA PRO B 151 43.78 -5.05 23.49
C PRO B 151 43.23 -4.64 22.14
N VAL B 152 43.42 -5.51 21.16
CA VAL B 152 42.97 -5.28 19.80
C VAL B 152 42.24 -6.53 19.30
N ASP B 153 41.13 -6.32 18.61
CA ASP B 153 40.40 -7.37 17.90
C ASP B 153 40.47 -7.03 16.41
N LEU B 154 40.94 -7.98 15.61
CA LEU B 154 41.12 -7.77 14.19
C LEU B 154 40.27 -8.77 13.42
N TYR B 155 39.48 -8.26 12.48
CA TYR B 155 38.67 -9.10 11.61
C TYR B 155 39.13 -8.87 10.18
N TYR B 156 39.49 -9.96 9.52
CA TYR B 156 39.98 -9.93 8.15
C TYR B 156 38.81 -10.21 7.21
N LEU B 157 38.55 -9.29 6.29
CA LEU B 157 37.44 -9.40 5.34
C LEU B 157 38.01 -9.29 3.93
N MET B 158 38.17 -10.43 3.28
CA MET B 158 38.90 -10.52 2.02
C MET B 158 37.95 -10.75 0.85
N ASP B 159 38.17 -9.99 -0.22
CA ASP B 159 37.47 -10.23 -1.48
C ASP B 159 38.02 -11.47 -2.15
N LEU B 160 37.15 -12.44 -2.41
CA LEU B 160 37.56 -13.70 -3.02
C LEU B 160 37.16 -13.78 -4.48
N SER B 161 37.13 -12.64 -5.17
CA SER B 161 36.94 -12.67 -6.60
C SER B 161 38.10 -13.39 -7.25
N TYR B 162 37.97 -13.68 -8.54
CA TYR B 162 38.98 -14.47 -9.21
C TYR B 162 40.32 -13.74 -9.28
N SER B 163 40.29 -12.42 -9.37
CA SER B 163 41.53 -11.67 -9.44
C SER B 163 42.35 -11.79 -8.16
N MET B 164 41.75 -12.30 -7.09
CA MET B 164 42.41 -12.43 -5.79
C MET B 164 42.92 -13.83 -5.55
N LYS B 165 43.07 -14.64 -6.60
CA LYS B 165 43.59 -15.98 -6.43
C LYS B 165 45.03 -15.96 -5.93
N ASP B 166 45.86 -15.12 -6.53
CA ASP B 166 47.24 -14.98 -6.04
C ASP B 166 47.25 -14.39 -4.64
N ASP B 167 46.31 -13.49 -4.33
CA ASP B 167 46.27 -12.88 -3.01
C ASP B 167 46.01 -13.92 -1.94
N LEU B 168 45.08 -14.84 -2.19
CA LEU B 168 44.70 -15.81 -1.18
C LEU B 168 45.85 -16.72 -0.80
N GLU B 169 46.76 -16.99 -1.73
CA GLU B 169 47.87 -17.88 -1.45
C GLU B 169 48.78 -17.30 -0.37
N ARG B 170 48.97 -15.98 -0.37
CA ARG B 170 49.81 -15.34 0.64
C ARG B 170 49.09 -15.21 1.97
N VAL B 171 47.78 -14.91 1.94
CA VAL B 171 47.01 -14.76 3.16
C VAL B 171 46.88 -16.08 3.89
N ARG B 172 46.98 -17.20 3.19
CA ARG B 172 46.93 -18.51 3.82
C ARG B 172 48.05 -18.69 4.83
N GLN B 173 49.14 -17.91 4.73
CA GLN B 173 50.33 -18.13 5.54
C GLN B 173 50.71 -16.91 6.39
N LEU B 174 49.92 -15.84 6.38
CA LEU B 174 50.25 -14.63 7.14
C LEU B 174 49.56 -14.56 8.48
N GLY B 175 48.88 -15.62 8.92
CA GLY B 175 48.23 -15.57 10.23
C GLY B 175 49.22 -15.39 11.36
N HIS B 176 50.25 -16.24 11.38
CA HIS B 176 51.21 -16.21 12.48
C HIS B 176 51.98 -14.89 12.51
N ALA B 177 52.43 -14.42 11.36
CA ALA B 177 53.18 -13.17 11.32
C ALA B 177 52.32 -11.99 11.75
N LEU B 178 51.07 -11.95 11.28
CA LEU B 178 50.18 -10.87 11.68
C LEU B 178 49.94 -10.90 13.19
N LEU B 179 49.76 -12.10 13.75
CA LEU B 179 49.60 -12.21 15.20
C LEU B 179 50.85 -11.71 15.92
N VAL B 180 52.03 -12.04 15.40
CA VAL B 180 53.28 -11.65 16.05
C VAL B 180 53.43 -10.14 16.05
N ARG B 181 53.20 -9.51 14.89
CA ARG B 181 53.47 -8.08 14.77
C ARG B 181 52.55 -7.28 15.67
N LEU B 182 51.28 -7.68 15.77
CA LEU B 182 50.37 -6.99 16.66
C LEU B 182 50.75 -7.23 18.12
N GLN B 183 51.33 -8.38 18.43
CA GLN B 183 51.75 -8.66 19.79
C GLN B 183 52.89 -7.75 20.24
N GLU B 184 53.49 -7.00 19.32
CA GLU B 184 54.53 -6.06 19.70
C GLU B 184 53.93 -4.80 20.32
N VAL B 185 52.68 -4.47 19.97
CA VAL B 185 52.09 -3.20 20.39
C VAL B 185 51.00 -3.44 21.42
N THR B 186 50.47 -4.66 21.48
CA THR B 186 49.41 -5.00 22.41
C THR B 186 49.72 -6.33 23.07
N HIS B 187 49.10 -6.56 24.23
CA HIS B 187 49.37 -7.75 25.02
C HIS B 187 48.36 -8.87 24.76
N SER B 188 47.16 -8.54 24.30
CA SER B 188 46.13 -9.54 24.03
C SER B 188 45.46 -9.19 22.71
N VAL B 189 45.91 -9.82 21.64
CA VAL B 189 45.36 -9.64 20.31
C VAL B 189 44.67 -10.93 19.91
N ARG B 190 43.61 -10.81 19.11
CA ARG B 190 42.98 -11.94 18.48
C ARG B 190 42.49 -11.53 17.11
N ILE B 191 42.38 -12.51 16.21
CA ILE B 191 42.10 -12.26 14.80
C ILE B 191 41.02 -13.22 14.30
N GLY B 192 40.31 -12.79 13.27
CA GLY B 192 39.24 -13.57 12.66
C GLY B 192 39.32 -13.46 11.15
N PHE B 193 38.31 -13.99 10.46
CA PHE B 193 38.34 -14.01 9.01
C PHE B 193 36.94 -14.18 8.45
N GLY B 194 36.73 -13.61 7.26
CA GLY B 194 35.48 -13.70 6.53
C GLY B 194 35.70 -13.27 5.11
N SER B 195 34.73 -13.59 4.25
CA SER B 195 34.92 -13.39 2.82
C SER B 195 33.62 -12.89 2.19
N PHE B 196 33.73 -12.42 0.95
CA PHE B 196 32.58 -11.97 0.18
C PHE B 196 32.94 -11.97 -1.30
N VAL B 197 31.95 -12.21 -2.15
CA VAL B 197 32.11 -11.91 -3.56
C VAL B 197 31.00 -10.99 -4.06
N ASP B 198 29.74 -11.45 -4.04
CA ASP B 198 28.67 -10.66 -4.62
C ASP B 198 27.34 -11.37 -4.42
N LYS B 199 26.26 -10.68 -4.81
CA LYS B 199 24.93 -11.24 -4.76
C LYS B 199 24.73 -12.24 -5.89
N THR B 200 24.03 -13.34 -5.58
CA THR B 200 23.88 -14.45 -6.50
C THR B 200 22.64 -14.29 -7.37
N VAL B 201 22.66 -13.24 -8.20
CA VAL B 201 21.62 -12.99 -9.19
C VAL B 201 22.22 -12.16 -10.32
N LEU B 202 21.67 -12.35 -11.52
CA LEU B 202 22.07 -11.51 -12.64
C LEU B 202 21.69 -10.06 -12.38
N PRO B 203 22.44 -9.10 -12.90
CA PRO B 203 23.65 -9.21 -13.73
C PRO B 203 24.94 -9.29 -12.92
N PHE B 204 24.84 -9.43 -11.60
CA PHE B 204 26.03 -9.39 -10.76
C PHE B 204 26.80 -10.71 -10.82
N VAL B 205 26.10 -11.82 -10.97
CA VAL B 205 26.71 -13.15 -10.98
C VAL B 205 26.02 -13.99 -12.04
N SER B 206 26.79 -14.78 -12.77
CA SER B 206 26.23 -15.61 -13.83
C SER B 206 25.46 -16.77 -13.20
N THR B 207 24.18 -16.90 -13.54
CA THR B 207 23.31 -17.89 -12.93
C THR B 207 23.15 -19.13 -13.79
N VAL B 208 23.95 -19.27 -14.85
CA VAL B 208 23.98 -20.57 -15.52
C VAL B 208 24.39 -21.62 -14.51
N PRO B 209 23.66 -22.73 -14.36
CA PRO B 209 23.97 -23.65 -13.25
C PRO B 209 25.41 -24.11 -13.23
N SER B 210 26.01 -24.35 -14.39
CA SER B 210 27.41 -24.76 -14.42
C SER B 210 28.31 -23.68 -13.84
N LYS B 211 28.03 -22.42 -14.15
CA LYS B 211 28.84 -21.33 -13.62
C LYS B 211 28.46 -20.96 -12.19
N LEU B 212 27.29 -21.40 -11.71
CA LEU B 212 27.01 -21.29 -10.29
C LEU B 212 27.76 -22.35 -9.51
N ARG B 213 27.94 -23.53 -10.10
CA ARG B 213 28.76 -24.56 -9.50
C ARG B 213 30.25 -24.26 -9.63
N HIS B 214 30.66 -23.51 -10.66
CA HIS B 214 32.08 -23.34 -10.94
C HIS B 214 32.34 -22.03 -11.67
N PRO B 215 32.36 -20.89 -10.96
CA PRO B 215 32.54 -19.61 -11.64
C PRO B 215 33.92 -19.39 -12.24
N CYS B 216 34.91 -20.21 -11.93
CA CYS B 216 36.24 -20.00 -12.46
C CYS B 216 36.26 -20.28 -13.96
N PRO B 217 37.21 -19.68 -14.69
CA PRO B 217 37.20 -19.83 -16.15
C PRO B 217 37.38 -21.26 -16.62
N THR B 218 38.16 -22.07 -15.92
CA THR B 218 38.45 -23.44 -16.32
C THR B 218 38.03 -24.40 -15.22
N ARG B 219 37.90 -25.67 -15.58
CA ARG B 219 37.33 -26.69 -14.72
C ARG B 219 38.38 -27.47 -13.94
N LEU B 220 39.65 -27.14 -14.08
CA LEU B 220 40.71 -27.89 -13.42
C LEU B 220 41.18 -27.27 -12.12
N GLU B 221 40.79 -26.03 -11.84
CA GLU B 221 41.21 -25.36 -10.62
C GLU B 221 40.10 -25.38 -9.58
N ARG B 222 40.51 -25.25 -8.32
CA ARG B 222 39.56 -25.24 -7.22
C ARG B 222 38.73 -23.97 -7.24
N CYS B 223 37.44 -24.10 -6.95
CA CYS B 223 36.53 -22.98 -7.04
C CYS B 223 35.46 -23.11 -5.96
N GLN B 224 34.84 -21.98 -5.65
CA GLN B 224 33.73 -21.90 -4.73
C GLN B 224 32.53 -21.31 -5.46
N SER B 225 31.33 -21.73 -5.04
CA SER B 225 30.13 -21.09 -5.54
C SER B 225 30.06 -19.65 -4.99
N PRO B 226 29.53 -18.71 -5.77
CA PRO B 226 29.47 -17.32 -5.29
C PRO B 226 28.55 -17.19 -4.08
N PHE B 227 28.92 -16.26 -3.19
CA PHE B 227 28.16 -15.99 -1.98
C PHE B 227 28.27 -14.51 -1.65
N SER B 228 27.27 -14.00 -0.92
CA SER B 228 27.29 -12.59 -0.53
C SER B 228 28.27 -12.33 0.59
N PHE B 229 28.26 -13.18 1.63
CA PHE B 229 29.15 -13.03 2.76
C PHE B 229 29.25 -14.38 3.45
N HIS B 230 30.44 -14.69 3.95
CA HIS B 230 30.69 -15.97 4.60
C HIS B 230 31.64 -15.74 5.77
N HIS B 231 31.10 -15.74 6.98
CA HIS B 231 31.92 -15.69 8.18
C HIS B 231 32.57 -17.05 8.38
N VAL B 232 33.90 -17.06 8.53
CA VAL B 232 34.64 -18.31 8.57
C VAL B 232 35.14 -18.60 9.96
N LEU B 233 35.99 -17.73 10.50
CA LEU B 233 36.65 -17.95 11.78
C LEU B 233 36.28 -16.83 12.74
N SER B 234 35.68 -17.17 13.87
CA SER B 234 35.42 -16.20 14.91
C SER B 234 36.74 -15.77 15.55
N LEU B 235 36.73 -14.58 16.14
CA LEU B 235 37.95 -14.03 16.69
C LEU B 235 38.55 -14.96 17.73
N THR B 236 39.81 -15.31 17.55
CA THR B 236 40.52 -16.20 18.46
C THR B 236 41.96 -15.75 18.55
N GLY B 237 42.62 -16.15 19.64
CA GLY B 237 44.01 -15.82 19.86
C GLY B 237 45.00 -16.80 19.29
N ASP B 238 44.56 -17.72 18.44
CA ASP B 238 45.39 -18.78 17.90
C ASP B 238 45.61 -18.54 16.42
N ALA B 239 46.88 -18.40 16.02
CA ALA B 239 47.20 -18.21 14.61
C ALA B 239 47.03 -19.50 13.83
N GLN B 240 47.14 -20.65 14.49
CA GLN B 240 47.02 -21.92 13.79
C GLN B 240 45.60 -22.12 13.26
N ALA B 241 44.59 -21.73 14.04
CA ALA B 241 43.22 -21.82 13.55
C ALA B 241 43.02 -20.94 12.33
N PHE B 242 43.60 -19.75 12.35
CA PHE B 242 43.53 -18.87 11.18
C PHE B 242 44.16 -19.53 9.97
N GLU B 243 45.36 -20.09 10.13
CA GLU B 243 46.04 -20.71 9.00
C GLU B 243 45.27 -21.91 8.48
N ARG B 244 44.66 -22.67 9.38
CA ARG B 244 43.93 -23.87 8.97
C ARG B 244 42.66 -23.50 8.22
N GLU B 245 41.88 -22.56 8.76
CA GLU B 245 40.60 -22.23 8.15
C GLU B 245 40.77 -21.43 6.87
N VAL B 246 41.71 -20.48 6.84
CA VAL B 246 41.92 -19.70 5.63
C VAL B 246 42.47 -20.60 4.52
N GLY B 247 43.31 -21.57 4.87
CA GLY B 247 43.85 -22.48 3.88
C GLY B 247 42.82 -23.41 3.29
N ARG B 248 41.68 -23.57 3.94
CA ARG B 248 40.60 -24.41 3.46
C ARG B 248 39.68 -23.68 2.50
N GLN B 249 39.92 -22.40 2.24
CA GLN B 249 39.09 -21.59 1.35
C GLN B 249 39.65 -21.60 -0.07
N SER B 250 38.81 -21.20 -1.02
CA SER B 250 39.18 -21.15 -2.42
C SER B 250 38.52 -19.94 -3.06
N VAL B 251 38.99 -19.59 -4.26
CA VAL B 251 38.50 -18.38 -4.91
C VAL B 251 37.21 -18.67 -5.67
N SER B 252 36.45 -17.60 -5.89
CA SER B 252 35.19 -17.67 -6.62
C SER B 252 35.19 -16.62 -7.72
N GLY B 253 34.04 -16.40 -8.37
CA GLY B 253 33.99 -15.46 -9.46
C GLY B 253 32.59 -14.90 -9.66
N ASN B 254 32.56 -13.70 -10.24
CA ASN B 254 31.30 -13.03 -10.53
C ASN B 254 31.44 -12.32 -11.86
N LEU B 255 30.37 -11.61 -12.25
CA LEU B 255 30.22 -11.15 -13.62
C LEU B 255 30.57 -9.68 -13.82
N ASP B 256 30.35 -8.82 -12.83
CA ASP B 256 30.61 -7.39 -12.98
C ASP B 256 31.65 -6.94 -11.97
N SER B 257 32.37 -5.88 -12.32
CA SER B 257 33.54 -5.48 -11.56
C SER B 257 33.23 -5.12 -10.12
N PRO B 258 32.30 -4.22 -9.82
CA PRO B 258 32.02 -3.90 -8.42
C PRO B 258 31.54 -5.13 -7.66
N GLU B 259 31.90 -5.18 -6.37
CA GLU B 259 31.65 -6.33 -5.53
C GLU B 259 30.75 -5.96 -4.37
N GLY B 260 30.10 -6.97 -3.79
CA GLY B 260 29.19 -6.75 -2.70
C GLY B 260 29.84 -6.82 -1.33
N GLY B 261 30.85 -5.98 -1.10
CA GLY B 261 31.54 -6.00 0.18
C GLY B 261 30.82 -5.20 1.25
N PHE B 262 29.98 -4.25 0.85
CA PHE B 262 29.23 -3.48 1.85
C PHE B 262 28.28 -4.37 2.63
N ASP B 263 27.71 -5.37 1.96
CA ASP B 263 26.93 -6.37 2.68
C ASP B 263 27.74 -6.98 3.80
N ALA B 264 28.97 -7.40 3.49
CA ALA B 264 29.82 -8.03 4.48
C ALA B 264 30.15 -7.08 5.62
N ILE B 265 30.46 -5.82 5.30
CA ILE B 265 30.79 -4.86 6.35
C ILE B 265 29.60 -4.66 7.28
N LEU B 266 28.41 -4.47 6.71
CA LEU B 266 27.23 -4.23 7.54
C LEU B 266 26.91 -5.46 8.39
N GLN B 267 27.02 -6.65 7.82
CA GLN B 267 26.73 -7.86 8.57
C GLN B 267 27.76 -8.07 9.67
N ALA B 268 29.01 -7.68 9.43
CA ALA B 268 30.02 -7.81 10.47
C ALA B 268 29.78 -6.81 11.59
N ALA B 269 29.34 -5.60 11.25
CA ALA B 269 29.03 -4.61 12.28
C ALA B 269 27.83 -5.04 13.11
N LEU B 270 26.81 -5.61 12.47
CA LEU B 270 25.55 -5.91 13.17
C LEU B 270 25.64 -7.20 13.98
N CYS B 271 26.30 -8.22 13.43
CA CYS B 271 26.38 -9.53 14.07
C CYS B 271 27.51 -9.53 15.10
N GLN B 272 27.17 -9.16 16.33
CA GLN B 272 28.17 -9.02 17.38
C GLN B 272 28.52 -10.37 17.99
N GLU B 273 27.51 -11.09 18.50
CA GLU B 273 27.79 -12.35 19.18
C GLU B 273 28.43 -13.37 18.25
N GLN B 274 27.98 -13.40 16.99
CA GLN B 274 28.51 -14.40 16.06
C GLN B 274 30.00 -14.21 15.84
N ILE B 275 30.44 -12.97 15.65
CA ILE B 275 31.83 -12.72 15.26
C ILE B 275 32.78 -12.64 16.45
N GLY B 276 32.27 -12.45 17.67
CA GLY B 276 33.11 -12.51 18.85
C GLY B 276 33.72 -11.20 19.29
N TRP B 277 33.17 -10.07 18.87
CA TRP B 277 33.75 -8.79 19.23
C TRP B 277 33.80 -8.63 20.74
N ARG B 278 34.87 -8.02 21.23
CA ARG B 278 34.98 -7.66 22.63
C ARG B 278 34.75 -6.16 22.78
N ASN B 279 34.89 -5.67 24.01
CA ASN B 279 34.81 -4.23 24.28
C ASN B 279 36.21 -3.63 24.30
N VAL B 280 36.90 -3.77 23.18
CA VAL B 280 38.28 -3.34 23.01
C VAL B 280 38.39 -2.65 21.66
N SER B 281 39.61 -2.26 21.31
CA SER B 281 39.84 -1.61 20.03
C SER B 281 39.52 -2.56 18.89
N ARG B 282 38.49 -2.22 18.11
CA ARG B 282 37.99 -3.06 17.03
C ARG B 282 38.52 -2.57 15.70
N LEU B 283 39.12 -3.48 14.93
CA LEU B 283 39.73 -3.15 13.65
C LEU B 283 39.23 -4.12 12.60
N LEU B 284 38.59 -3.59 11.56
CA LEU B 284 38.15 -4.39 10.41
C LEU B 284 39.04 -4.05 9.24
N VAL B 285 39.73 -5.05 8.70
CA VAL B 285 40.65 -4.88 7.58
C VAL B 285 39.92 -5.34 6.33
N PHE B 286 39.42 -4.38 5.56
CA PHE B 286 38.68 -4.66 4.33
C PHE B 286 39.63 -4.57 3.15
N THR B 287 39.92 -5.71 2.53
CA THR B 287 40.88 -5.80 1.43
C THR B 287 40.14 -6.23 0.16
N SER B 288 40.36 -5.47 -0.91
CA SER B 288 39.65 -5.70 -2.16
C SER B 288 40.50 -5.18 -3.32
N ASP B 289 40.10 -5.57 -4.53
CA ASP B 289 40.78 -5.19 -5.76
C ASP B 289 39.91 -4.38 -6.71
N ASP B 290 38.62 -4.21 -6.41
CA ASP B 290 37.71 -3.45 -7.26
C ASP B 290 36.85 -2.54 -6.40
N THR B 291 35.98 -1.78 -7.08
CA THR B 291 35.04 -0.91 -6.41
C THR B 291 33.91 -1.73 -5.80
N PHE B 292 32.92 -1.04 -5.24
CA PHE B 292 31.86 -1.68 -4.46
C PHE B 292 30.49 -1.26 -4.97
N HIS B 293 29.50 -2.12 -4.72
CA HIS B 293 28.11 -1.79 -5.01
C HIS B 293 27.51 -0.98 -3.86
N THR B 294 26.48 -0.21 -4.19
CA THR B 294 25.81 0.65 -3.23
C THR B 294 24.31 0.57 -3.48
N ALA B 295 23.53 0.93 -2.47
CA ALA B 295 22.08 0.92 -2.58
C ALA B 295 21.65 1.57 -3.88
N GLY B 296 20.64 0.97 -4.52
CA GLY B 296 20.15 1.42 -5.80
C GLY B 296 20.58 0.49 -6.92
N ASP B 297 21.78 -0.08 -6.78
CA ASP B 297 22.29 -1.00 -7.80
C ASP B 297 21.45 -2.27 -7.87
N GLY B 298 20.83 -2.67 -6.75
CA GLY B 298 20.08 -3.90 -6.74
C GLY B 298 18.86 -3.89 -7.63
N LYS B 299 18.37 -2.70 -7.98
CA LYS B 299 17.22 -2.62 -8.87
C LYS B 299 17.52 -3.25 -10.22
N LEU B 300 18.79 -3.27 -10.62
CA LEU B 300 19.15 -3.94 -11.85
C LEU B 300 18.86 -5.42 -11.79
N GLY B 301 18.98 -6.02 -10.62
CA GLY B 301 18.71 -7.42 -10.40
C GLY B 301 17.30 -7.72 -9.93
N GLY B 302 16.41 -6.74 -9.88
CA GLY B 302 15.05 -6.99 -9.46
C GLY B 302 14.84 -6.96 -7.97
N ILE B 303 15.71 -6.28 -7.23
CA ILE B 303 15.64 -6.22 -5.77
C ILE B 303 15.12 -4.84 -5.39
N PHE B 304 14.07 -4.80 -4.58
CA PHE B 304 13.43 -3.55 -4.19
C PHE B 304 13.30 -3.34 -2.68
N MET B 305 13.63 -4.33 -1.87
CA MET B 305 13.54 -4.17 -0.42
C MET B 305 14.86 -3.62 0.11
N PRO B 306 14.87 -2.42 0.71
CA PRO B 306 16.13 -1.88 1.23
C PRO B 306 16.66 -2.70 2.39
N SER B 307 17.97 -2.68 2.56
CA SER B 307 18.61 -3.39 3.65
C SER B 307 18.07 -2.91 4.99
N ASP B 308 17.81 -3.86 5.88
CA ASP B 308 17.40 -3.57 7.24
C ASP B 308 18.53 -3.93 8.21
N GLY B 309 18.56 -3.24 9.33
CA GLY B 309 19.60 -3.45 10.31
C GLY B 309 19.36 -4.64 11.21
N HIS B 310 19.45 -5.84 10.64
CA HIS B 310 19.30 -7.07 11.40
C HIS B 310 20.37 -8.07 10.97
N CYS B 311 20.80 -8.89 11.92
CA CYS B 311 21.78 -9.92 11.61
C CYS B 311 21.09 -11.08 10.92
N HIS B 312 21.52 -11.38 9.70
CA HIS B 312 20.89 -12.40 8.86
C HIS B 312 21.79 -13.60 8.61
N LEU B 313 22.86 -13.76 9.38
CA LEU B 313 23.70 -14.94 9.23
C LEU B 313 22.96 -16.18 9.71
N ASP B 314 23.12 -17.29 9.00
CA ASP B 314 22.45 -18.51 9.39
C ASP B 314 23.41 -19.39 10.21
N SER B 315 23.04 -20.66 10.39
CA SER B 315 23.75 -21.51 11.34
C SER B 315 25.21 -21.73 10.96
N ASN B 316 25.57 -21.49 9.69
CA ASN B 316 26.93 -21.74 9.22
C ASN B 316 27.54 -20.48 8.61
N GLY B 317 27.23 -19.33 9.16
CA GLY B 317 27.91 -18.11 8.78
C GLY B 317 27.76 -17.70 7.35
N LEU B 318 26.57 -17.83 6.77
CA LEU B 318 26.31 -17.43 5.39
C LEU B 318 25.12 -16.49 5.37
N TYR B 319 25.28 -15.38 4.66
CA TYR B 319 24.20 -14.43 4.45
C TYR B 319 23.25 -14.99 3.40
N SER B 320 22.37 -15.90 3.83
CA SER B 320 21.56 -16.66 2.89
C SER B 320 20.51 -15.81 2.22
N ARG B 321 19.94 -14.86 2.97
CA ARG B 321 18.87 -14.00 2.47
C ARG B 321 19.37 -12.81 1.69
N SER B 322 20.58 -12.88 1.15
CA SER B 322 21.18 -11.71 0.52
C SER B 322 20.37 -11.23 -0.68
N THR B 323 19.90 -12.15 -1.51
CA THR B 323 19.20 -11.76 -2.73
C THR B 323 17.88 -11.06 -2.46
N GLU B 324 17.34 -11.15 -1.25
CA GLU B 324 16.07 -10.50 -0.94
C GLU B 324 16.20 -9.02 -0.61
N PHE B 325 17.36 -8.58 -0.12
CA PHE B 325 17.57 -7.20 0.30
C PHE B 325 18.56 -6.51 -0.64
N ASP B 326 18.54 -5.19 -0.60
CA ASP B 326 19.38 -4.34 -1.44
C ASP B 326 20.70 -4.05 -0.73
N TYR B 327 21.66 -3.54 -1.50
CA TYR B 327 22.95 -3.20 -0.93
C TYR B 327 22.79 -2.08 0.10
N PRO B 328 23.66 -2.03 1.11
CA PRO B 328 23.65 -0.88 2.01
C PRO B 328 24.11 0.38 1.29
N SER B 329 23.57 1.51 1.74
CA SER B 329 24.08 2.80 1.30
C SER B 329 25.32 3.17 2.08
N VAL B 330 26.08 4.13 1.56
CA VAL B 330 27.30 4.56 2.24
C VAL B 330 26.96 5.10 3.62
N GLY B 331 25.92 5.91 3.73
CA GLY B 331 25.55 6.48 5.02
C GLY B 331 25.15 5.41 6.02
N GLN B 332 24.45 4.39 5.56
CA GLN B 332 24.07 3.30 6.46
C GLN B 332 25.29 2.58 7.01
N VAL B 333 26.28 2.32 6.16
CA VAL B 333 27.50 1.66 6.59
C VAL B 333 28.25 2.53 7.60
N ALA B 334 28.35 3.82 7.31
CA ALA B 334 29.02 4.73 8.24
C ALA B 334 28.33 4.75 9.59
N GLN B 335 27.00 4.83 9.59
CA GLN B 335 26.25 4.87 10.82
C GLN B 335 26.43 3.57 11.61
N ALA B 336 26.39 2.42 10.92
CA ALA B 336 26.52 1.15 11.63
C ALA B 336 27.90 0.99 12.22
N LEU B 337 28.94 1.38 11.47
CA LEU B 337 30.30 1.30 12.01
C LEU B 337 30.46 2.22 13.21
N SER B 338 29.92 3.44 13.13
CA SER B 338 30.01 4.35 14.26
C SER B 338 29.31 3.78 15.49
N ALA B 339 28.13 3.20 15.30
CA ALA B 339 27.39 2.64 16.43
C ALA B 339 28.11 1.44 17.02
N ALA B 340 28.71 0.60 16.17
CA ALA B 340 29.44 -0.57 16.65
C ALA B 340 30.84 -0.24 17.11
N ASN B 341 31.35 0.95 16.80
CA ASN B 341 32.66 1.42 17.25
C ASN B 341 33.79 0.69 16.54
N ILE B 342 33.58 0.25 15.31
CA ILE B 342 34.57 -0.46 14.52
C ILE B 342 35.32 0.55 13.66
N GLN B 343 36.62 0.34 13.50
CA GLN B 343 37.47 1.22 12.71
C GLN B 343 37.92 0.51 11.44
N PRO B 344 37.48 0.93 10.25
CA PRO B 344 37.91 0.24 9.03
C PRO B 344 39.30 0.64 8.59
N ILE B 345 39.98 -0.32 7.95
CA ILE B 345 41.26 -0.08 7.30
C ILE B 345 41.17 -0.71 5.92
N PHE B 346 40.90 0.09 4.91
CA PHE B 346 40.72 -0.39 3.54
C PHE B 346 42.09 -0.58 2.91
N ALA B 347 42.48 -1.83 2.68
CA ALA B 347 43.69 -2.17 1.96
C ALA B 347 43.27 -2.51 0.53
N VAL B 348 43.30 -1.52 -0.34
CA VAL B 348 42.82 -1.67 -1.71
C VAL B 348 43.96 -1.36 -2.67
N THR B 349 43.89 -2.01 -3.84
CA THR B 349 44.92 -1.84 -4.85
C THR B 349 44.94 -0.41 -5.37
N SER B 350 45.89 -0.14 -6.26
CA SER B 350 46.14 1.24 -6.68
C SER B 350 45.01 1.78 -7.53
N ALA B 351 44.39 0.93 -8.36
CA ALA B 351 43.30 1.39 -9.22
C ALA B 351 42.12 1.88 -8.39
N ALA B 352 41.79 1.16 -7.32
CA ALA B 352 40.63 1.47 -6.49
C ALA B 352 40.93 2.42 -5.35
N LEU B 353 42.13 2.98 -5.29
CA LEU B 353 42.49 3.84 -4.17
C LEU B 353 41.63 5.09 -4.08
N PRO B 354 41.40 5.85 -5.14
CA PRO B 354 40.63 7.10 -4.99
C PRO B 354 39.22 6.90 -4.47
N VAL B 355 38.54 5.84 -4.92
CA VAL B 355 37.19 5.58 -4.45
C VAL B 355 37.17 5.37 -2.95
N TYR B 356 38.09 4.53 -2.46
CA TYR B 356 38.10 4.24 -1.04
C TYR B 356 38.66 5.38 -0.21
N GLN B 357 39.46 6.26 -0.79
CA GLN B 357 39.84 7.47 -0.07
C GLN B 357 38.63 8.39 0.10
N GLU B 358 37.84 8.55 -0.97
CA GLU B 358 36.60 9.31 -0.84
C GLU B 358 35.69 8.69 0.22
N LEU B 359 35.58 7.36 0.22
CA LEU B 359 34.75 6.69 1.22
C LEU B 359 35.29 6.91 2.62
N SER B 360 36.61 6.84 2.78
CA SER B 360 37.22 7.06 4.10
C SER B 360 36.94 8.45 4.62
N LYS B 361 36.93 9.46 3.75
CA LYS B 361 36.61 10.81 4.21
C LYS B 361 35.26 10.86 4.91
N LEU B 362 34.29 10.07 4.45
CA LEU B 362 32.96 10.13 5.05
C LEU B 362 32.90 9.42 6.39
N ILE B 363 33.60 8.31 6.55
CA ILE B 363 33.61 7.55 7.80
C ILE B 363 34.62 8.21 8.74
N PRO B 364 34.22 8.64 9.94
CA PRO B 364 35.08 9.53 10.73
C PRO B 364 36.45 8.97 11.06
N LYS B 365 36.56 7.68 11.38
CA LYS B 365 37.85 7.08 11.75
C LYS B 365 38.11 5.88 10.87
N SER B 366 38.97 6.06 9.87
CA SER B 366 39.32 4.99 8.96
C SER B 366 40.65 5.34 8.30
N ALA B 367 41.29 4.32 7.72
CA ALA B 367 42.57 4.50 7.05
C ALA B 367 42.51 3.78 5.71
N VAL B 368 43.34 4.25 4.78
CA VAL B 368 43.42 3.68 3.44
C VAL B 368 44.88 3.39 3.11
N GLY B 369 45.13 2.24 2.52
CA GLY B 369 46.48 1.85 2.16
C GLY B 369 46.49 1.12 0.83
N GLU B 370 47.65 1.09 0.19
CA GLU B 370 47.81 0.50 -1.12
C GLU B 370 48.20 -0.97 -0.97
N LEU B 371 47.31 -1.86 -1.40
CA LEU B 371 47.53 -3.30 -1.31
C LEU B 371 48.20 -3.78 -2.58
N SER B 372 49.31 -4.51 -2.41
CA SER B 372 50.04 -5.01 -3.56
C SER B 372 49.19 -6.00 -4.34
N GLU B 373 49.58 -6.22 -5.59
CA GLU B 373 48.81 -7.13 -6.44
C GLU B 373 48.80 -8.54 -5.87
N ASP B 374 49.84 -8.92 -5.12
CA ASP B 374 49.91 -10.22 -4.49
C ASP B 374 49.44 -10.19 -3.04
N SER B 375 49.14 -9.01 -2.49
CA SER B 375 48.75 -8.86 -1.09
C SER B 375 49.88 -9.26 -0.15
N SER B 376 51.12 -9.02 -0.56
CA SER B 376 52.28 -9.36 0.25
C SER B 376 52.51 -8.39 1.39
N ASN B 377 52.05 -7.14 1.25
CA ASN B 377 52.32 -6.10 2.24
C ASN B 377 51.13 -5.81 3.14
N VAL B 378 50.32 -6.82 3.47
CA VAL B 378 49.15 -6.59 4.30
C VAL B 378 49.55 -6.28 5.73
N VAL B 379 50.56 -6.97 6.26
CA VAL B 379 50.91 -6.79 7.66
C VAL B 379 51.40 -5.37 7.91
N GLN B 380 52.31 -4.89 7.05
CA GLN B 380 52.80 -3.53 7.21
C GLN B 380 51.68 -2.52 7.03
N LEU B 381 50.79 -2.78 6.08
CA LEU B 381 49.64 -1.90 5.89
C LEU B 381 48.82 -1.79 7.17
N ILE B 382 48.47 -2.94 7.76
CA ILE B 382 47.69 -2.94 8.98
C ILE B 382 48.41 -2.19 10.08
N MET B 383 49.72 -2.42 10.21
CA MET B 383 50.44 -1.80 11.31
C MET B 383 50.52 -0.30 11.14
N ASP B 384 50.82 0.17 9.93
CA ASP B 384 50.88 1.60 9.69
C ASP B 384 49.54 2.25 9.94
N ALA B 385 48.46 1.65 9.40
CA ALA B 385 47.13 2.19 9.62
C ALA B 385 46.79 2.22 11.10
N TYR B 386 47.10 1.14 11.82
CA TYR B 386 46.76 1.07 13.24
C TYR B 386 47.48 2.14 14.03
N ASN B 387 48.77 2.33 13.77
CA ASN B 387 49.52 3.34 14.50
C ASN B 387 49.01 4.74 14.17
N SER B 388 48.74 5.01 12.89
CA SER B 388 48.24 6.33 12.52
C SER B 388 46.80 6.54 12.96
N LEU B 389 46.12 5.47 13.37
CA LEU B 389 44.73 5.55 13.79
C LEU B 389 44.60 5.69 15.30
N SER B 390 45.53 5.10 16.05
CA SER B 390 45.50 5.20 17.51
C SER B 390 46.16 6.47 18.02
N SER B 391 46.87 7.20 17.17
CA SER B 391 47.48 8.46 17.57
C SER B 391 46.58 9.66 17.30
N THR B 392 45.33 9.42 16.90
CA THR B 392 44.34 10.47 16.75
C THR B 392 43.24 10.26 17.78
N VAL B 393 43.15 11.17 18.74
CA VAL B 393 42.12 11.15 19.77
C VAL B 393 41.07 12.18 19.39
N THR B 394 39.83 11.71 19.21
CA THR B 394 38.74 12.58 18.78
C THR B 394 37.57 12.41 19.73
N LEU B 395 37.02 13.52 20.21
CA LEU B 395 35.94 13.53 21.17
C LEU B 395 34.69 14.12 20.53
N GLU B 396 33.60 13.37 20.54
CA GLU B 396 32.36 13.76 19.90
C GLU B 396 31.20 13.62 20.86
N HIS B 397 30.13 14.35 20.59
CA HIS B 397 28.94 14.40 21.41
C HIS B 397 27.77 13.72 20.71
N SER B 398 26.93 13.05 21.48
CA SER B 398 25.68 12.52 20.94
C SER B 398 24.73 13.68 20.63
N SER B 399 23.58 13.34 20.05
CA SER B 399 22.62 14.36 19.66
C SER B 399 22.24 15.20 20.86
N LEU B 400 22.42 16.52 20.74
CA LEU B 400 22.13 17.43 21.82
C LEU B 400 20.63 17.64 21.96
N PRO B 401 20.14 17.96 23.15
CA PRO B 401 18.74 18.37 23.30
C PRO B 401 18.47 19.64 22.53
N PRO B 402 17.21 20.07 22.45
CA PRO B 402 16.90 21.27 21.65
C PRO B 402 17.38 22.53 22.34
N GLY B 403 18.12 23.36 21.60
CA GLY B 403 18.63 24.60 22.12
C GLY B 403 19.95 24.53 22.84
N VAL B 404 20.60 23.36 22.85
CA VAL B 404 21.89 23.20 23.52
C VAL B 404 23.00 23.37 22.49
N HIS B 405 24.09 24.02 22.91
CA HIS B 405 25.24 24.27 22.06
C HIS B 405 26.50 23.76 22.75
N ILE B 406 27.45 23.27 21.95
CA ILE B 406 28.65 22.64 22.47
C ILE B 406 29.84 23.06 21.61
N SER B 407 30.99 23.28 22.26
CA SER B 407 32.21 23.63 21.56
C SER B 407 33.37 22.97 22.28
N TYR B 408 34.50 22.85 21.59
CA TYR B 408 35.66 22.14 22.09
C TYR B 408 36.91 23.01 21.95
N GLU B 409 37.86 22.80 22.86
CA GLU B 409 39.15 23.48 22.81
C GLU B 409 40.22 22.45 23.14
N SER B 410 40.74 21.78 22.11
CA SER B 410 41.70 20.71 22.32
C SER B 410 43.00 21.27 22.89
N GLN B 411 43.64 20.47 23.73
CA GLN B 411 44.89 20.85 24.39
C GLN B 411 45.81 19.64 24.39
N CYS B 412 46.87 19.68 23.57
CA CYS B 412 47.78 18.55 23.45
C CYS B 412 48.88 18.56 24.51
N GLU B 413 49.08 19.67 25.21
CA GLU B 413 50.12 19.74 26.25
C GLU B 413 49.66 20.71 27.32
N GLY B 414 50.23 20.55 28.51
CA GLY B 414 49.81 21.28 29.68
C GLY B 414 49.89 22.79 29.55
N PRO B 415 51.01 23.31 29.05
CA PRO B 415 51.16 24.77 28.96
C PRO B 415 50.56 25.35 27.69
N GLU B 416 49.71 24.59 27.00
CA GLU B 416 49.16 25.04 25.74
C GLU B 416 48.23 26.24 25.94
N LYS B 417 48.09 27.01 24.88
CA LYS B 417 47.33 28.25 24.93
C LYS B 417 45.83 27.98 25.01
N ARG B 418 45.07 29.05 25.23
CA ARG B 418 43.61 29.02 25.20
C ARG B 418 43.17 29.72 23.93
N GLU B 419 43.07 28.94 22.84
CA GLU B 419 42.75 29.53 21.54
C GLU B 419 41.31 30.02 21.48
N GLY B 420 40.37 29.25 22.03
CA GLY B 420 38.98 29.66 22.05
C GLY B 420 38.20 29.36 20.79
N LYS B 421 38.78 28.64 19.83
CA LYS B 421 38.05 28.32 18.61
C LYS B 421 36.84 27.45 18.93
N ALA B 422 35.75 27.68 18.22
CA ALA B 422 34.48 26.99 18.47
C ALA B 422 34.32 25.75 17.58
N GLU B 423 35.26 24.81 17.71
CA GLU B 423 35.18 23.59 16.92
C GLU B 423 34.08 22.68 17.48
N ASP B 424 33.42 21.95 16.59
CA ASP B 424 32.30 21.09 16.98
C ASP B 424 32.74 19.71 17.45
N ARG B 425 34.04 19.41 17.43
CA ARG B 425 34.52 18.11 17.86
C ARG B 425 36.01 18.24 18.18
N GLY B 426 36.37 18.00 19.43
CA GLY B 426 37.77 18.06 19.80
C GLY B 426 38.58 17.00 19.08
N GLN B 427 39.87 17.28 18.89
CA GLN B 427 40.74 16.35 18.21
C GLN B 427 42.19 16.73 18.47
N CYS B 428 42.99 15.74 18.85
CA CYS B 428 44.44 15.89 19.00
C CYS B 428 45.11 14.84 18.14
N ASN B 429 46.21 15.23 17.49
CA ASN B 429 46.92 14.34 16.58
C ASN B 429 48.33 14.08 17.11
N HIS B 430 48.87 12.91 16.74
CA HIS B 430 50.20 12.50 17.17
C HIS B 430 50.27 12.40 18.69
N VAL B 431 49.34 11.65 19.27
CA VAL B 431 49.31 11.43 20.72
C VAL B 431 50.24 10.27 21.04
N ARG B 432 51.30 10.56 21.78
CA ARG B 432 52.28 9.54 22.11
C ARG B 432 51.74 8.58 23.17
N ILE B 433 52.20 7.34 23.11
CA ILE B 433 51.81 6.37 24.11
C ILE B 433 52.25 6.85 25.48
N ASN B 434 51.40 6.64 26.48
CA ASN B 434 51.68 6.91 27.87
C ASN B 434 51.58 8.41 28.17
N GLN B 435 50.79 9.12 27.38
CA GLN B 435 50.58 10.56 27.46
C GLN B 435 49.13 10.89 27.78
N THR B 436 48.88 12.12 28.19
CA THR B 436 47.55 12.63 28.47
C THR B 436 47.31 13.95 27.74
N VAL B 437 46.08 14.13 27.25
CA VAL B 437 45.64 15.37 26.64
C VAL B 437 44.39 15.84 27.36
N THR B 438 43.89 17.00 26.96
CA THR B 438 42.74 17.61 27.62
C THR B 438 41.86 18.34 26.61
N PHE B 439 40.55 18.13 26.72
CA PHE B 439 39.56 18.84 25.94
C PHE B 439 38.72 19.68 26.87
N TRP B 440 38.45 20.92 26.47
CA TRP B 440 37.55 21.80 27.22
C TRP B 440 36.22 21.85 26.48
N VAL B 441 35.24 21.12 26.99
CA VAL B 441 33.91 21.08 26.41
C VAL B 441 33.09 22.20 27.06
N SER B 442 32.67 23.18 26.25
CA SER B 442 31.89 24.31 26.71
C SER B 442 30.43 24.08 26.38
N LEU B 443 29.56 24.30 27.35
CA LEU B 443 28.12 24.04 27.21
C LEU B 443 27.33 25.28 27.58
N GLN B 444 26.41 25.67 26.71
CA GLN B 444 25.46 26.74 26.99
C GLN B 444 24.12 26.34 26.39
N ALA B 445 23.06 27.00 26.84
CA ALA B 445 21.71 26.68 26.41
C ALA B 445 20.92 27.96 26.15
N THR B 446 19.75 27.78 25.54
CA THR B 446 18.84 28.88 25.22
C THR B 446 17.52 28.78 25.94
N HIS B 447 16.87 27.61 25.91
CA HIS B 447 15.56 27.42 26.51
C HIS B 447 15.65 26.40 27.64
N CYS B 448 14.80 26.57 28.64
CA CYS B 448 14.71 25.61 29.74
C CYS B 448 14.13 24.29 29.22
N LEU B 449 14.78 23.19 29.57
CA LEU B 449 14.29 21.89 29.14
C LEU B 449 13.08 21.48 29.95
N PRO B 450 12.25 20.56 29.42
CA PRO B 450 11.11 20.07 30.20
C PRO B 450 11.46 18.93 31.16
N GLU B 451 12.59 18.27 30.98
CA GLU B 451 12.97 17.14 31.81
C GLU B 451 14.48 16.98 31.75
N PRO B 452 15.07 16.29 32.73
CA PRO B 452 16.53 16.08 32.68
C PRO B 452 16.94 15.34 31.42
N HIS B 453 18.03 15.81 30.82
CA HIS B 453 18.56 15.23 29.59
C HIS B 453 19.92 14.61 29.86
N LEU B 454 20.37 13.78 28.92
CA LEU B 454 21.64 13.07 29.05
C LEU B 454 22.43 13.18 27.75
N LEU B 455 23.74 13.35 27.90
CA LEU B 455 24.67 13.39 26.79
C LEU B 455 25.67 12.26 26.94
N ARG B 456 26.31 11.91 25.83
CA ARG B 456 27.35 10.88 25.82
C ARG B 456 28.51 11.40 24.97
N LEU B 457 29.53 11.92 25.64
CA LEU B 457 30.76 12.36 24.98
C LEU B 457 31.75 11.20 25.03
N ARG B 458 32.01 10.59 23.88
CA ARG B 458 32.84 9.40 23.79
C ARG B 458 34.03 9.65 22.89
N ALA B 459 35.19 9.19 23.33
CA ALA B 459 36.39 9.21 22.51
C ALA B 459 36.24 8.16 21.41
N LEU B 460 36.05 8.60 20.18
CA LEU B 460 35.78 7.68 19.08
C LEU B 460 36.88 6.63 18.99
N GLY B 461 36.48 5.37 18.82
CA GLY B 461 37.40 4.28 18.70
C GLY B 461 37.64 3.49 19.97
N PHE B 462 37.22 4.04 21.11
CA PHE B 462 37.38 3.39 22.40
C PHE B 462 36.02 3.28 23.09
N SER B 463 35.90 2.28 23.96
CA SER B 463 34.62 2.02 24.61
C SER B 463 34.27 3.10 25.63
N GLU B 464 35.28 3.70 26.27
CA GLU B 464 35.03 4.66 27.33
C GLU B 464 34.06 5.74 26.87
N GLU B 465 33.36 6.32 27.84
CA GLU B 465 32.33 7.32 27.57
C GLU B 465 32.16 8.20 28.79
N LEU B 466 31.43 9.30 28.61
CA LEU B 466 31.22 10.29 29.67
C LEU B 466 29.77 10.75 29.61
N ILE B 467 28.97 10.34 30.58
CA ILE B 467 27.56 10.68 30.66
C ILE B 467 27.42 11.99 31.41
N VAL B 468 26.82 12.99 30.76
CA VAL B 468 26.58 14.29 31.36
C VAL B 468 25.09 14.42 31.59
N GLU B 469 24.71 14.72 32.83
CA GLU B 469 23.32 14.90 33.21
C GLU B 469 22.99 16.39 33.16
N LEU B 470 22.36 16.83 32.09
CA LEU B 470 22.14 18.24 31.83
C LEU B 470 20.76 18.67 32.32
N HIS B 471 20.72 19.74 33.11
CA HIS B 471 19.51 20.36 33.60
C HIS B 471 19.57 21.85 33.34
N THR B 472 18.48 22.55 33.64
CA THR B 472 18.39 23.98 33.45
C THR B 472 17.61 24.62 34.59
N LEU B 473 17.70 25.94 34.70
CA LEU B 473 17.00 26.71 35.72
C LEU B 473 16.65 28.08 35.17
N CYS B 474 15.67 28.71 35.81
CA CYS B 474 15.25 30.06 35.42
C CYS B 474 14.73 30.81 36.63
N MET C 1 -37.54 23.36 -8.19
CA MET C 1 -37.50 22.62 -6.90
C MET C 1 -37.14 21.16 -7.14
N VAL C 2 -36.88 20.42 -6.06
CA VAL C 2 -36.40 19.06 -6.15
C VAL C 2 -37.55 18.10 -5.89
N GLN C 3 -37.69 17.09 -6.74
CA GLN C 3 -38.72 16.07 -6.56
C GLN C 3 -38.21 14.76 -7.14
N LEU C 4 -38.72 13.67 -6.58
CA LEU C 4 -38.33 12.32 -7.01
C LEU C 4 -39.58 11.51 -7.33
N GLN C 5 -39.49 10.75 -8.41
CA GLN C 5 -40.58 9.91 -8.88
C GLN C 5 -40.10 8.46 -8.93
N ARG C 6 -41.04 7.52 -8.88
CA ARG C 6 -40.71 6.11 -8.83
C ARG C 6 -41.65 5.33 -9.74
N ALA C 7 -41.25 4.09 -10.06
CA ALA C 7 -42.02 3.27 -10.97
C ALA C 7 -43.41 2.97 -10.44
N GLY C 8 -43.52 2.66 -9.14
CA GLY C 8 -44.79 2.34 -8.54
C GLY C 8 -44.79 0.95 -7.94
N PRO C 9 -45.97 0.47 -7.54
CA PRO C 9 -46.04 -0.86 -6.92
C PRO C 9 -45.66 -1.95 -7.89
N THR C 10 -45.14 -3.05 -7.35
CA THR C 10 -44.78 -4.20 -8.15
C THR C 10 -45.10 -5.48 -7.38
N ILE C 11 -45.70 -6.44 -8.08
CA ILE C 11 -46.01 -7.75 -7.53
C ILE C 11 -45.09 -8.74 -8.22
N VAL C 12 -44.37 -9.53 -7.43
CA VAL C 12 -43.40 -10.48 -7.96
C VAL C 12 -43.53 -11.78 -7.18
N LYS C 13 -43.33 -12.89 -7.89
CA LYS C 13 -43.34 -14.19 -7.23
C LYS C 13 -42.08 -14.35 -6.39
N PRO C 14 -42.11 -15.23 -5.38
CA PRO C 14 -40.90 -15.46 -4.58
C PRO C 14 -39.77 -15.98 -5.44
N GLY C 15 -38.55 -15.53 -5.11
CA GLY C 15 -37.35 -15.98 -5.76
C GLY C 15 -36.89 -15.12 -6.93
N SER C 16 -37.65 -14.10 -7.30
CA SER C 16 -37.31 -13.27 -8.45
C SER C 16 -36.50 -12.06 -8.00
N ALA C 17 -36.22 -11.15 -8.94
CA ALA C 17 -35.50 -9.91 -8.63
C ALA C 17 -36.23 -8.75 -9.30
N VAL C 18 -36.14 -7.59 -8.65
CA VAL C 18 -36.86 -6.40 -9.08
C VAL C 18 -35.87 -5.24 -9.13
N LYS C 19 -36.01 -4.39 -10.15
CA LYS C 19 -35.14 -3.23 -10.35
C LYS C 19 -36.01 -1.98 -10.24
N LEU C 20 -36.12 -1.43 -9.03
CA LEU C 20 -36.85 -0.20 -8.82
C LEU C 20 -36.13 0.96 -9.49
N SER C 21 -36.82 2.10 -9.56
CA SER C 21 -36.28 3.31 -10.17
C SER C 21 -36.63 4.52 -9.31
N CYS C 22 -35.80 5.56 -9.42
CA CYS C 22 -36.02 6.81 -8.71
C CYS C 22 -35.47 7.93 -9.58
N LYS C 23 -36.34 8.52 -10.40
CA LYS C 23 -35.94 9.62 -11.26
C LYS C 23 -35.77 10.88 -10.42
N ALA C 24 -34.84 11.75 -10.84
CA ALA C 24 -34.50 12.95 -10.10
C ALA C 24 -34.52 14.15 -11.03
N THR C 25 -35.02 15.28 -10.53
CA THR C 25 -35.11 16.50 -11.31
C THR C 25 -34.90 17.70 -10.40
N GLY C 26 -34.45 18.80 -11.01
CA GLY C 26 -34.32 20.05 -10.31
C GLY C 26 -32.98 20.33 -9.68
N PHE C 27 -31.98 19.47 -9.90
CA PHE C 27 -30.66 19.67 -9.32
C PHE C 27 -29.62 18.92 -10.14
N ALA C 28 -28.36 19.26 -9.91
CA ALA C 28 -27.25 18.56 -10.54
C ALA C 28 -27.19 17.13 -10.03
N TYR C 29 -27.45 16.16 -10.92
CA TYR C 29 -27.60 14.78 -10.50
C TYR C 29 -26.27 14.14 -10.11
N GLU C 30 -25.14 14.76 -10.46
CA GLU C 30 -23.83 14.18 -10.22
C GLU C 30 -23.08 14.86 -9.07
N ASP C 31 -23.78 15.62 -8.23
CA ASP C 31 -23.13 16.36 -7.15
C ASP C 31 -23.56 15.92 -5.77
N TYR C 32 -24.66 15.18 -5.64
CA TYR C 32 -25.22 14.82 -4.35
C TYR C 32 -25.47 13.32 -4.29
N TYR C 33 -25.58 12.81 -3.06
CA TYR C 33 -25.79 11.39 -2.84
C TYR C 33 -27.27 11.04 -2.91
N ILE C 34 -27.54 9.75 -3.13
CA ILE C 34 -28.90 9.21 -3.15
C ILE C 34 -28.95 8.05 -2.16
N PHE C 35 -29.79 8.16 -1.16
CA PHE C 35 -29.92 7.14 -0.11
C PHE C 35 -31.23 6.39 -0.29
N TRP C 36 -31.24 5.13 0.16
CA TRP C 36 -32.42 4.29 0.12
C TRP C 36 -32.72 3.76 1.51
N VAL C 37 -33.99 3.73 1.88
CA VAL C 37 -34.44 3.26 3.18
C VAL C 37 -35.65 2.36 2.97
N ARG C 38 -35.78 1.36 3.85
CA ARG C 38 -36.87 0.41 3.79
C ARG C 38 -37.79 0.61 4.99
N GLN C 39 -39.04 0.93 4.73
CA GLN C 39 -40.07 1.07 5.75
C GLN C 39 -40.99 -0.14 5.69
N ARG C 40 -41.10 -0.84 6.82
CA ARG C 40 -41.90 -2.05 6.91
C ARG C 40 -43.01 -1.87 7.93
N GLU C 41 -44.09 -2.61 7.74
CA GLU C 41 -45.27 -2.48 8.58
C GLU C 41 -45.05 -3.25 9.88
N GLY C 42 -46.10 -3.36 10.69
CA GLY C 42 -46.03 -4.11 11.93
C GLY C 42 -45.05 -3.54 12.94
N GLY C 43 -44.89 -2.22 12.96
CA GLY C 43 -44.01 -1.58 13.92
C GLY C 43 -42.54 -1.73 13.64
N ASN C 44 -42.17 -2.24 12.46
CA ASN C 44 -40.76 -2.38 12.11
C ASN C 44 -40.07 -1.06 11.84
N GLY C 45 -40.82 0.04 11.74
CA GLY C 45 -40.19 1.32 11.51
C GLY C 45 -39.44 1.35 10.19
N GLN C 46 -38.22 1.88 10.22
CA GLN C 46 -37.41 2.05 9.02
C GLN C 46 -35.98 1.59 9.31
N LYS C 47 -35.32 1.09 8.28
CA LYS C 47 -33.93 0.66 8.38
C LYS C 47 -33.20 1.08 7.12
N TRP C 48 -32.03 1.70 7.29
CA TRP C 48 -31.28 2.23 6.16
C TRP C 48 -30.71 1.10 5.32
N ILE C 49 -30.61 1.35 4.01
CA ILE C 49 -30.21 0.32 3.05
C ILE C 49 -28.81 0.59 2.55
N GLY C 50 -28.58 1.77 1.97
CA GLY C 50 -27.29 2.08 1.40
C GLY C 50 -27.30 3.46 0.77
N ARG C 51 -26.27 3.70 -0.04
CA ARG C 51 -26.09 4.98 -0.72
C ARG C 51 -25.46 4.74 -2.09
N ILE C 52 -25.53 5.76 -2.94
CA ILE C 52 -24.81 5.77 -4.20
C ILE C 52 -24.48 7.20 -4.56
N HIS C 53 -23.28 7.41 -5.08
CA HIS C 53 -22.84 8.73 -5.53
C HIS C 53 -22.82 8.72 -7.05
N PRO C 54 -23.80 9.32 -7.72
CA PRO C 54 -23.85 9.23 -9.19
C PRO C 54 -22.62 9.78 -9.87
N GLY C 55 -21.96 10.78 -9.29
CA GLY C 55 -20.82 11.38 -9.95
C GLY C 55 -19.66 10.43 -10.12
N SER C 56 -19.61 9.35 -9.32
CA SER C 56 -18.51 8.41 -9.36
C SER C 56 -18.93 6.96 -9.34
N GLY C 57 -20.21 6.65 -9.16
CA GLY C 57 -20.67 5.28 -9.08
C GLY C 57 -20.35 4.55 -7.81
N GLU C 58 -19.89 5.24 -6.77
CA GLU C 58 -19.45 4.56 -5.56
C GLU C 58 -20.60 4.30 -4.61
N THR C 59 -20.59 3.12 -4.01
CA THR C 59 -21.73 2.64 -3.22
C THR C 59 -21.26 2.25 -1.83
N LYS C 60 -22.23 2.18 -0.92
CA LYS C 60 -22.00 1.71 0.44
C LYS C 60 -23.29 1.07 0.93
N TYR C 61 -23.17 -0.07 1.61
CA TYR C 61 -24.31 -0.87 2.01
C TYR C 61 -24.27 -1.16 3.49
N ASN C 62 -25.43 -1.08 4.14
CA ASN C 62 -25.58 -1.65 5.47
C ASN C 62 -25.37 -3.16 5.40
N ASP C 63 -24.71 -3.72 6.40
CA ASP C 63 -24.38 -5.14 6.36
C ASP C 63 -25.60 -6.02 6.22
N LYS C 64 -26.76 -5.59 6.73
CA LYS C 64 -27.96 -6.40 6.66
C LYS C 64 -28.45 -6.57 5.22
N PHE C 65 -28.12 -5.63 4.33
CA PHE C 65 -28.48 -5.70 2.92
C PHE C 65 -27.25 -5.84 2.03
N LYS C 66 -26.15 -6.37 2.56
CA LYS C 66 -24.90 -6.41 1.81
C LYS C 66 -25.05 -7.21 0.53
N GLY C 67 -25.65 -8.39 0.61
CA GLY C 67 -25.86 -9.25 -0.52
C GLY C 67 -27.25 -9.17 -1.14
N LYS C 68 -28.12 -8.33 -0.60
CA LYS C 68 -29.50 -8.28 -1.05
C LYS C 68 -29.72 -7.18 -2.09
N ALA C 69 -29.28 -5.96 -1.79
CA ALA C 69 -29.51 -4.81 -2.65
C ALA C 69 -28.27 -4.52 -3.49
N THR C 70 -28.48 -3.81 -4.59
CA THR C 70 -27.39 -3.42 -5.49
C THR C 70 -27.82 -2.15 -6.21
N LEU C 71 -27.26 -1.02 -5.79
CA LEU C 71 -27.62 0.28 -6.34
C LEU C 71 -26.79 0.61 -7.57
N THR C 72 -27.38 1.37 -8.47
CA THR C 72 -26.69 1.85 -9.66
C THR C 72 -27.35 3.15 -10.11
N ALA C 73 -26.64 3.90 -10.95
CA ALA C 73 -27.11 5.19 -11.42
C ALA C 73 -26.91 5.32 -12.92
N ASP C 74 -27.73 6.17 -13.53
CA ASP C 74 -27.65 6.51 -14.95
C ASP C 74 -27.55 8.02 -15.05
N THR C 75 -26.35 8.53 -15.31
CA THR C 75 -26.15 9.97 -15.37
C THR C 75 -26.96 10.61 -16.47
N GLU C 76 -27.12 9.93 -17.61
CA GLU C 76 -27.83 10.51 -18.73
C GLU C 76 -29.31 10.66 -18.44
N ALA C 77 -29.94 9.62 -17.90
CA ALA C 77 -31.37 9.65 -17.60
C ALA C 77 -31.66 10.27 -16.25
N SER C 78 -30.64 10.57 -15.44
CA SER C 78 -30.83 11.15 -14.12
C SER C 78 -31.76 10.29 -13.27
N SER C 79 -31.61 8.97 -13.38
CA SER C 79 -32.45 8.00 -12.67
C SER C 79 -31.58 6.97 -11.99
N ALA C 80 -31.85 6.73 -10.71
CA ALA C 80 -31.17 5.71 -9.93
C ALA C 80 -32.02 4.45 -9.88
N TYR C 81 -31.39 3.34 -9.50
CA TYR C 81 -32.08 2.05 -9.42
C TYR C 81 -31.58 1.28 -8.20
N MET C 82 -32.46 0.44 -7.65
CA MET C 82 -32.08 -0.57 -6.68
C MET C 82 -32.48 -1.93 -7.23
N ARG C 83 -31.60 -2.92 -7.08
CA ARG C 83 -31.88 -4.28 -7.52
C ARG C 83 -31.92 -5.18 -6.28
N LEU C 84 -33.07 -5.80 -6.06
CA LEU C 84 -33.26 -6.74 -4.97
C LEU C 84 -33.20 -8.15 -5.53
N THR C 85 -32.33 -8.98 -4.97
CA THR C 85 -32.08 -10.32 -5.46
C THR C 85 -32.71 -11.34 -4.54
N SER C 86 -33.27 -12.40 -5.13
CA SER C 86 -33.88 -13.50 -4.38
C SER C 86 -34.84 -12.96 -3.34
N LEU C 87 -35.83 -12.20 -3.81
CA LEU C 87 -36.84 -11.65 -2.92
C LEU C 87 -37.60 -12.78 -2.22
N THR C 88 -37.97 -12.53 -0.97
CA THR C 88 -38.73 -13.48 -0.17
C THR C 88 -40.01 -12.82 0.33
N SER C 89 -40.85 -13.62 0.98
CA SER C 89 -42.09 -13.08 1.52
C SER C 89 -41.82 -12.02 2.57
N GLU C 90 -40.61 -12.00 3.13
CA GLU C 90 -40.28 -11.03 4.17
C GLU C 90 -39.89 -9.68 3.58
N ASP C 91 -39.43 -9.64 2.33
CA ASP C 91 -39.02 -8.39 1.72
C ASP C 91 -40.19 -7.43 1.45
N THR C 92 -41.42 -7.92 1.56
CA THR C 92 -42.58 -7.05 1.38
C THR C 92 -42.46 -5.81 2.25
N ALA C 93 -42.40 -4.65 1.62
CA ALA C 93 -42.27 -3.38 2.32
C ALA C 93 -42.36 -2.26 1.28
N VAL C 94 -42.30 -1.03 1.77
CA VAL C 94 -42.31 0.16 0.92
C VAL C 94 -40.95 0.83 1.06
N TRP C 95 -40.34 1.17 -0.08
CA TRP C 95 -38.97 1.65 -0.14
C TRP C 95 -38.94 3.09 -0.62
N TYR C 96 -37.95 3.84 -0.16
CA TYR C 96 -37.85 5.27 -0.47
C TYR C 96 -36.42 5.64 -0.86
N CYS C 97 -36.27 6.27 -2.01
CA CYS C 97 -35.04 6.97 -2.36
C CYS C 97 -35.05 8.36 -1.75
N GLY C 98 -33.85 8.94 -1.59
CA GLY C 98 -33.71 10.20 -0.89
C GLY C 98 -32.58 11.03 -1.47
N TRP C 99 -32.47 12.25 -0.96
CA TRP C 99 -31.46 13.22 -1.41
C TRP C 99 -30.96 13.99 -0.21
N GLU C 100 -29.66 13.88 0.07
CA GLU C 100 -29.09 14.51 1.26
C GLU C 100 -29.16 16.02 1.15
N ARG C 101 -29.43 16.67 2.28
CA ARG C 101 -29.45 18.13 2.33
C ARG C 101 -28.10 18.68 1.90
N SER C 102 -28.14 19.74 1.09
CA SER C 102 -26.91 20.31 0.55
C SER C 102 -26.00 20.83 1.66
N VAL C 103 -26.57 21.52 2.65
CA VAL C 103 -25.81 22.08 3.76
C VAL C 103 -26.18 21.32 5.02
N GLY C 104 -25.27 21.36 6.00
CA GLY C 104 -25.48 20.58 7.20
C GLY C 104 -25.41 19.10 6.89
N ARG C 105 -26.18 18.32 7.64
CA ARG C 105 -26.28 16.88 7.39
C ARG C 105 -27.69 16.41 7.70
N ALA C 106 -28.39 15.97 6.67
CA ALA C 106 -29.73 15.39 6.82
C ALA C 106 -29.90 14.40 5.68
N THR C 107 -29.79 13.10 6.00
CA THR C 107 -29.69 12.09 4.96
C THR C 107 -30.85 12.18 3.98
N PHE C 108 -32.07 12.29 4.48
CA PHE C 108 -33.27 12.34 3.64
C PHE C 108 -33.90 13.73 3.79
N ALA C 109 -33.43 14.66 2.97
CA ALA C 109 -34.04 15.98 2.92
C ALA C 109 -35.28 15.98 2.03
N TYR C 110 -35.25 15.19 0.96
CA TYR C 110 -36.38 15.04 0.04
C TYR C 110 -36.62 13.56 -0.21
N TRP C 111 -37.89 13.18 -0.36
CA TRP C 111 -38.26 11.79 -0.55
C TRP C 111 -39.05 11.65 -1.85
N GLY C 112 -39.03 10.44 -2.40
CA GLY C 112 -39.91 10.11 -3.50
C GLY C 112 -41.31 9.76 -3.02
N GLN C 113 -42.22 9.58 -3.98
CA GLN C 113 -43.62 9.38 -3.62
C GLN C 113 -43.83 8.11 -2.83
N GLY C 114 -43.18 7.01 -3.21
CA GLY C 114 -43.41 5.74 -2.54
C GLY C 114 -43.57 4.62 -3.55
N THR C 115 -42.95 3.48 -3.24
CA THR C 115 -43.09 2.27 -4.06
C THR C 115 -43.24 1.08 -3.12
N SER C 116 -44.25 0.25 -3.39
CA SER C 116 -44.58 -0.89 -2.53
C SER C 116 -44.31 -2.18 -3.28
N VAL C 117 -43.65 -3.12 -2.61
CA VAL C 117 -43.30 -4.42 -3.20
C VAL C 117 -43.97 -5.50 -2.36
N THR C 118 -44.64 -6.43 -3.04
CA THR C 118 -45.27 -7.57 -2.39
C THR C 118 -44.78 -8.84 -3.08
N VAL C 119 -44.30 -9.79 -2.28
CA VAL C 119 -43.74 -11.04 -2.78
C VAL C 119 -44.69 -12.16 -2.39
N SER C 120 -45.58 -12.53 -3.31
CA SER C 120 -46.57 -13.56 -3.06
C SER C 120 -46.66 -14.49 -4.26
N SER C 121 -46.92 -15.76 -3.99
CA SER C 121 -47.10 -16.76 -5.03
C SER C 121 -48.56 -16.96 -5.42
N ALA C 122 -49.49 -16.27 -4.77
CA ALA C 122 -50.90 -16.46 -5.05
C ALA C 122 -51.28 -15.85 -6.40
N LYS C 123 -52.21 -16.51 -7.09
CA LYS C 123 -52.73 -16.01 -8.34
C LYS C 123 -53.80 -14.94 -8.09
N THR C 124 -54.15 -14.21 -9.14
CA THR C 124 -55.18 -13.18 -9.04
C THR C 124 -56.54 -13.84 -8.81
N THR C 125 -57.04 -13.77 -7.58
CA THR C 125 -58.28 -14.43 -7.20
C THR C 125 -59.32 -13.39 -6.81
N PRO C 126 -60.55 -13.47 -7.32
CA PRO C 126 -61.57 -12.49 -6.96
C PRO C 126 -62.11 -12.74 -5.56
N PRO C 127 -62.72 -11.74 -4.94
CA PRO C 127 -63.28 -11.93 -3.60
C PRO C 127 -64.55 -12.77 -3.60
N SER C 128 -64.89 -13.25 -2.41
CA SER C 128 -66.17 -13.90 -2.16
C SER C 128 -66.87 -13.13 -1.04
N VAL C 129 -68.10 -12.69 -1.30
CA VAL C 129 -68.82 -11.80 -0.40
C VAL C 129 -69.92 -12.59 0.29
N TYR C 130 -69.96 -12.52 1.62
CA TYR C 130 -70.91 -13.26 2.43
C TYR C 130 -71.66 -12.29 3.34
N PRO C 131 -72.99 -12.20 3.24
CA PRO C 131 -73.73 -11.33 4.15
C PRO C 131 -73.69 -11.83 5.59
N LEU C 132 -73.76 -10.88 6.52
CA LEU C 132 -73.73 -11.18 7.95
C LEU C 132 -75.13 -10.92 8.52
N ALA C 133 -75.95 -11.95 8.54
CA ALA C 133 -77.32 -11.80 9.04
C ALA C 133 -77.28 -11.51 10.55
N PRO C 134 -77.94 -10.43 11.00
CA PRO C 134 -77.95 -10.16 12.44
C PRO C 134 -78.60 -11.29 13.22
N GLY C 135 -78.10 -11.51 14.44
CA GLY C 135 -78.71 -12.50 15.31
C GLY C 135 -80.13 -12.12 15.68
N SER C 136 -80.89 -13.16 16.07
CA SER C 136 -82.29 -12.94 16.42
C SER C 136 -82.44 -11.97 17.58
N ALA C 137 -81.44 -11.93 18.47
CA ALA C 137 -81.53 -11.07 19.66
C ALA C 137 -81.31 -9.60 19.33
N ALA C 138 -80.66 -9.29 18.20
CA ALA C 138 -80.35 -7.91 17.85
C ALA C 138 -81.53 -7.19 17.20
N GLN C 139 -82.60 -7.89 16.83
CA GLN C 139 -83.74 -7.27 16.17
C GLN C 139 -84.61 -6.47 17.11
N THR C 140 -84.45 -6.62 18.43
CA THR C 140 -85.27 -5.92 19.40
C THR C 140 -84.69 -4.58 19.83
N ASN C 141 -83.50 -4.22 19.37
CA ASN C 141 -82.85 -2.98 19.75
C ASN C 141 -83.18 -1.87 18.76
N SER C 142 -83.03 -0.62 19.22
CA SER C 142 -83.30 0.52 18.36
C SER C 142 -82.31 0.58 17.21
N MET C 143 -81.05 0.26 17.47
CA MET C 143 -79.99 0.29 16.47
C MET C 143 -79.63 -1.13 16.06
N VAL C 144 -79.56 -1.37 14.75
CA VAL C 144 -79.22 -2.67 14.21
C VAL C 144 -77.94 -2.54 13.39
N THR C 145 -77.05 -3.52 13.54
CA THR C 145 -75.76 -3.54 12.86
C THR C 145 -75.74 -4.64 11.82
N LEU C 146 -75.23 -4.32 10.63
CA LEU C 146 -75.07 -5.28 9.54
C LEU C 146 -73.62 -5.29 9.08
N GLY C 147 -73.34 -6.09 8.07
CA GLY C 147 -72.00 -6.16 7.52
C GLY C 147 -71.88 -7.27 6.49
N CYS C 148 -70.70 -7.35 5.90
CA CYS C 148 -70.37 -8.38 4.93
C CYS C 148 -68.91 -8.77 5.07
N LEU C 149 -68.59 -9.97 4.60
CA LEU C 149 -67.25 -10.53 4.70
C LEU C 149 -66.65 -10.72 3.32
N VAL C 150 -65.62 -9.92 3.01
CA VAL C 150 -64.89 -10.02 1.75
C VAL C 150 -63.72 -10.97 1.98
N LYS C 151 -63.96 -12.26 1.80
CA LYS C 151 -62.97 -13.29 2.07
C LYS C 151 -62.45 -13.86 0.76
N GLY C 152 -61.14 -14.11 0.70
CA GLY C 152 -60.54 -14.76 -0.45
C GLY C 152 -60.33 -13.88 -1.68
N TYR C 153 -59.45 -12.88 -1.59
CA TYR C 153 -59.16 -12.00 -2.71
C TYR C 153 -57.69 -11.64 -2.72
N PHE C 154 -57.14 -11.51 -3.93
CA PHE C 154 -55.76 -11.09 -4.12
C PHE C 154 -55.58 -10.69 -5.58
N PRO C 155 -54.75 -9.68 -5.88
CA PRO C 155 -54.03 -8.76 -4.97
C PRO C 155 -54.93 -7.62 -4.49
N GLU C 156 -54.38 -6.73 -3.66
CA GLU C 156 -55.14 -5.59 -3.19
C GLU C 156 -55.36 -4.60 -4.33
N PRO C 157 -56.32 -3.67 -4.19
CA PRO C 157 -57.28 -3.50 -3.08
C PRO C 157 -58.70 -3.90 -3.47
N VAL C 158 -59.65 -3.83 -2.54
CA VAL C 158 -61.06 -4.00 -2.83
C VAL C 158 -61.81 -2.87 -2.14
N THR C 159 -62.64 -2.15 -2.89
CA THR C 159 -63.41 -1.03 -2.36
C THR C 159 -64.82 -1.51 -2.04
N VAL C 160 -65.27 -1.26 -0.81
CA VAL C 160 -66.57 -1.68 -0.34
C VAL C 160 -67.40 -0.45 -0.04
N THR C 161 -68.61 -0.40 -0.60
CA THR C 161 -69.55 0.68 -0.38
C THR C 161 -70.90 0.10 -0.01
N TRP C 162 -71.82 0.96 0.41
CA TRP C 162 -73.16 0.55 0.80
C TRP C 162 -74.19 1.35 0.02
N ASN C 163 -75.17 0.65 -0.56
CA ASN C 163 -76.27 1.27 -1.31
C ASN C 163 -75.71 2.13 -2.44
N SER C 164 -74.73 1.56 -3.16
CA SER C 164 -74.08 2.25 -4.27
C SER C 164 -73.45 3.56 -3.84
N GLY C 165 -72.97 3.61 -2.60
CA GLY C 165 -72.30 4.79 -2.08
C GLY C 165 -73.21 5.85 -1.53
N SER C 166 -74.54 5.67 -1.62
CA SER C 166 -75.45 6.66 -1.07
C SER C 166 -75.27 6.79 0.44
N LEU C 167 -75.18 5.65 1.13
CA LEU C 167 -74.94 5.67 2.57
C LEU C 167 -73.47 6.00 2.82
N SER C 168 -73.23 6.94 3.73
CA SER C 168 -71.87 7.42 3.97
C SER C 168 -71.55 7.59 5.46
N SER C 169 -72.35 7.03 6.36
CA SER C 169 -72.12 7.14 7.79
C SER C 169 -72.20 5.76 8.43
N GLY C 170 -71.43 5.56 9.48
CA GLY C 170 -71.43 4.30 10.21
C GLY C 170 -70.68 3.18 9.52
N VAL C 171 -69.97 3.45 8.44
CA VAL C 171 -69.23 2.43 7.71
C VAL C 171 -67.85 2.30 8.30
N HIS C 172 -67.44 1.07 8.60
CA HIS C 172 -66.13 0.77 9.15
C HIS C 172 -65.47 -0.31 8.30
N THR C 173 -64.52 0.09 7.46
CA THR C 173 -63.78 -0.83 6.61
C THR C 173 -62.45 -1.13 7.29
N PHE C 174 -62.36 -2.27 7.96
CA PHE C 174 -61.19 -2.63 8.71
C PHE C 174 -60.04 -3.01 7.79
N PRO C 175 -58.79 -2.76 8.19
CA PRO C 175 -57.66 -3.17 7.36
C PRO C 175 -57.66 -4.68 7.14
N ALA C 176 -57.28 -5.08 5.93
CA ALA C 176 -57.28 -6.48 5.56
C ALA C 176 -56.11 -7.22 6.21
N VAL C 177 -56.30 -8.52 6.42
CA VAL C 177 -55.27 -9.40 6.95
C VAL C 177 -55.18 -10.61 6.04
N LEU C 178 -53.99 -11.23 6.04
CA LEU C 178 -53.70 -12.35 5.16
C LEU C 178 -53.82 -13.66 5.91
N GLN C 179 -54.54 -14.61 5.32
CA GLN C 179 -54.63 -15.98 5.81
C GLN C 179 -53.97 -16.89 4.78
N SER C 180 -53.11 -17.78 5.26
CA SER C 180 -52.29 -18.61 4.37
C SER C 180 -51.53 -17.72 3.38
N ASP C 181 -52.02 -17.58 2.15
CA ASP C 181 -51.44 -16.69 1.17
C ASP C 181 -52.44 -15.74 0.55
N LEU C 182 -53.70 -15.79 0.99
CA LEU C 182 -54.79 -15.06 0.37
C LEU C 182 -55.44 -14.12 1.38
N TYR C 183 -55.69 -12.88 0.96
CA TYR C 183 -56.13 -11.84 1.88
C TYR C 183 -57.59 -12.03 2.30
N THR C 184 -58.00 -11.22 3.27
CA THR C 184 -59.36 -11.23 3.81
C THR C 184 -59.68 -9.83 4.34
N LEU C 185 -60.97 -9.50 4.35
CA LEU C 185 -61.42 -8.18 4.76
C LEU C 185 -62.86 -8.27 5.25
N SER C 186 -63.26 -7.29 6.07
CA SER C 186 -64.63 -7.20 6.57
C SER C 186 -65.02 -5.74 6.67
N SER C 187 -66.34 -5.50 6.63
CA SER C 187 -66.88 -4.16 6.75
C SER C 187 -68.21 -4.24 7.49
N SER C 188 -68.41 -3.31 8.43
CA SER C 188 -69.62 -3.27 9.25
C SER C 188 -70.28 -1.91 9.15
N VAL C 189 -71.59 -1.90 8.93
CA VAL C 189 -72.39 -0.69 8.86
C VAL C 189 -73.41 -0.73 9.98
N THR C 190 -74.01 0.42 10.26
CA THR C 190 -75.05 0.53 11.28
C THR C 190 -76.12 1.48 10.78
N VAL C 191 -77.36 1.01 10.71
CA VAL C 191 -78.50 1.84 10.32
C VAL C 191 -79.62 1.60 11.31
N PRO C 192 -80.58 2.51 11.41
CA PRO C 192 -81.68 2.34 12.36
C PRO C 192 -82.46 1.06 12.08
N SER C 193 -82.93 0.43 13.15
CA SER C 193 -83.77 -0.75 13.01
C SER C 193 -85.08 -0.42 12.32
N SER C 194 -85.55 0.83 12.46
CA SER C 194 -86.77 1.25 11.78
C SER C 194 -86.61 1.33 10.27
N THR C 195 -85.39 1.25 9.77
CA THR C 195 -85.14 1.28 8.33
C THR C 195 -84.75 -0.07 7.75
N TRP C 196 -84.39 -1.05 8.59
CA TRP C 196 -84.06 -2.39 8.14
C TRP C 196 -84.84 -3.40 8.97
N PRO C 197 -85.37 -4.45 8.33
CA PRO C 197 -85.33 -4.77 6.90
C PRO C 197 -86.41 -4.02 6.11
N SER C 198 -87.01 -2.99 6.68
CA SER C 198 -88.08 -2.28 6.00
C SER C 198 -87.60 -1.64 4.70
N GLU C 199 -86.29 -1.41 4.59
CA GLU C 199 -85.70 -0.81 3.39
C GLU C 199 -84.49 -1.63 2.95
N THR C 200 -84.23 -1.61 1.65
CA THR C 200 -83.13 -2.39 1.10
C THR C 200 -81.79 -1.90 1.64
N VAL C 201 -80.94 -2.83 2.04
CA VAL C 201 -79.57 -2.56 2.43
C VAL C 201 -78.68 -3.48 1.60
N THR C 202 -77.67 -2.90 0.95
CA THR C 202 -76.83 -3.63 0.01
C THR C 202 -75.43 -3.05 0.07
N CYS C 203 -74.46 -3.81 -0.45
CA CYS C 203 -73.09 -3.34 -0.57
C CYS C 203 -72.55 -3.70 -1.96
N ASN C 204 -71.58 -2.91 -2.41
CA ASN C 204 -70.91 -3.13 -3.68
C ASN C 204 -69.42 -3.32 -3.43
N VAL C 205 -68.89 -4.44 -3.90
CA VAL C 205 -67.48 -4.79 -3.71
C VAL C 205 -66.82 -4.81 -5.08
N ALA C 206 -65.78 -3.99 -5.25
CA ALA C 206 -65.06 -3.88 -6.50
C ALA C 206 -63.63 -4.39 -6.30
N HIS C 207 -63.19 -5.24 -7.21
CA HIS C 207 -61.85 -5.85 -7.17
C HIS C 207 -61.23 -5.57 -8.54
N PRO C 208 -60.62 -4.40 -8.73
CA PRO C 208 -60.12 -4.05 -10.07
C PRO C 208 -59.12 -5.05 -10.62
N ALA C 209 -58.36 -5.72 -9.77
CA ALA C 209 -57.37 -6.68 -10.25
C ALA C 209 -58.00 -7.78 -11.09
N SER C 210 -59.29 -8.07 -10.88
CA SER C 210 -60.02 -9.06 -11.67
C SER C 210 -61.20 -8.45 -12.43
N SER C 211 -61.38 -7.12 -12.37
CA SER C 211 -62.49 -6.47 -13.05
C SER C 211 -63.82 -7.08 -12.62
N THR C 212 -63.96 -7.32 -11.32
CA THR C 212 -65.14 -7.98 -10.76
C THR C 212 -65.88 -7.02 -9.85
N LYS C 213 -67.19 -6.87 -10.09
CA LYS C 213 -68.07 -6.08 -9.23
C LYS C 213 -69.20 -6.98 -8.76
N VAL C 214 -69.40 -7.04 -7.45
CA VAL C 214 -70.36 -7.96 -6.83
C VAL C 214 -71.30 -7.18 -5.94
N ASP C 215 -72.59 -7.48 -6.03
CA ASP C 215 -73.62 -6.87 -5.21
C ASP C 215 -74.27 -7.93 -4.33
N LYS C 216 -74.40 -7.63 -3.04
CA LYS C 216 -74.96 -8.58 -2.07
C LYS C 216 -75.93 -7.84 -1.17
N LYS C 217 -77.20 -8.22 -1.24
CA LYS C 217 -78.23 -7.63 -0.41
C LYS C 217 -78.34 -8.37 0.92
N ILE C 218 -78.38 -7.62 2.01
CA ILE C 218 -78.46 -8.20 3.34
C ILE C 218 -79.89 -8.63 3.61
N VAL C 219 -80.05 -9.87 4.09
CA VAL C 219 -81.37 -10.42 4.42
C VAL C 219 -81.31 -10.96 5.84
N PRO C 220 -82.42 -10.91 6.61
CA PRO C 220 -82.39 -11.42 7.98
C PRO C 220 -82.04 -12.90 8.05
N ALA D 1 -21.70 -3.83 13.89
CA ALA D 1 -22.34 -3.10 15.01
C ALA D 1 -23.11 -1.88 14.52
N ALA D 2 -23.94 -1.31 15.38
CA ALA D 2 -24.73 -0.15 15.01
C ALA D 2 -25.23 0.52 16.27
N ILE D 3 -25.39 1.85 16.21
CA ILE D 3 -25.93 2.60 17.33
C ILE D 3 -27.41 2.28 17.49
N THR D 4 -27.83 2.07 18.73
CA THR D 4 -29.20 1.70 19.05
C THR D 4 -29.95 2.90 19.61
N PHE D 5 -31.26 2.91 19.38
CA PHE D 5 -32.13 4.00 19.81
C PHE D 5 -33.24 3.45 20.70
N ASN D 6 -33.68 4.27 21.65
CA ASN D 6 -34.82 3.96 22.50
C ASN D 6 -35.75 5.16 22.48
N LEU D 7 -36.71 5.15 21.56
CA LEU D 7 -37.64 6.26 21.38
C LEU D 7 -38.92 5.93 22.15
N ALA D 8 -39.10 6.57 23.30
CA ALA D 8 -40.26 6.39 24.15
C ALA D 8 -40.87 7.75 24.47
N PRO D 9 -42.17 7.80 24.78
CA PRO D 9 -43.14 6.69 24.80
C PRO D 9 -43.50 6.21 23.40
N GLU D 10 -44.01 4.98 23.27
CA GLU D 10 -44.41 4.50 21.94
C GLU D 10 -45.54 5.33 21.37
N SER D 11 -46.31 6.00 22.23
CA SER D 11 -47.36 6.91 21.77
C SER D 11 -47.69 7.87 22.91
N LEU D 12 -48.29 9.00 22.53
CA LEU D 12 -48.64 10.05 23.49
C LEU D 12 -50.09 10.43 23.29
N VAL D 13 -50.84 10.48 24.38
CA VAL D 13 -52.21 10.97 24.38
C VAL D 13 -52.18 12.46 24.72
N VAL D 14 -52.62 13.29 23.78
CA VAL D 14 -52.52 14.74 23.90
C VAL D 14 -53.85 15.37 23.51
N THR D 15 -54.01 16.63 23.92
CA THR D 15 -55.19 17.42 23.59
C THR D 15 -54.74 18.71 22.92
N ALA D 16 -55.58 19.22 22.02
CA ALA D 16 -55.23 20.43 21.29
C ALA D 16 -54.87 21.55 22.26
N GLY D 17 -53.75 22.20 21.99
CA GLY D 17 -53.30 23.31 22.81
C GLY D 17 -52.54 22.92 24.05
N SER D 18 -52.07 21.68 24.16
CA SER D 18 -51.30 21.22 25.30
C SER D 18 -49.87 20.92 24.89
N LYS D 19 -48.93 21.29 25.75
CA LYS D 19 -47.52 21.02 25.50
C LYS D 19 -47.27 19.52 25.45
N VAL D 20 -46.41 19.10 24.52
CA VAL D 20 -46.07 17.70 24.33
C VAL D 20 -44.55 17.57 24.27
N THR D 21 -44.04 16.38 24.58
CA THR D 21 -42.61 16.15 24.63
C THR D 21 -42.30 14.68 24.36
N PHE D 22 -41.61 14.41 23.27
CA PHE D 22 -41.08 13.08 22.97
C PHE D 22 -39.73 12.90 23.66
N SER D 23 -39.10 11.75 23.43
CA SER D 23 -37.77 11.50 23.96
C SER D 23 -37.20 10.23 23.34
N CYS D 24 -35.98 10.31 22.83
CA CYS D 24 -35.21 9.14 22.45
C CYS D 24 -33.78 9.32 22.94
N LYS D 25 -33.10 8.20 23.18
CA LYS D 25 -31.75 8.20 23.70
C LYS D 25 -30.88 7.26 22.88
N ALA D 26 -29.62 7.63 22.70
CA ALA D 26 -28.69 6.92 21.84
C ALA D 26 -27.64 6.20 22.69
N SER D 27 -27.23 5.03 22.22
CA SER D 27 -26.25 4.22 22.93
C SER D 27 -24.84 4.77 22.84
N GLN D 28 -24.60 5.78 22.00
CA GLN D 28 -23.28 6.38 21.87
C GLN D 28 -23.45 7.89 21.69
N ASP D 29 -22.37 8.62 21.98
CA ASP D 29 -22.40 10.08 21.94
C ASP D 29 -22.52 10.57 20.50
N PHE D 30 -23.37 11.55 20.29
CA PHE D 30 -23.59 12.17 18.99
C PHE D 30 -22.90 13.52 18.85
N LEU D 31 -22.15 13.95 19.87
CA LEU D 31 -21.50 15.25 19.84
C LEU D 31 -20.20 15.13 19.06
N ASN D 32 -20.27 15.42 17.76
CA ASN D 32 -19.06 15.48 16.96
C ASN D 32 -18.09 16.48 17.58
N SER D 33 -16.94 15.99 18.02
CA SER D 33 -16.07 16.81 18.86
C SER D 33 -15.64 18.09 18.17
N ALA D 34 -15.62 18.11 16.84
CA ALA D 34 -15.07 19.27 16.14
C ALA D 34 -16.09 20.39 16.02
N THR D 35 -17.19 20.14 15.32
CA THR D 35 -18.22 21.16 15.13
C THR D 35 -19.12 21.34 16.35
N LYS D 36 -19.01 20.46 17.34
CA LYS D 36 -19.77 20.53 18.58
C LYS D 36 -21.27 20.34 18.37
N ARG D 37 -21.70 19.98 17.17
CA ARG D 37 -23.11 19.74 16.89
C ARG D 37 -23.45 18.30 17.21
N ASN D 38 -24.71 18.07 17.55
CA ASN D 38 -25.23 16.73 17.82
C ASN D 38 -25.92 16.22 16.57
N TYR D 39 -25.47 15.06 16.07
CA TYR D 39 -25.92 14.57 14.78
C TYR D 39 -27.16 13.68 14.94
N LEU D 40 -28.28 14.34 15.25
CA LEU D 40 -29.57 13.68 15.38
C LEU D 40 -30.60 14.47 14.58
N THR D 41 -31.45 13.74 13.85
CA THR D 41 -32.46 14.32 12.99
C THR D 41 -33.85 13.82 13.38
N TRP D 42 -34.84 14.66 13.14
CA TRP D 42 -36.23 14.39 13.50
C TRP D 42 -37.09 14.43 12.24
N TYR D 43 -37.99 13.46 12.13
CA TYR D 43 -38.84 13.30 10.97
C TYR D 43 -40.30 13.23 11.41
N GLN D 44 -41.19 13.61 10.50
CA GLN D 44 -42.62 13.55 10.72
C GLN D 44 -43.28 12.86 9.53
N GLN D 45 -44.23 11.98 9.82
CA GLN D 45 -44.91 11.22 8.78
C GLN D 45 -46.40 11.21 9.07
N ARG D 46 -47.20 11.62 8.10
CA ARG D 46 -48.65 11.49 8.17
C ARG D 46 -49.06 10.19 7.49
N ASP D 47 -50.07 9.54 8.03
CA ASP D 47 -50.51 8.24 7.51
C ASP D 47 -50.73 8.33 6.01
N GLY D 48 -50.06 7.44 5.27
CA GLY D 48 -50.19 7.39 3.83
C GLY D 48 -49.35 8.39 3.07
N LYS D 49 -48.38 9.04 3.71
CA LYS D 49 -47.54 10.03 3.05
C LYS D 49 -46.07 9.77 3.37
N PRO D 50 -45.16 10.17 2.47
CA PRO D 50 -43.73 10.00 2.75
C PRO D 50 -43.31 10.87 3.91
N PRO D 51 -42.30 10.44 4.67
CA PRO D 51 -41.83 11.28 5.79
C PRO D 51 -41.38 12.65 5.32
N LYS D 52 -41.12 13.52 6.30
CA LYS D 52 -40.67 14.87 6.05
C LYS D 52 -39.61 15.24 7.08
N LEU D 53 -38.72 16.15 6.69
CA LEU D 53 -37.64 16.57 7.58
C LEU D 53 -38.11 17.76 8.41
N LEU D 54 -37.96 17.64 9.73
CA LEU D 54 -38.33 18.69 10.66
C LEU D 54 -37.10 19.42 11.21
N ILE D 55 -36.16 18.68 11.80
CA ILE D 55 -35.02 19.26 12.48
C ILE D 55 -33.79 18.42 12.13
N TYR D 56 -32.83 19.03 11.44
CA TYR D 56 -31.67 18.27 10.95
C TYR D 56 -30.65 18.05 12.06
N TRP D 57 -30.08 19.12 12.59
CA TRP D 57 -29.24 19.01 13.78
C TRP D 57 -30.13 19.11 15.01
N ALA D 58 -29.57 18.72 16.16
CA ALA D 58 -30.38 18.50 17.35
C ALA D 58 -31.37 19.62 17.64
N SER D 59 -31.08 20.86 17.22
CA SER D 59 -31.92 21.99 17.55
C SER D 59 -32.16 22.96 16.41
N ALA D 60 -31.91 22.57 15.16
CA ALA D 60 -32.07 23.46 14.02
C ALA D 60 -33.27 23.02 13.19
N ARG D 61 -34.22 23.92 13.01
CA ARG D 61 -35.42 23.61 12.25
C ARG D 61 -35.16 23.76 10.76
N LEU D 62 -35.98 23.09 9.96
CA LEU D 62 -35.91 23.21 8.51
C LEU D 62 -36.87 24.30 8.04
N SER D 63 -36.52 24.92 6.91
CA SER D 63 -37.38 25.95 6.35
C SER D 63 -38.76 25.40 6.06
N GLY D 64 -39.79 26.15 6.46
CA GLY D 64 -41.17 25.75 6.29
C GLY D 64 -41.79 25.09 7.50
N VAL D 65 -40.99 24.65 8.46
CA VAL D 65 -41.53 24.01 9.66
C VAL D 65 -42.04 25.10 10.60
N PRO D 66 -43.27 24.99 11.12
CA PRO D 66 -43.76 26.01 12.04
C PRO D 66 -42.93 26.09 13.30
N ALA D 67 -42.85 27.30 13.86
CA ALA D 67 -41.95 27.55 14.99
C ALA D 67 -42.35 26.77 16.24
N ARG D 68 -43.59 26.29 16.32
CA ARG D 68 -44.02 25.60 17.53
C ARG D 68 -43.20 24.34 17.82
N PHE D 69 -42.55 23.77 16.80
CA PHE D 69 -41.65 22.65 17.02
C PHE D 69 -40.31 23.16 17.54
N THR D 70 -39.73 22.44 18.49
CA THR D 70 -38.44 22.79 19.06
C THR D 70 -37.61 21.53 19.25
N GLY D 71 -36.33 21.63 18.92
CA GLY D 71 -35.45 20.48 19.00
C GLY D 71 -34.90 20.24 20.40
N SER D 72 -34.26 21.25 20.98
CA SER D 72 -33.65 21.11 22.30
C SER D 72 -32.82 19.84 22.35
N GLY D 73 -32.87 19.11 23.46
CA GLY D 73 -32.23 17.83 23.53
C GLY D 73 -30.72 17.89 23.35
N GLY D 74 -30.02 18.51 24.29
CA GLY D 74 -28.57 18.51 24.26
C GLY D 74 -27.99 17.23 24.83
N GLY D 75 -26.85 17.34 25.49
CA GLY D 75 -26.25 16.20 26.17
C GLY D 75 -25.45 15.29 25.28
N GLY D 76 -25.96 15.01 24.08
CA GLY D 76 -25.32 14.09 23.16
C GLY D 76 -25.83 12.66 23.21
N THR D 77 -26.59 12.30 24.25
CA THR D 77 -27.17 10.97 24.33
C THR D 77 -28.64 10.95 24.68
N GLU D 78 -29.25 12.10 24.98
CA GLU D 78 -30.67 12.20 25.25
C GLU D 78 -31.24 13.41 24.53
N PHE D 79 -32.34 13.21 23.82
CA PHE D 79 -32.93 14.26 22.99
C PHE D 79 -34.44 14.27 23.20
N THR D 80 -35.05 15.43 22.99
CA THR D 80 -36.47 15.61 23.28
C THR D 80 -37.06 16.62 22.31
N LEU D 81 -37.98 16.16 21.47
CA LEU D 81 -38.71 17.06 20.59
C LEU D 81 -39.97 17.55 21.29
N THR D 82 -40.13 18.86 21.37
CA THR D 82 -41.21 19.48 22.12
C THR D 82 -42.09 20.30 21.20
N ILE D 83 -43.39 20.25 21.43
CA ILE D 83 -44.37 21.03 20.70
C ILE D 83 -45.08 21.93 21.71
N SER D 84 -45.03 23.24 21.47
CA SER D 84 -45.63 24.18 22.41
C SER D 84 -47.14 23.97 22.53
N SER D 85 -47.84 23.80 21.43
CA SER D 85 -49.30 23.67 21.45
C SER D 85 -49.73 22.76 20.31
N VAL D 86 -50.01 21.49 20.63
CA VAL D 86 -50.35 20.52 19.60
C VAL D 86 -51.58 21.00 18.83
N LYS D 87 -51.65 20.61 17.56
CA LYS D 87 -52.79 20.93 16.71
C LYS D 87 -53.14 19.71 15.85
N ALA D 88 -54.27 19.81 15.16
CA ALA D 88 -54.76 18.66 14.39
C ALA D 88 -53.78 18.26 13.30
N ALA D 89 -53.20 19.24 12.61
CA ALA D 89 -52.24 18.95 11.55
C ALA D 89 -51.00 18.24 12.08
N ASP D 90 -50.73 18.34 13.37
CA ASP D 90 -49.54 17.74 13.96
C ASP D 90 -49.72 16.28 14.34
N ILE D 91 -50.90 15.70 14.11
CA ILE D 91 -51.13 14.32 14.51
C ILE D 91 -50.42 13.40 13.53
N GLY D 92 -49.44 12.67 14.01
CA GLY D 92 -48.68 11.77 13.17
C GLY D 92 -47.67 10.98 13.97
N THR D 93 -46.68 10.45 13.28
CA THR D 93 -45.61 9.67 13.90
C THR D 93 -44.28 10.36 13.66
N TYR D 94 -43.42 10.38 14.68
CA TYR D 94 -42.15 11.08 14.64
C TYR D 94 -41.01 10.10 14.93
N TYR D 95 -39.99 10.11 14.09
CA TYR D 95 -38.81 9.28 14.25
C TYR D 95 -37.58 10.16 14.41
N CYS D 96 -36.74 9.86 15.40
CA CYS D 96 -35.43 10.47 15.48
C CYS D 96 -34.38 9.51 14.90
N ARG D 97 -33.25 10.08 14.47
CA ARG D 97 -32.43 9.42 13.45
C ARG D 97 -30.96 9.69 13.73
N GLN D 98 -30.14 8.65 13.71
CA GLN D 98 -28.70 8.81 13.85
C GLN D 98 -28.11 9.36 12.56
N LEU D 99 -27.11 10.23 12.71
CA LEU D 99 -26.47 10.88 11.57
C LEU D 99 -24.96 10.96 11.68
N ARG D 100 -24.35 10.43 12.75
CA ARG D 100 -22.91 10.58 12.92
C ARG D 100 -22.11 9.39 12.39
N SER D 101 -22.61 8.17 12.53
CA SER D 101 -21.82 7.00 12.16
C SER D 101 -22.70 5.99 11.45
N ARG D 102 -22.04 5.03 10.78
CA ARG D 102 -22.70 4.00 10.00
C ARG D 102 -22.73 2.67 10.77
N PRO D 103 -23.76 1.84 10.56
CA PRO D 103 -24.96 2.08 9.73
C PRO D 103 -25.90 3.09 10.36
N LEU D 104 -26.65 3.82 9.54
CA LEU D 104 -27.59 4.80 10.06
C LEU D 104 -28.89 4.12 10.46
N THR D 105 -29.40 4.47 11.64
CA THR D 105 -30.53 3.78 12.24
C THR D 105 -31.58 4.78 12.71
N PHE D 106 -32.81 4.30 12.83
CA PHE D 106 -33.94 5.07 13.32
C PHE D 106 -34.37 4.55 14.69
N GLY D 107 -35.26 5.30 15.33
CA GLY D 107 -35.64 5.02 16.70
C GLY D 107 -36.95 4.28 16.89
N GLY D 108 -37.62 3.92 15.80
CA GLY D 108 -38.86 3.20 15.85
C GLY D 108 -40.09 4.08 15.72
N GLY D 109 -40.09 5.25 16.34
CA GLY D 109 -41.15 6.22 16.16
C GLY D 109 -42.09 6.32 17.35
N THR D 110 -42.81 7.43 17.40
CA THR D 110 -43.81 7.69 18.43
C THR D 110 -45.02 8.36 17.77
N LYS D 111 -46.21 7.84 18.05
CA LYS D 111 -47.44 8.29 17.40
C LYS D 111 -48.27 9.11 18.37
N LEU D 112 -48.79 10.24 17.89
CA LEU D 112 -49.67 11.10 18.67
C LEU D 112 -51.13 10.71 18.46
N THR D 113 -51.92 10.83 19.52
CA THR D 113 -53.34 10.52 19.48
C THR D 113 -54.10 11.56 20.28
N VAL D 114 -55.21 12.04 19.72
CA VAL D 114 -56.05 13.02 20.39
C VAL D 114 -56.84 12.33 21.50
N LYS D 115 -57.03 13.04 22.61
CA LYS D 115 -57.74 12.48 23.75
C LYS D 115 -59.25 12.63 23.59
N GLN D 116 -59.97 11.60 24.00
CA GLN D 116 -61.43 11.61 23.99
C GLN D 116 -61.95 10.98 25.27
N PRO D 117 -63.13 11.36 25.74
CA PRO D 117 -63.73 10.65 26.87
C PRO D 117 -63.95 9.18 26.56
N LYS D 118 -63.89 8.37 27.61
CA LYS D 118 -64.01 6.92 27.46
C LYS D 118 -65.32 6.55 26.79
N SER D 119 -65.31 5.48 25.99
CA SER D 119 -66.50 5.03 25.28
C SER D 119 -66.50 3.51 25.27
N SER D 120 -67.52 2.90 25.86
CA SER D 120 -67.60 1.45 25.90
C SER D 120 -67.86 0.91 24.48
N PRO D 121 -67.22 -0.20 24.12
CA PRO D 121 -67.41 -0.73 22.76
C PRO D 121 -68.84 -1.18 22.51
N SER D 122 -69.26 -1.05 21.25
CA SER D 122 -70.53 -1.58 20.77
C SER D 122 -70.25 -2.91 20.10
N VAL D 123 -70.66 -4.00 20.72
CA VAL D 123 -70.32 -5.34 20.28
C VAL D 123 -71.52 -5.96 19.57
N THR D 124 -71.28 -6.59 18.43
CA THR D 124 -72.29 -7.33 17.70
C THR D 124 -71.69 -8.63 17.20
N LEU D 125 -72.51 -9.68 17.19
CA LEU D 125 -72.08 -11.00 16.72
C LEU D 125 -73.00 -11.45 15.60
N PHE D 126 -72.41 -12.01 14.55
CA PHE D 126 -73.13 -12.47 13.39
C PHE D 126 -72.73 -13.90 13.08
N PRO D 127 -73.68 -14.83 13.00
CA PRO D 127 -73.32 -16.22 12.69
C PRO D 127 -72.81 -16.35 11.27
N PRO D 128 -72.27 -17.51 10.88
CA PRO D 128 -71.83 -17.68 9.50
C PRO D 128 -72.97 -17.46 8.53
N SER D 129 -72.65 -16.85 7.39
CA SER D 129 -73.66 -16.63 6.36
C SER D 129 -74.15 -17.96 5.81
N SER D 130 -75.40 -17.98 5.36
CA SER D 130 -75.99 -19.19 4.83
C SER D 130 -75.15 -19.74 3.67
N GLU D 131 -74.82 -18.87 2.71
CA GLU D 131 -74.14 -19.32 1.50
C GLU D 131 -72.77 -19.91 1.80
N GLU D 132 -72.11 -19.44 2.86
CA GLU D 132 -70.78 -19.97 3.19
C GLU D 132 -70.85 -21.45 3.48
N LEU D 133 -71.98 -21.93 4.02
CA LEU D 133 -72.09 -23.33 4.39
C LEU D 133 -72.17 -24.23 3.16
N GLU D 134 -72.76 -23.74 2.06
CA GLU D 134 -72.78 -24.53 0.83
C GLU D 134 -71.39 -24.69 0.23
N THR D 135 -70.44 -23.83 0.58
CA THR D 135 -69.07 -23.95 0.14
C THR D 135 -68.23 -24.82 1.06
N ASN D 136 -68.84 -25.44 2.07
CA ASN D 136 -68.19 -26.27 3.08
C ASN D 136 -67.29 -25.45 4.00
N LYS D 137 -67.42 -24.14 4.03
CA LYS D 137 -66.66 -23.27 4.90
C LYS D 137 -67.59 -22.57 5.89
N ALA D 138 -67.02 -22.20 7.04
CA ALA D 138 -67.78 -21.53 8.09
C ALA D 138 -66.85 -20.60 8.84
N THR D 139 -67.39 -19.46 9.27
CA THR D 139 -66.60 -18.48 10.01
C THR D 139 -67.53 -17.62 10.84
N LEU D 140 -67.03 -17.21 12.01
CA LEU D 140 -67.77 -16.39 12.95
C LEU D 140 -67.03 -15.07 13.14
N VAL D 141 -67.74 -13.95 12.99
CA VAL D 141 -67.15 -12.62 13.02
C VAL D 141 -67.85 -11.80 14.10
N CYS D 142 -67.06 -11.10 14.90
CA CYS D 142 -67.57 -10.21 15.94
C CYS D 142 -67.02 -8.82 15.68
N THR D 143 -67.92 -7.82 15.61
CA THR D 143 -67.55 -6.45 15.33
C THR D 143 -67.59 -5.63 16.62
N ILE D 144 -66.53 -4.88 16.87
CA ILE D 144 -66.40 -4.01 18.03
C ILE D 144 -66.10 -2.61 17.51
N THR D 145 -67.02 -1.67 17.73
CA THR D 145 -66.96 -0.37 17.10
C THR D 145 -67.09 0.74 18.13
N ASP D 146 -66.45 1.87 17.85
CA ASP D 146 -66.64 3.10 18.61
C ASP D 146 -66.30 2.90 20.08
N PHE D 147 -65.03 2.62 20.35
CA PHE D 147 -64.54 2.46 21.70
C PHE D 147 -63.27 3.30 21.88
N TYR D 148 -63.03 3.71 23.13
CA TYR D 148 -61.87 4.50 23.49
C TYR D 148 -61.49 4.14 24.91
N PRO D 149 -60.19 3.98 25.23
CA PRO D 149 -59.02 4.08 24.34
C PRO D 149 -58.95 2.92 23.34
N GLY D 150 -57.84 2.78 22.62
CA GLY D 150 -57.70 1.79 21.58
C GLY D 150 -57.10 0.47 22.01
N VAL D 151 -57.02 0.20 23.31
CA VAL D 151 -56.43 -1.03 23.83
C VAL D 151 -57.57 -1.92 24.32
N VAL D 152 -57.67 -3.12 23.75
CA VAL D 152 -58.71 -4.09 24.11
C VAL D 152 -58.17 -5.49 23.80
N THR D 153 -58.77 -6.49 24.46
CA THR D 153 -58.44 -7.89 24.20
C THR D 153 -59.74 -8.68 24.11
N VAL D 154 -59.72 -9.71 23.27
CA VAL D 154 -60.90 -10.51 23.01
C VAL D 154 -60.55 -11.98 23.17
N ASP D 155 -61.50 -12.75 23.71
CA ASP D 155 -61.35 -14.19 23.89
C ASP D 155 -62.59 -14.87 23.33
N TRP D 156 -62.38 -15.86 22.46
CA TRP D 156 -63.47 -16.61 21.85
C TRP D 156 -63.70 -17.90 22.62
N LYS D 157 -64.97 -18.31 22.72
CA LYS D 157 -65.35 -19.50 23.46
C LYS D 157 -66.52 -20.17 22.75
N VAL D 158 -66.34 -21.44 22.39
CA VAL D 158 -67.38 -22.24 21.75
C VAL D 158 -67.87 -23.26 22.78
N ASP D 159 -69.17 -23.20 23.10
CA ASP D 159 -69.75 -24.05 24.14
C ASP D 159 -69.07 -23.82 25.49
N GLY D 160 -68.63 -22.59 25.73
CA GLY D 160 -67.97 -22.25 26.97
C GLY D 160 -66.50 -22.66 27.03
N THR D 161 -65.96 -23.22 25.95
CA THR D 161 -64.56 -23.66 25.93
C THR D 161 -63.74 -22.68 25.10
N PRO D 162 -62.78 -21.96 25.69
CA PRO D 162 -62.00 -21.02 24.90
C PRO D 162 -61.23 -21.72 23.78
N VAL D 163 -61.12 -21.01 22.64
CA VAL D 163 -60.37 -21.48 21.49
C VAL D 163 -59.24 -20.50 21.24
N THR D 164 -58.02 -21.02 21.12
CA THR D 164 -56.82 -20.19 20.99
C THR D 164 -56.17 -20.30 19.61
N GLN D 165 -56.78 -21.01 18.67
CA GLN D 165 -56.22 -21.17 17.33
C GLN D 165 -57.32 -20.98 16.30
N GLY D 166 -56.93 -20.48 15.13
CA GLY D 166 -57.88 -20.23 14.07
C GLY D 166 -58.64 -18.92 14.20
N MET D 167 -57.97 -17.85 14.61
CA MET D 167 -58.59 -16.54 14.74
C MET D 167 -57.68 -15.49 14.12
N GLU D 168 -58.29 -14.49 13.48
CA GLU D 168 -57.58 -13.37 12.89
C GLU D 168 -58.26 -12.07 13.31
N THR D 169 -57.50 -11.22 14.02
CA THR D 169 -58.03 -9.98 14.56
C THR D 169 -57.65 -8.84 13.61
N THR D 170 -58.67 -8.16 13.08
CA THR D 170 -58.42 -7.02 12.20
C THR D 170 -57.72 -5.91 12.96
N GLN D 171 -56.87 -5.18 12.25
CA GLN D 171 -56.08 -4.13 12.87
C GLN D 171 -57.00 -3.02 13.39
N PRO D 172 -56.97 -2.70 14.68
CA PRO D 172 -57.69 -1.50 15.15
C PRO D 172 -57.16 -0.26 14.48
N SER D 173 -58.06 0.70 14.22
CA SER D 173 -57.70 1.93 13.53
C SER D 173 -58.41 3.10 14.19
N LYS D 174 -57.95 4.30 13.87
CA LYS D 174 -58.45 5.53 14.46
C LYS D 174 -59.34 6.26 13.45
N GLN D 175 -60.45 6.79 13.96
CA GLN D 175 -61.43 7.49 13.14
C GLN D 175 -61.31 8.99 13.32
N SER D 176 -62.01 9.73 12.45
CA SER D 176 -62.00 11.18 12.53
C SER D 176 -62.81 11.70 13.72
N ASN D 177 -63.71 10.89 14.27
CA ASN D 177 -64.47 11.27 15.44
C ASN D 177 -63.73 10.96 16.74
N ASN D 178 -62.47 10.54 16.65
CA ASN D 178 -61.65 10.26 17.83
C ASN D 178 -62.11 9.00 18.56
N LYS D 179 -62.44 7.96 17.80
CA LYS D 179 -62.81 6.67 18.36
C LYS D 179 -62.08 5.56 17.60
N TYR D 180 -62.21 4.33 18.11
CA TYR D 180 -61.52 3.17 17.58
C TYR D 180 -62.53 2.07 17.26
N MET D 181 -62.06 1.09 16.51
CA MET D 181 -62.85 -0.09 16.16
C MET D 181 -61.93 -1.29 16.08
N ALA D 182 -62.52 -2.45 15.82
CA ALA D 182 -61.78 -3.71 15.79
C ALA D 182 -62.71 -4.82 15.33
N SER D 183 -62.13 -5.97 15.01
CA SER D 183 -62.89 -7.14 14.63
C SER D 183 -62.04 -8.38 14.84
N SER D 184 -62.70 -9.54 14.86
CA SER D 184 -62.02 -10.82 14.97
C SER D 184 -62.78 -11.86 14.16
N TYR D 185 -62.05 -12.84 13.63
CA TYR D 185 -62.62 -13.92 12.85
C TYR D 185 -62.41 -15.24 13.56
N LEU D 186 -63.18 -16.25 13.13
CA LEU D 186 -63.09 -17.60 13.69
C LEU D 186 -63.15 -18.57 12.51
N THR D 187 -61.98 -18.89 11.96
CA THR D 187 -61.92 -19.81 10.83
C THR D 187 -62.34 -21.20 11.26
N LEU D 188 -63.27 -21.79 10.51
CA LEU D 188 -63.77 -23.12 10.81
C LEU D 188 -64.25 -23.77 9.53
N THR D 189 -64.29 -25.10 9.55
CA THR D 189 -64.88 -25.87 8.47
C THR D 189 -66.37 -26.07 8.74
N ALA D 190 -67.12 -26.40 7.70
CA ALA D 190 -68.55 -26.63 7.86
C ALA D 190 -68.82 -27.78 8.82
N ARG D 191 -68.06 -28.86 8.68
CA ARG D 191 -68.22 -30.00 9.58
C ARG D 191 -67.88 -29.61 11.02
N ALA D 192 -66.80 -28.85 11.20
CA ALA D 192 -66.40 -28.43 12.54
C ALA D 192 -67.42 -27.48 13.15
N TRP D 193 -68.09 -26.69 12.31
CA TRP D 193 -69.05 -25.71 12.83
C TRP D 193 -70.28 -26.40 13.41
N GLU D 194 -70.67 -27.53 12.82
CA GLU D 194 -71.85 -28.25 13.31
C GLU D 194 -71.54 -29.11 14.52
N ARG D 195 -70.27 -29.33 14.84
CA ARG D 195 -69.91 -30.15 15.99
C ARG D 195 -70.39 -29.53 17.30
N HIS D 196 -70.57 -28.21 17.33
CA HIS D 196 -70.92 -27.50 18.55
C HIS D 196 -72.27 -26.84 18.40
N SER D 197 -72.91 -26.56 19.54
CA SER D 197 -74.27 -26.03 19.58
C SER D 197 -74.33 -24.52 19.74
N SER D 198 -73.47 -23.93 20.57
CA SER D 198 -73.50 -22.51 20.86
C SER D 198 -72.10 -21.92 20.78
N TYR D 199 -72.04 -20.62 20.50
CA TYR D 199 -70.79 -19.88 20.40
C TYR D 199 -70.91 -18.59 21.18
N SER D 200 -69.76 -17.97 21.46
CA SER D 200 -69.76 -16.71 22.20
C SER D 200 -68.42 -16.02 22.04
N CYS D 201 -68.46 -14.70 22.05
CA CYS D 201 -67.26 -13.86 22.02
C CYS D 201 -67.23 -12.98 23.27
N GLN D 202 -66.03 -12.76 23.80
CA GLN D 202 -65.83 -12.00 25.01
C GLN D 202 -64.96 -10.78 24.72
N VAL D 203 -65.27 -9.67 25.39
CA VAL D 203 -64.59 -8.40 25.17
C VAL D 203 -64.10 -7.88 26.51
N THR D 204 -62.85 -7.40 26.54
CA THR D 204 -62.22 -6.88 27.74
C THR D 204 -61.87 -5.42 27.52
N HIS D 205 -62.24 -4.58 28.48
CA HIS D 205 -61.98 -3.15 28.42
C HIS D 205 -62.03 -2.60 29.84
N GLU D 206 -61.88 -1.28 29.97
CA GLU D 206 -61.92 -0.66 31.29
C GLU D 206 -63.35 -0.64 31.81
N GLY D 207 -63.77 -1.72 32.45
CA GLY D 207 -65.14 -1.86 32.91
C GLY D 207 -65.47 -3.30 33.27
N HIS D 208 -66.60 -3.79 32.76
CA HIS D 208 -67.03 -5.15 32.98
C HIS D 208 -67.09 -5.89 31.65
N THR D 209 -66.73 -7.17 31.67
CA THR D 209 -66.66 -7.96 30.46
C THR D 209 -67.99 -7.96 29.74
N VAL D 210 -67.95 -7.79 28.42
CA VAL D 210 -69.14 -7.74 27.57
C VAL D 210 -69.07 -8.89 26.59
N GLU D 211 -70.18 -9.60 26.43
CA GLU D 211 -70.20 -10.83 25.65
C GLU D 211 -71.46 -10.89 24.78
N LYS D 212 -71.37 -11.70 23.73
CA LYS D 212 -72.50 -12.04 22.89
C LYS D 212 -72.39 -13.51 22.53
N SER D 213 -73.52 -14.10 22.12
CA SER D 213 -73.56 -15.53 21.88
C SER D 213 -74.54 -15.85 20.76
N LEU D 214 -74.37 -17.05 20.20
CA LEU D 214 -75.25 -17.58 19.17
C LEU D 214 -75.58 -19.03 19.50
N SER D 215 -76.53 -19.60 18.76
CA SER D 215 -76.90 -20.99 18.96
C SER D 215 -77.82 -21.47 17.84
C1 NAG E . 28.47 4.33 -27.30
C2 NAG E . 29.67 3.60 -26.71
C3 NAG E . 30.60 3.14 -27.83
C4 NAG E . 29.84 2.31 -28.85
C5 NAG E . 28.62 3.10 -29.33
C6 NAG E . 27.75 2.33 -30.29
C7 NAG E . 30.67 4.08 -24.51
C8 NAG E . 31.45 5.11 -23.72
N2 NAG E . 30.41 4.42 -25.78
O3 NAG E . 31.64 2.42 -27.24
O4 NAG E . 30.72 2.07 -29.93
O5 NAG E . 27.84 3.47 -28.21
O6 NAG E . 26.64 3.11 -30.64
O7 NAG E . 30.33 3.03 -24.00
H1 NAG E . 28.78 5.12 -27.77
H2 NAG E . 29.35 2.82 -26.23
H3 NAG E . 30.93 3.94 -28.28
H4 NAG E . 29.54 1.50 -28.42
H5 NAG E . 28.93 3.88 -29.80
H61 NAG E . 27.49 1.49 -29.87
H62 NAG E . 28.29 2.10 -31.06
H81 NAG E . 31.02 5.25 -22.87
H82 NAG E . 32.34 4.76 -23.54
H83 NAG E . 31.55 5.96 -24.17
HN2 NAG E . 30.69 5.18 -26.07
HO3 NAG E . 32.20 2.22 -27.86
HO6 NAG E . 26.12 2.63 -31.12
C1 NAG E . 31.09 0.68 -30.04
C2 NAG E . 31.43 0.40 -31.50
C3 NAG E . 31.86 -1.06 -31.68
C4 NAG E . 33.01 -1.37 -30.73
C5 NAG E . 32.61 -0.98 -29.31
C6 NAG E . 33.71 -1.19 -28.30
C7 NAG E . 30.20 1.87 -33.04
C8 NAG E . 28.94 2.00 -33.86
N2 NAG E . 30.31 0.73 -32.34
O3 NAG E . 32.19 -1.20 -33.03
O4 NAG E . 33.32 -2.76 -30.75
O5 NAG E . 32.22 0.38 -29.26
O6 NAG E . 33.31 -0.68 -27.05
O7 NAG E . 31.04 2.76 -33.01
H1 NAG E . 30.36 0.11 -29.76
H2 NAG E . 32.17 0.97 -31.75
H3 NAG E . 31.11 -1.62 -31.44
H4 NAG E . 33.77 -0.83 -30.99
H5 NAG E . 31.87 -1.55 -29.03
H61 NAG E . 33.92 -2.14 -28.25
H62 NAG E . 34.51 -0.75 -28.63
H81 NAG E . 28.99 2.82 -34.39
H82 NAG E . 28.89 1.26 -34.48
H83 NAG E . 28.13 2.03 -33.33
HN2 NAG E . 29.68 0.15 -32.40
HO3 NAG E . 31.50 -1.07 -33.49
HO6 NAG E . 33.98 -0.70 -26.53
C1 BMA E . 33.73 -3.33 -32.02
C2 BMA E . 34.92 -2.57 -32.62
C3 BMA E . 35.28 -3.21 -33.98
C4 BMA E . 35.36 -4.76 -33.98
C5 BMA E . 34.55 -5.49 -32.90
C6 BMA E . 35.21 -6.75 -32.35
O2 BMA E . 35.97 -2.58 -31.70
O3 BMA E . 36.44 -2.57 -34.44
O4 BMA E . 34.88 -5.13 -35.25
O5 BMA E . 34.10 -4.68 -31.82
O6 BMA E . 36.45 -6.46 -31.72
H1 BMA E . 32.99 -3.30 -32.65
H2 BMA E . 34.63 -1.66 -32.80
H3 BMA E . 34.53 -3.02 -34.56
H4 BMA E . 36.29 -5.01 -33.88
H5 BMA E . 33.75 -5.81 -33.33
H61 BMA E . 34.60 -7.19 -31.72
H62 BMA E . 35.34 -7.36 -33.09
HO2 BMA E . 36.67 -2.32 -32.11
HO4 BMA E . 35.13 -5.92 -35.41
C1 MAN E . 36.29 -2.39 -35.87
C2 MAN E . 37.59 -1.77 -36.45
C3 MAN E . 37.76 -0.33 -35.96
C4 MAN E . 36.52 0.48 -36.29
C5 MAN E . 35.30 -0.20 -35.68
C6 MAN E . 34.01 0.50 -36.04
O2 MAN E . 37.46 -1.83 -37.84
O3 MAN E . 38.91 0.19 -36.58
O4 MAN E . 36.72 1.78 -35.75
O5 MAN E . 35.21 -1.53 -36.17
O6 MAN E . 33.75 0.31 -37.41
H1 MAN E . 36.10 -3.22 -36.32
H2 MAN E . 38.33 -2.30 -36.14
H3 MAN E . 37.86 -0.34 -35.00
H4 MAN E . 36.41 0.53 -37.25
H5 MAN E . 35.39 -0.20 -34.72
H61 MAN E . 33.30 0.14 -35.50
H62 MAN E . 34.09 1.44 -35.82
HO2 MAN E . 37.41 -2.65 -38.07
HO3 MAN E . 38.86 0.02 -37.41
HO4 MAN E . 37.49 2.07 -35.99
HO6 MAN E . 33.11 0.82 -37.64
C1 MAN E . 36.87 -7.68 -31.06
C2 MAN E . 36.44 -7.61 -29.59
C3 MAN E . 37.21 -6.52 -28.88
C4 MAN E . 38.71 -6.77 -29.02
C5 MAN E . 39.07 -6.89 -30.50
C6 MAN E . 40.51 -7.34 -30.68
O2 MAN E . 36.68 -8.88 -29.04
O3 MAN E . 36.81 -6.54 -27.52
O4 MAN E . 39.37 -5.68 -28.41
O5 MAN E . 38.27 -7.85 -31.15
O6 MAN E . 40.79 -7.46 -32.05
H1 MAN E . 36.48 -8.46 -31.49
H2 MAN E . 35.49 -7.40 -29.56
H3 MAN E . 37.01 -5.67 -29.29
H4 MAN E . 38.94 -7.60 -28.57
H5 MAN E . 38.98 -6.01 -30.92
H61 MAN E . 41.09 -6.68 -30.26
H62 MAN E . 40.64 -8.18 -30.22
HO2 MAN E . 36.44 -8.86 -28.22
HO3 MAN E . 37.17 -5.86 -27.14
HO4 MAN E . 40.15 -5.92 -28.16
HO6 MAN E . 41.61 -7.65 -32.15
C1 NAG F . -14.21 15.11 -20.68
C2 NAG F . -15.42 15.58 -21.48
C3 NAG F . -15.14 16.93 -22.13
C4 NAG F . -14.71 17.92 -21.05
C5 NAG F . -13.49 17.34 -20.32
C6 NAG F . -12.95 18.24 -19.24
C7 NAG F . -16.83 13.78 -22.38
C8 NAG F . -17.02 12.84 -23.54
N2 NAG F . -15.78 14.61 -22.47
O3 NAG F . -16.30 17.34 -22.80
O4 NAG F . -14.40 19.14 -21.68
O5 NAG F . -13.86 16.10 -19.75
O6 NAG F . -13.97 18.56 -18.32
O7 NAG F . -17.59 13.76 -21.42
H1 NAG F . -13.46 14.98 -21.28
H2 NAG F . -16.17 15.67 -20.87
H3 NAG F . -14.40 16.82 -22.74
H4 NAG F . -15.44 18.01 -20.42
H5 NAG F . -12.78 17.21 -20.97
H61 NAG F . -12.20 17.79 -18.82
H62 NAG F . -12.58 19.03 -19.67
H81 NAG F . -17.89 13.00 -23.94
H82 NAG F . -17.02 11.92 -23.22
H83 NAG F . -16.35 12.92 -24.23
HN2 NAG F . -15.29 14.56 -23.18
HO3 NAG F . -16.09 17.97 -23.33
HO6 NAG F . -13.65 19.13 -17.77
C1 NAG F . -15.44 20.13 -21.46
C2 NAG F . -14.84 21.52 -21.66
C3 NAG F . -15.92 22.58 -21.49
C4 NAG F . -17.09 22.29 -22.41
C5 NAG F . -17.57 20.85 -22.15
C6 NAG F . -18.73 20.45 -23.03
C7 NAG F . -12.48 22.01 -21.07
C8 NAG F . -11.53 22.20 -19.91
N2 NAG F . -13.76 21.75 -20.72
O3 NAG F . -15.34 23.84 -21.75
O4 NAG F . -18.09 23.24 -22.13
O5 NAG F . -16.51 19.96 -22.37
O6 NAG F . -19.07 19.10 -22.78
O7 NAG F . -12.10 22.08 -22.23
H1 NAG F . -15.78 20.07 -20.55
H2 NAG F . -14.48 21.57 -22.55
H3 NAG F . -16.24 22.54 -20.57
H4 NAG F . -16.78 22.35 -23.32
H5 NAG F . -17.89 20.80 -21.24
H61 NAG F . -19.49 21.04 -22.85
H62 NAG F . -18.48 20.59 -23.95
H81 NAG F . -11.74 23.04 -19.46
H82 NAG F . -10.63 22.29 -20.26
H83 NAG F . -11.54 21.48 -19.26
HN2 NAG F . -13.95 21.71 -19.89
HO3 NAG F . -14.72 23.97 -21.19
HO4 NAG F . -17.72 23.98 -21.92
HO6 NAG F . -19.67 18.86 -23.33
C1 NAG G . -13.71 30.01 17.56
C2 NAG G . -13.48 28.81 18.50
C3 NAG G . -12.79 29.29 19.78
C4 NAG G . -11.54 30.08 19.45
C5 NAG G . -11.87 31.18 18.44
C6 NAG G . -10.68 31.98 17.96
C7 NAG G . -14.86 26.86 19.12
C8 NAG G . -16.26 26.40 19.41
N2 NAG G . -14.73 28.16 18.81
O3 NAG G . -12.51 28.16 20.56
O4 NAG G . -11.06 30.62 20.67
O5 NAG G . -12.47 30.61 17.31
O6 NAG G . -10.31 32.92 18.95
O7 NAG G . -13.90 26.09 19.17
H1 NAG G . -14.29 30.64 18.00
H2 NAG G . -12.91 28.17 18.05
H3 NAG G . -13.40 29.88 20.25
H4 NAG G . -10.89 29.47 19.05
H5 NAG G . -12.47 31.81 18.86
H61 NAG G . -9.95 31.36 17.76
H62 NAG G . -10.92 32.41 17.13
H81 NAG G . -16.41 25.55 18.97
H82 NAG G . -16.37 26.26 20.36
H83 NAG G . -16.95 27.02 19.11
HN2 NAG G . -15.44 28.65 18.80
HO3 NAG G . -12.13 28.42 21.28
HO6 NAG G . -9.71 33.42 18.63
C1 NAG G . -9.72 30.14 20.92
C2 NAG G . -9.18 30.85 22.17
C3 NAG G . -7.76 30.38 22.45
C4 NAG G . -7.71 28.86 22.53
C5 NAG G . -8.38 28.26 21.29
C6 NAG G . -8.42 26.75 21.31
C7 NAG G . -8.54 33.01 21.15
C8 NAG G . -8.79 34.50 21.20
N2 NAG G . -9.25 32.29 22.04
O3 NAG G . -7.32 30.99 23.63
O4 NAG G . -6.35 28.48 22.60
O5 NAG G . -9.69 28.76 21.15
O6 NAG G . -9.07 26.30 22.48
O7 NAG G . -7.76 32.53 20.35
H1 NAG G . -9.15 30.36 20.17
H2 NAG G . -9.74 30.60 22.93
H3 NAG G . -7.20 30.65 21.70
H4 NAG G . -8.19 28.59 23.32
H5 NAG G . -7.84 28.50 20.52
H61 NAG G . -8.88 26.44 20.50
H62 NAG G . -7.52 26.41 21.25
H81 NAG G . -8.49 34.90 20.38
H82 NAG G . -9.75 34.66 21.26
H83 NAG G . -8.37 34.94 21.95
HN2 NAG G . -9.79 32.70 22.56
HO3 NAG G . -6.48 30.92 23.68
HO6 NAG G . -9.00 25.46 22.52
C1 BMA G . -5.99 28.02 23.92
C2 BMA G . -4.51 27.67 23.84
C3 BMA G . -3.96 27.26 25.22
C4 BMA G . -4.65 27.88 26.45
C5 BMA G . -5.71 28.96 26.20
C6 BMA G . -5.27 30.37 26.60
O2 BMA G . -3.84 28.77 23.29
O3 BMA G . -2.58 27.52 25.17
O4 BMA G . -5.23 26.79 27.14
O5 BMA G . -6.25 29.01 24.89
O6 BMA G . -4.08 30.69 25.90
H1 BMA G . -6.49 27.22 24.13
H2 BMA G . -4.43 26.91 23.25
H3 BMA G . -4.11 26.30 25.31
H4 BMA G . -3.96 28.29 27.00
H5 BMA G . -6.45 28.75 26.78
H61 BMA G . -5.97 31.01 26.43
H62 BMA G . -5.11 30.37 27.56
HO2 BMA G . -3.02 28.55 23.19
HO3 BMA G . -2.23 27.08 24.54
HO4 BMA G . -4.62 26.40 27.58
HO6 BMA G . -3.92 31.51 26.02
C1 NAG H . 30.39 -4.61 26.14
C2 NAG H . 29.79 -5.88 26.77
C3 NAG H . 28.27 -5.85 26.63
C4 NAG H . 27.70 -4.56 27.19
C5 NAG H . 28.43 -3.38 26.53
C6 NAG H . 27.97 -2.02 27.03
C7 NAG H . 31.21 -7.89 26.77
C8 NAG H . 31.66 -9.06 25.92
N2 NAG H . 30.34 -7.05 26.15
O3 NAG H . 27.76 -6.99 27.29
O4 NAG H . 26.32 -4.52 26.89
O5 NAG H . 29.82 -3.48 26.77
O6 NAG H . 28.25 -1.90 28.40
O7 NAG H . 31.61 -7.74 27.90
H1 NAG H . 30.18 -4.60 25.20
H2 NAG H . 30.02 -5.89 27.71
H3 NAG H . 28.05 -5.89 25.69
H4 NAG H . 27.87 -4.54 28.15
H5 NAG H . 28.24 -3.40 25.59
H61 NAG H . 27.02 -1.93 26.85
H62 NAG H . 28.42 -1.34 26.51
H81 NAG H . 32.52 -9.38 26.25
H82 NAG H . 31.03 -9.79 26.02
H83 NAG H . 31.75 -8.86 24.98
HN2 NAG H . 30.11 -7.22 25.35
HO3 NAG H . 28.10 -7.67 26.92
HO6 NAG H . 29.09 -1.89 28.50
C1 NAG H . 25.54 -5.27 27.85
C2 NAG H . 24.56 -4.32 28.54
C3 NAG H . 23.66 -5.11 29.51
C4 NAG H . 22.99 -6.25 28.76
C5 NAG H . 24.06 -7.11 28.07
C6 NAG H . 23.48 -8.26 27.28
C7 NAG H . 26.12 -3.47 30.27
C8 NAG H . 26.72 -2.21 30.86
N2 NAG H . 25.25 -3.27 29.26
O3 NAG H . 22.74 -4.21 30.05
O4 NAG H . 22.26 -6.99 29.71
O5 NAG H . 24.81 -6.29 27.20
O6 NAG H . 22.79 -9.13 28.14
O7 NAG H . 26.42 -4.58 30.71
H1 NAG H . 26.12 -5.68 28.51
H2 NAG H . 24.01 -3.90 27.87
H3 NAG H . 24.21 -5.50 30.19
H4 NAG H . 22.40 -5.88 28.09
H5 NAG H . 24.62 -7.49 28.75
H61 NAG H . 22.90 -7.91 26.59
H62 NAG H . 24.21 -8.71 26.82
H81 NAG H . 26.53 -1.47 30.27
H82 NAG H . 27.68 -2.32 30.90
H83 NAG H . 26.39 -2.00 31.73
HN2 NAG H . 25.10 -2.47 29.01
HO3 NAG H . 22.25 -4.64 30.60
HO4 NAG H . 21.61 -7.38 29.33
HO6 NAG H . 22.49 -9.78 27.68
C1 NAG I . 44.63 -44.97 -3.08
C2 NAG I . 46.01 -45.57 -2.79
C3 NAG I . 46.10 -46.00 -1.34
C4 NAG I . 45.71 -44.85 -0.42
C5 NAG I . 44.33 -44.33 -0.83
C6 NAG I . 43.82 -43.17 -0.01
C7 NAG I . 47.16 -46.71 -4.67
C8 NAG I . 47.19 -47.98 -5.46
N2 NAG I . 46.24 -46.68 -3.68
O3 NAG I . 47.40 -46.46 -1.08
O4 NAG I . 45.70 -45.33 0.91
O5 NAG I . 44.39 -43.91 -2.18
O6 NAG I . 44.64 -42.05 -0.19
O7 NAG I . 47.91 -45.78 -4.91
H1 NAG I . 43.96 -45.66 -2.93
H2 NAG I . 46.68 -44.90 -2.97
H3 NAG I . 45.45 -46.72 -1.20
H4 NAG I . 46.36 -44.14 -0.53
H5 NAG I . 43.68 -45.05 -0.73
H61 NAG I . 42.90 -43.00 -0.26
H62 NAG I . 43.79 -43.45 0.92
H81 NAG I . 47.47 -47.79 -6.37
H82 NAG I . 47.85 -48.58 -5.09
H83 NAG I . 46.34 -48.45 -5.50
HN2 NAG I . 45.74 -47.37 -3.58
HO3 NAG I . 47.58 -47.07 -1.64
HO4 NAG I . 46.33 -45.91 0.99
HO6 NAG I . 44.54 -41.78 -1.00
C1 NAG J . 23.27 -63.30 -28.43
C2 NAG J . 24.33 -64.28 -28.94
C3 NAG J . 24.32 -64.29 -30.47
C4 NAG J . 22.91 -64.55 -30.98
C5 NAG J . 21.94 -63.55 -30.36
C6 NAG J . 20.50 -63.75 -30.79
C7 NAG J . 26.17 -64.45 -27.32
C8 NAG J . 27.52 -63.90 -26.95
N2 NAG J . 25.61 -63.92 -28.41
O3 NAG J . 25.23 -65.26 -30.90
O4 NAG J . 22.95 -64.42 -32.39
O5 NAG J . 22.01 -63.65 -28.96
O6 NAG J . 20.06 -65.03 -30.39
O7 NAG J . 25.62 -65.32 -26.65
H1 NAG J . 23.49 -62.41 -28.72
H2 NAG J . 24.10 -65.17 -28.61
H3 NAG J . 24.59 -63.41 -30.78
H4 NAG J . 22.65 -65.45 -30.73
H5 NAG J . 22.19 -62.66 -30.64
H61 NAG J . 19.97 -63.05 -30.38
H62 NAG J . 20.45 -63.62 -31.74
H81 NAG J . 27.72 -64.13 -26.02
H82 NAG J . 28.20 -64.33 -27.50
H83 NAG J . 27.60 -62.94 -27.05
HN2 NAG J . 26.05 -63.30 -28.83
HO3 NAG J . 25.23 -65.27 -31.75
HO4 NAG J . 22.35 -64.91 -32.73
HO6 NAG J . 19.28 -65.15 -30.70
CA CA K . 5.81 27.03 -17.96
CA CA L . -1.67 24.34 -7.19
CA CA M . -11.51 14.25 -6.72
CA CA N . 38.51 -8.04 -9.24
CA CA O . 45.71 -10.40 -7.41
C1 NAG P . 54.09 5.66 31.75
C2 NAG P . 54.83 4.31 31.55
C3 NAG P . 54.97 3.43 32.78
C4 NAG P . 55.63 4.26 33.86
C5 NAG P . 54.89 5.61 33.99
C6 NAG P . 55.57 6.52 34.98
C7 NAG P . 56.29 3.71 29.66
C8 NAG P . 56.34 3.10 28.28
N2 NAG P . 55.08 3.76 30.24
O3 NAG P . 55.73 2.29 32.44
O4 NAG P . 55.56 3.51 35.06
O5 NAG P . 54.82 6.31 32.75
O6 NAG P . 55.64 5.89 36.23
O7 NAG P . 57.31 4.12 30.20
H1 NAG P . 53.21 5.45 32.11
H2 NAG P . 53.95 3.91 31.46
H3 NAG P . 54.09 3.18 33.10
H4 NAG P . 56.55 4.43 33.62
H5 NAG P . 54.00 5.44 34.33
H61 NAG P . 56.46 6.72 34.63
H62 NAG P . 55.09 7.35 35.00
H81 NAG P . 57.04 3.54 27.76
H82 NAG P . 55.51 3.25 27.83
H83 NAG P . 56.52 2.14 28.28
HN2 NAG P . 54.41 3.45 29.80
HO3 NAG P . 55.61 1.71 33.04
HO4 NAG P . 56.29 3.60 35.49
HO6 NAG P . 56.23 6.29 36.69
CA CA Q . 30.52 -8.08 -9.06
#